data_9GMM
# 
_entry.id   9GMM 
# 
_audit_conform.dict_name       mmcif_pdbx.dic 
_audit_conform.dict_version    5.403 
_audit_conform.dict_location   http://mmcif.pdb.org/dictionaries/ascii/mmcif_pdbx.dic 
# 
loop_
_database_2.database_id 
_database_2.database_code 
_database_2.pdbx_database_accession 
_database_2.pdbx_DOI 
PDB   9GMM         pdb_00009gmm 10.2210/pdb9gmm/pdb 
WWPDB D_1292141239 ?            ?                   
# 
_pdbx_audit_revision_history.ordinal             1 
_pdbx_audit_revision_history.data_content_type   'Structure model' 
_pdbx_audit_revision_history.major_revision      1 
_pdbx_audit_revision_history.minor_revision      0 
_pdbx_audit_revision_history.revision_date       2025-05-07 
_pdbx_audit_revision_history.part_number         ? 
# 
_pdbx_audit_revision_details.ordinal             1 
_pdbx_audit_revision_details.revision_ordinal    1 
_pdbx_audit_revision_details.data_content_type   'Structure model' 
_pdbx_audit_revision_details.provider            repository 
_pdbx_audit_revision_details.type                'Initial release' 
_pdbx_audit_revision_details.description         ? 
_pdbx_audit_revision_details.details             ? 
# 
_pdbx_database_status.status_code                     REL 
_pdbx_database_status.status_code_sf                  REL 
_pdbx_database_status.status_code_mr                  ? 
_pdbx_database_status.entry_id                        9GMM 
_pdbx_database_status.recvd_initial_deposition_date   2024-08-29 
_pdbx_database_status.SG_entry                        N 
_pdbx_database_status.deposit_site                    PDBE 
_pdbx_database_status.process_site                    PDBE 
_pdbx_database_status.status_code_cs                  ? 
_pdbx_database_status.status_code_nmr_data            ? 
_pdbx_database_status.methods_development_category    ? 
_pdbx_database_status.pdb_format_compatible           N 
# 
_pdbx_contact_author.id                 2 
_pdbx_contact_author.email              reuvenw@ekmd.huji.ac.il 
_pdbx_contact_author.name_first         Reuven 
_pdbx_contact_author.name_last          Wiener 
_pdbx_contact_author.name_mi            ? 
_pdbx_contact_author.role               'principal investigator/group leader' 
_pdbx_contact_author.identifier_ORCID   0000-0002-4219-550X 
# 
loop_
_audit_author.name 
_audit_author.pdbx_ordinal 
_audit_author.identifier_ORCID 
'Kumar, M.'    1 0000-0002-7083-5690 
'Banerjee, S.' 2 0009-0002-9409-6797 
'Wiener, R.'   3 0000-0002-4219-550X 
# 
_citation.abstract                  ? 
_citation.abstract_id_CAS           ? 
_citation.book_id_ISBN              ? 
_citation.book_publisher            ? 
_citation.book_publisher_city       ? 
_citation.book_title                ? 
_citation.coordinate_linkage        ? 
_citation.country                   UK 
_citation.database_id_Medline       ? 
_citation.details                   ? 
_citation.id                        primary 
_citation.journal_abbrev            'Nat Commun' 
_citation.journal_id_ASTM           ? 
_citation.journal_id_CSD            ? 
_citation.journal_id_ISSN           2041-1723 
_citation.journal_full              ? 
_citation.journal_issue             ? 
_citation.journal_volume            16 
_citation.language                  ? 
_citation.page_first                3912 
_citation.page_last                 3912 
_citation.title                     
'UFC1 reveals the multifactorial and plastic nature of oxyanion holes in E2 conjugating enzymes.' 
_citation.year                      2025 
_citation.database_id_CSD           ? 
_citation.pdbx_database_id_DOI      10.1038/s41467-025-58826-y 
_citation.pdbx_database_id_PubMed   40280917 
_citation.pdbx_database_id_patent   ? 
_citation.unpublished_flag          ? 
# 
loop_
_citation_author.citation_id 
_citation_author.name 
_citation_author.ordinal 
_citation_author.identifier_ORCID 
primary 'Kumar, M.'       1 ?                   
primary 'Banerjee, S.'    2 ?                   
primary 'Cohen-Kfir, E.'  3 ?                   
primary 'Mitelberg, M.B.' 4 ?                   
primary 'Tiwari, S.'      5 ?                   
primary 'Isupov, M.N.'    6 0000-0001-6842-4289 
primary 'Dessau, M.'      7 0000-0002-1954-3625 
primary 'Wiener, R.'      8 0000-0002-4219-550X 
# 
loop_
_entity.id 
_entity.type 
_entity.src_method 
_entity.pdbx_description 
_entity.formula_weight 
_entity.pdbx_number_of_molecules 
_entity.pdbx_ec 
_entity.pdbx_mutation 
_entity.pdbx_fragment 
_entity.details 
1 polymer     man 'Ubiquitin-fold modifier-conjugating enzyme 1' 19652.598 1   ? T106I ? 
'T106 is mutated to Isoleucine. This genetic mutation cause early onset of encephalopathy in infants' 
2 non-polymer syn GLYCEROL                                       92.094    1   ? ?     ? ? 
3 water       nat water                                          18.015    171 ? ?     ? ? 
# 
_entity_name_com.entity_id   1 
_entity_name_com.name        'Ufm1-conjugating enzyme 1' 
# 
_entity_poly.entity_id                      1 
_entity_poly.type                           'polypeptide(L)' 
_entity_poly.nstd_linkage                   no 
_entity_poly.nstd_monomer                   no 
_entity_poly.pdbx_seq_one_letter_code       
;GSMADEATRRVVSEIPVLKTNAGPRDRELWVQRLKEEYQSLIRYVENNKNADNDWFRLESNKEGTRWFGKCWYIHDLLKY
EFDIEFDIPITYPTTAPEIAVPELDGKIAKMYRGGKICLTDHFKPLWARNVPKFGLAHLMALGLGPWLAVEIPDLIQKGV
IHHKEKCNQ
;
_entity_poly.pdbx_seq_one_letter_code_can   
;GSMADEATRRVVSEIPVLKTNAGPRDRELWVQRLKEEYQSLIRYVENNKNADNDWFRLESNKEGTRWFGKCWYIHDLLKY
EFDIEFDIPITYPTTAPEIAVPELDGKIAKMYRGGKICLTDHFKPLWARNVPKFGLAHLMALGLGPWLAVEIPDLIQKGV
IHHKEKCNQ
;
_entity_poly.pdbx_strand_id                 AAA 
_entity_poly.pdbx_target_identifier         ? 
# 
loop_
_pdbx_entity_nonpoly.entity_id 
_pdbx_entity_nonpoly.name 
_pdbx_entity_nonpoly.comp_id 
2 GLYCEROL GOL 
3 water    HOH 
# 
loop_
_entity_poly_seq.entity_id 
_entity_poly_seq.num 
_entity_poly_seq.mon_id 
_entity_poly_seq.hetero 
1 1   GLY n 
1 2   SER n 
1 3   MET n 
1 4   ALA n 
1 5   ASP n 
1 6   GLU n 
1 7   ALA n 
1 8   THR n 
1 9   ARG n 
1 10  ARG n 
1 11  VAL n 
1 12  VAL n 
1 13  SER n 
1 14  GLU n 
1 15  ILE n 
1 16  PRO n 
1 17  VAL n 
1 18  LEU n 
1 19  LYS n 
1 20  THR n 
1 21  ASN n 
1 22  ALA n 
1 23  GLY n 
1 24  PRO n 
1 25  ARG n 
1 26  ASP n 
1 27  ARG n 
1 28  GLU n 
1 29  LEU n 
1 30  TRP n 
1 31  VAL n 
1 32  GLN n 
1 33  ARG n 
1 34  LEU n 
1 35  LYS n 
1 36  GLU n 
1 37  GLU n 
1 38  TYR n 
1 39  GLN n 
1 40  SER n 
1 41  LEU n 
1 42  ILE n 
1 43  ARG n 
1 44  TYR n 
1 45  VAL n 
1 46  GLU n 
1 47  ASN n 
1 48  ASN n 
1 49  LYS n 
1 50  ASN n 
1 51  ALA n 
1 52  ASP n 
1 53  ASN n 
1 54  ASP n 
1 55  TRP n 
1 56  PHE n 
1 57  ARG n 
1 58  LEU n 
1 59  GLU n 
1 60  SER n 
1 61  ASN n 
1 62  LYS n 
1 63  GLU n 
1 64  GLY n 
1 65  THR n 
1 66  ARG n 
1 67  TRP n 
1 68  PHE n 
1 69  GLY n 
1 70  LYS n 
1 71  CYS n 
1 72  TRP n 
1 73  TYR n 
1 74  ILE n 
1 75  HIS n 
1 76  ASP n 
1 77  LEU n 
1 78  LEU n 
1 79  LYS n 
1 80  TYR n 
1 81  GLU n 
1 82  PHE n 
1 83  ASP n 
1 84  ILE n 
1 85  GLU n 
1 86  PHE n 
1 87  ASP n 
1 88  ILE n 
1 89  PRO n 
1 90  ILE n 
1 91  THR n 
1 92  TYR n 
1 93  PRO n 
1 94  THR n 
1 95  THR n 
1 96  ALA n 
1 97  PRO n 
1 98  GLU n 
1 99  ILE n 
1 100 ALA n 
1 101 VAL n 
1 102 PRO n 
1 103 GLU n 
1 104 LEU n 
1 105 ASP n 
1 106 GLY n 
1 107 LYS n 
1 108 ILE n 
1 109 ALA n 
1 110 LYS n 
1 111 MET n 
1 112 TYR n 
1 113 ARG n 
1 114 GLY n 
1 115 GLY n 
1 116 LYS n 
1 117 ILE n 
1 118 CYS n 
1 119 LEU n 
1 120 THR n 
1 121 ASP n 
1 122 HIS n 
1 123 PHE n 
1 124 LYS n 
1 125 PRO n 
1 126 LEU n 
1 127 TRP n 
1 128 ALA n 
1 129 ARG n 
1 130 ASN n 
1 131 VAL n 
1 132 PRO n 
1 133 LYS n 
1 134 PHE n 
1 135 GLY n 
1 136 LEU n 
1 137 ALA n 
1 138 HIS n 
1 139 LEU n 
1 140 MET n 
1 141 ALA n 
1 142 LEU n 
1 143 GLY n 
1 144 LEU n 
1 145 GLY n 
1 146 PRO n 
1 147 TRP n 
1 148 LEU n 
1 149 ALA n 
1 150 VAL n 
1 151 GLU n 
1 152 ILE n 
1 153 PRO n 
1 154 ASP n 
1 155 LEU n 
1 156 ILE n 
1 157 GLN n 
1 158 LYS n 
1 159 GLY n 
1 160 VAL n 
1 161 ILE n 
1 162 HIS n 
1 163 HIS n 
1 164 LYS n 
1 165 GLU n 
1 166 LYS n 
1 167 CYS n 
1 168 ASN n 
1 169 GLN n 
# 
_entity_src_gen.entity_id                          1 
_entity_src_gen.pdbx_src_id                        1 
_entity_src_gen.pdbx_alt_source_flag               sample 
_entity_src_gen.pdbx_seq_type                      'Biological sequence' 
_entity_src_gen.pdbx_beg_seq_num                   1 
_entity_src_gen.pdbx_end_seq_num                   169 
_entity_src_gen.gene_src_common_name               human 
_entity_src_gen.gene_src_genus                     ? 
_entity_src_gen.pdbx_gene_src_gene                 'UFC1, CGI-126, HSPC155' 
_entity_src_gen.gene_src_species                   ? 
_entity_src_gen.gene_src_strain                    ? 
_entity_src_gen.gene_src_tissue                    ? 
_entity_src_gen.gene_src_tissue_fraction           ? 
_entity_src_gen.gene_src_details                   ? 
_entity_src_gen.pdbx_gene_src_fragment             ? 
_entity_src_gen.pdbx_gene_src_scientific_name      'Homo sapiens' 
_entity_src_gen.pdbx_gene_src_ncbi_taxonomy_id     9606 
_entity_src_gen.pdbx_gene_src_variant              ? 
_entity_src_gen.pdbx_gene_src_cell_line            ? 
_entity_src_gen.pdbx_gene_src_atcc                 ? 
_entity_src_gen.pdbx_gene_src_organ                ? 
_entity_src_gen.pdbx_gene_src_organelle            ? 
_entity_src_gen.pdbx_gene_src_cell                 ? 
_entity_src_gen.pdbx_gene_src_cellular_location    ? 
_entity_src_gen.host_org_common_name               ? 
_entity_src_gen.pdbx_host_org_scientific_name      'Escherichia coli' 
_entity_src_gen.pdbx_host_org_ncbi_taxonomy_id     562 
_entity_src_gen.host_org_genus                     ? 
_entity_src_gen.pdbx_host_org_gene                 ? 
_entity_src_gen.pdbx_host_org_organ                ? 
_entity_src_gen.host_org_species                   ? 
_entity_src_gen.pdbx_host_org_tissue               ? 
_entity_src_gen.pdbx_host_org_tissue_fraction      ? 
_entity_src_gen.pdbx_host_org_strain               ? 
_entity_src_gen.pdbx_host_org_variant              ? 
_entity_src_gen.pdbx_host_org_cell_line            ? 
_entity_src_gen.pdbx_host_org_atcc                 ? 
_entity_src_gen.pdbx_host_org_culture_collection   ? 
_entity_src_gen.pdbx_host_org_cell                 ? 
_entity_src_gen.pdbx_host_org_organelle            ? 
_entity_src_gen.pdbx_host_org_cellular_location    ? 
_entity_src_gen.pdbx_host_org_vector_type          ? 
_entity_src_gen.pdbx_host_org_vector               ? 
_entity_src_gen.host_org_details                   ? 
_entity_src_gen.expression_system_id               ? 
_entity_src_gen.plasmid_name                       ? 
_entity_src_gen.plasmid_details                    ? 
_entity_src_gen.pdbx_description                   ? 
# 
loop_
_chem_comp.id 
_chem_comp.type 
_chem_comp.mon_nstd_flag 
_chem_comp.name 
_chem_comp.pdbx_synonyms 
_chem_comp.formula 
_chem_comp.formula_weight 
ALA 'L-peptide linking' y ALANINE         ?                               'C3 H7 N O2'     89.093  
ARG 'L-peptide linking' y ARGININE        ?                               'C6 H15 N4 O2 1' 175.209 
ASN 'L-peptide linking' y ASPARAGINE      ?                               'C4 H8 N2 O3'    132.118 
ASP 'L-peptide linking' y 'ASPARTIC ACID' ?                               'C4 H7 N O4'     133.103 
CYS 'L-peptide linking' y CYSTEINE        ?                               'C3 H7 N O2 S'   121.158 
GLN 'L-peptide linking' y GLUTAMINE       ?                               'C5 H10 N2 O3'   146.144 
GLU 'L-peptide linking' y 'GLUTAMIC ACID' ?                               'C5 H9 N O4'     147.129 
GLY 'peptide linking'   y GLYCINE         ?                               'C2 H5 N O2'     75.067  
GOL non-polymer         . GLYCEROL        'GLYCERIN; PROPANE-1,2,3-TRIOL' 'C3 H8 O3'       92.094  
HIS 'L-peptide linking' y HISTIDINE       ?                               'C6 H10 N3 O2 1' 156.162 
HOH non-polymer         . WATER           ?                               'H2 O'           18.015  
ILE 'L-peptide linking' y ISOLEUCINE      ?                               'C6 H13 N O2'    131.173 
LEU 'L-peptide linking' y LEUCINE         ?                               'C6 H13 N O2'    131.173 
LYS 'L-peptide linking' y LYSINE          ?                               'C6 H15 N2 O2 1' 147.195 
MET 'L-peptide linking' y METHIONINE      ?                               'C5 H11 N O2 S'  149.211 
PHE 'L-peptide linking' y PHENYLALANINE   ?                               'C9 H11 N O2'    165.189 
PRO 'L-peptide linking' y PROLINE         ?                               'C5 H9 N O2'     115.130 
SER 'L-peptide linking' y SERINE          ?                               'C3 H7 N O3'     105.093 
THR 'L-peptide linking' y THREONINE       ?                               'C4 H9 N O3'     119.119 
TRP 'L-peptide linking' y TRYPTOPHAN      ?                               'C11 H12 N2 O2'  204.225 
TYR 'L-peptide linking' y TYROSINE        ?                               'C9 H11 N O3'    181.189 
VAL 'L-peptide linking' y VALINE          ?                               'C5 H11 N O2'    117.146 
# 
loop_
_pdbx_poly_seq_scheme.asym_id 
_pdbx_poly_seq_scheme.entity_id 
_pdbx_poly_seq_scheme.seq_id 
_pdbx_poly_seq_scheme.mon_id 
_pdbx_poly_seq_scheme.ndb_seq_num 
_pdbx_poly_seq_scheme.pdb_seq_num 
_pdbx_poly_seq_scheme.auth_seq_num 
_pdbx_poly_seq_scheme.pdb_mon_id 
_pdbx_poly_seq_scheme.auth_mon_id 
_pdbx_poly_seq_scheme.pdb_strand_id 
_pdbx_poly_seq_scheme.pdb_ins_code 
_pdbx_poly_seq_scheme.hetero 
A 1 1   GLY 1   -1  ?   ?   ?   AAA . n 
A 1 2   SER 2   0   0   SER SER AAA . n 
A 1 3   MET 3   1   1   MET MET AAA . n 
A 1 4   ALA 4   2   2   ALA ALA AAA . n 
A 1 5   ASP 5   3   3   ASP ASP AAA . n 
A 1 6   GLU 6   4   4   GLU GLU AAA . n 
A 1 7   ALA 7   5   5   ALA ALA AAA . n 
A 1 8   THR 8   6   6   THR THR AAA . n 
A 1 9   ARG 9   7   7   ARG ARG AAA . n 
A 1 10  ARG 10  8   8   ARG ARG AAA . n 
A 1 11  VAL 11  9   9   VAL VAL AAA . n 
A 1 12  VAL 12  10  10  VAL VAL AAA . n 
A 1 13  SER 13  11  11  SER SER AAA . n 
A 1 14  GLU 14  12  12  GLU GLU AAA . n 
A 1 15  ILE 15  13  13  ILE ILE AAA . n 
A 1 16  PRO 16  14  14  PRO PRO AAA . n 
A 1 17  VAL 17  15  15  VAL VAL AAA . n 
A 1 18  LEU 18  16  16  LEU LEU AAA . n 
A 1 19  LYS 19  17  17  LYS LYS AAA . n 
A 1 20  THR 20  18  18  THR THR AAA . n 
A 1 21  ASN 21  19  19  ASN ASN AAA . n 
A 1 22  ALA 22  20  20  ALA ALA AAA . n 
A 1 23  GLY 23  21  21  GLY GLY AAA . n 
A 1 24  PRO 24  22  22  PRO PRO AAA . n 
A 1 25  ARG 25  23  23  ARG ARG AAA . n 
A 1 26  ASP 26  24  24  ASP ASP AAA . n 
A 1 27  ARG 27  25  25  ARG ARG AAA . n 
A 1 28  GLU 28  26  26  GLU GLU AAA . n 
A 1 29  LEU 29  27  27  LEU LEU AAA . n 
A 1 30  TRP 30  28  28  TRP TRP AAA . n 
A 1 31  VAL 31  29  29  VAL VAL AAA . n 
A 1 32  GLN 32  30  30  GLN GLN AAA . n 
A 1 33  ARG 33  31  31  ARG ARG AAA . n 
A 1 34  LEU 34  32  32  LEU LEU AAA . n 
A 1 35  LYS 35  33  33  LYS LYS AAA . n 
A 1 36  GLU 36  34  34  GLU GLU AAA . n 
A 1 37  GLU 37  35  35  GLU GLU AAA . n 
A 1 38  TYR 38  36  36  TYR TYR AAA . n 
A 1 39  GLN 39  37  37  GLN GLN AAA . n 
A 1 40  SER 40  38  38  SER SER AAA . n 
A 1 41  LEU 41  39  39  LEU LEU AAA . n 
A 1 42  ILE 42  40  40  ILE ILE AAA . n 
A 1 43  ARG 43  41  41  ARG ARG AAA . n 
A 1 44  TYR 44  42  42  TYR TYR AAA . n 
A 1 45  VAL 45  43  43  VAL VAL AAA . n 
A 1 46  GLU 46  44  44  GLU GLU AAA . n 
A 1 47  ASN 47  45  45  ASN ASN AAA . n 
A 1 48  ASN 48  46  46  ASN ASN AAA . n 
A 1 49  LYS 49  47  47  LYS LYS AAA . n 
A 1 50  ASN 50  48  48  ASN ASN AAA . n 
A 1 51  ALA 51  49  49  ALA ALA AAA . n 
A 1 52  ASP 52  50  50  ASP ASP AAA . n 
A 1 53  ASN 53  51  51  ASN ASN AAA . n 
A 1 54  ASP 54  52  52  ASP ASP AAA . n 
A 1 55  TRP 55  53  53  TRP TRP AAA . n 
A 1 56  PHE 56  54  54  PHE PHE AAA . n 
A 1 57  ARG 57  55  55  ARG ARG AAA . n 
A 1 58  LEU 58  56  56  LEU LEU AAA . n 
A 1 59  GLU 59  57  57  GLU GLU AAA . n 
A 1 60  SER 60  58  58  SER SER AAA . n 
A 1 61  ASN 61  59  59  ASN ASN AAA . n 
A 1 62  LYS 62  60  60  LYS LYS AAA . n 
A 1 63  GLU 63  61  61  GLU GLU AAA . n 
A 1 64  GLY 64  62  62  GLY GLY AAA . n 
A 1 65  THR 65  63  63  THR THR AAA . n 
A 1 66  ARG 66  64  64  ARG ARG AAA . n 
A 1 67  TRP 67  65  65  TRP TRP AAA . n 
A 1 68  PHE 68  66  66  PHE PHE AAA . n 
A 1 69  GLY 69  67  67  GLY GLY AAA . n 
A 1 70  LYS 70  68  68  LYS LYS AAA . n 
A 1 71  CYS 71  69  69  CYS CYS AAA . n 
A 1 72  TRP 72  70  70  TRP TRP AAA . n 
A 1 73  TYR 73  71  71  TYR TYR AAA . n 
A 1 74  ILE 74  72  72  ILE ILE AAA . n 
A 1 75  HIS 75  73  73  HIS HIS AAA . n 
A 1 76  ASP 76  74  74  ASP ASP AAA . n 
A 1 77  LEU 77  75  75  LEU LEU AAA . n 
A 1 78  LEU 78  76  76  LEU LEU AAA . n 
A 1 79  LYS 79  77  77  LYS LYS AAA . n 
A 1 80  TYR 80  78  78  TYR TYR AAA . n 
A 1 81  GLU 81  79  79  GLU GLU AAA . n 
A 1 82  PHE 82  80  80  PHE PHE AAA . n 
A 1 83  ASP 83  81  81  ASP ASP AAA . n 
A 1 84  ILE 84  82  82  ILE ILE AAA . n 
A 1 85  GLU 85  83  83  GLU GLU AAA . n 
A 1 86  PHE 86  84  84  PHE PHE AAA . n 
A 1 87  ASP 87  85  85  ASP ASP AAA . n 
A 1 88  ILE 88  86  86  ILE ILE AAA . n 
A 1 89  PRO 89  87  87  PRO PRO AAA . n 
A 1 90  ILE 90  88  88  ILE ILE AAA . n 
A 1 91  THR 91  89  89  THR THR AAA . n 
A 1 92  TYR 92  90  90  TYR TYR AAA . n 
A 1 93  PRO 93  91  91  PRO PRO AAA . n 
A 1 94  THR 94  92  92  THR THR AAA . n 
A 1 95  THR 95  93  93  THR THR AAA . n 
A 1 96  ALA 96  94  94  ALA ALA AAA . n 
A 1 97  PRO 97  95  95  PRO PRO AAA . n 
A 1 98  GLU 98  96  96  GLU GLU AAA . n 
A 1 99  ILE 99  97  97  ILE ILE AAA . n 
A 1 100 ALA 100 98  98  ALA ALA AAA . n 
A 1 101 VAL 101 99  99  VAL VAL AAA . n 
A 1 102 PRO 102 100 100 PRO PRO AAA . n 
A 1 103 GLU 103 101 101 GLU GLU AAA . n 
A 1 104 LEU 104 102 102 LEU LEU AAA . n 
A 1 105 ASP 105 103 103 ASP ASP AAA . n 
A 1 106 GLY 106 104 104 GLY GLY AAA . n 
A 1 107 LYS 107 105 105 LYS LYS AAA . n 
A 1 108 ILE 108 106 106 ILE ILE AAA . n 
A 1 109 ALA 109 107 107 ALA ALA AAA . n 
A 1 110 LYS 110 108 108 LYS LYS AAA . n 
A 1 111 MET 111 109 109 MET MET AAA . n 
A 1 112 TYR 112 110 110 TYR TYR AAA . n 
A 1 113 ARG 113 111 111 ARG ARG AAA . n 
A 1 114 GLY 114 112 112 GLY GLY AAA . n 
A 1 115 GLY 115 113 113 GLY GLY AAA . n 
A 1 116 LYS 116 114 114 LYS LYS AAA . n 
A 1 117 ILE 117 115 115 ILE ILE AAA . n 
A 1 118 CYS 118 116 116 CYS CYS AAA . n 
A 1 119 LEU 119 117 117 LEU LEU AAA . n 
A 1 120 THR 120 118 118 THR THR AAA . n 
A 1 121 ASP 121 119 119 ASP ASP AAA . n 
A 1 122 HIS 122 120 120 HIS HIS AAA . n 
A 1 123 PHE 123 121 121 PHE PHE AAA . n 
A 1 124 LYS 124 122 122 LYS LYS AAA . n 
A 1 125 PRO 125 123 123 PRO PRO AAA . n 
A 1 126 LEU 126 124 124 LEU LEU AAA . n 
A 1 127 TRP 127 125 125 TRP TRP AAA . n 
A 1 128 ALA 128 126 126 ALA ALA AAA . n 
A 1 129 ARG 129 127 127 ARG ARG AAA . n 
A 1 130 ASN 130 128 128 ASN ASN AAA . n 
A 1 131 VAL 131 129 129 VAL VAL AAA . n 
A 1 132 PRO 132 130 130 PRO PRO AAA . n 
A 1 133 LYS 133 131 131 LYS LYS AAA . n 
A 1 134 PHE 134 132 132 PHE PHE AAA . n 
A 1 135 GLY 135 133 133 GLY GLY AAA . n 
A 1 136 LEU 136 134 134 LEU LEU AAA . n 
A 1 137 ALA 137 135 135 ALA ALA AAA . n 
A 1 138 HIS 138 136 136 HIS HIS AAA . n 
A 1 139 LEU 139 137 137 LEU LEU AAA . n 
A 1 140 MET 140 138 138 MET MET AAA . n 
A 1 141 ALA 141 139 139 ALA ALA AAA . n 
A 1 142 LEU 142 140 140 LEU LEU AAA . n 
A 1 143 GLY 143 141 141 GLY GLY AAA . n 
A 1 144 LEU 144 142 142 LEU LEU AAA . n 
A 1 145 GLY 145 143 143 GLY GLY AAA . n 
A 1 146 PRO 146 144 144 PRO PRO AAA . n 
A 1 147 TRP 147 145 145 TRP TRP AAA . n 
A 1 148 LEU 148 146 146 LEU LEU AAA . n 
A 1 149 ALA 149 147 147 ALA ALA AAA . n 
A 1 150 VAL 150 148 148 VAL VAL AAA . n 
A 1 151 GLU 151 149 149 GLU GLU AAA . n 
A 1 152 ILE 152 150 150 ILE ILE AAA . n 
A 1 153 PRO 153 151 151 PRO PRO AAA . n 
A 1 154 ASP 154 152 152 ASP ASP AAA . n 
A 1 155 LEU 155 153 153 LEU LEU AAA . n 
A 1 156 ILE 156 154 154 ILE ILE AAA . n 
A 1 157 GLN 157 155 155 GLN GLN AAA . n 
A 1 158 LYS 158 156 156 LYS LYS AAA . n 
A 1 159 GLY 159 157 157 GLY GLY AAA . n 
A 1 160 VAL 160 158 158 VAL VAL AAA . n 
A 1 161 ILE 161 159 159 ILE ILE AAA . n 
A 1 162 HIS 162 160 160 HIS HIS AAA . n 
A 1 163 HIS 163 161 161 HIS HIS AAA . n 
A 1 164 LYS 164 162 162 LYS LYS AAA . n 
A 1 165 GLU 165 163 163 GLU GLU AAA . n 
A 1 166 LYS 166 164 164 LYS LYS AAA . n 
A 1 167 CYS 167 165 165 CYS CYS AAA . n 
A 1 168 ASN 168 166 166 ASN ASN AAA . n 
A 1 169 GLN 169 167 ?   ?   ?   AAA . n 
# 
loop_
_pdbx_nonpoly_scheme.asym_id 
_pdbx_nonpoly_scheme.entity_id 
_pdbx_nonpoly_scheme.mon_id 
_pdbx_nonpoly_scheme.ndb_seq_num 
_pdbx_nonpoly_scheme.pdb_seq_num 
_pdbx_nonpoly_scheme.auth_seq_num 
_pdbx_nonpoly_scheme.pdb_mon_id 
_pdbx_nonpoly_scheme.auth_mon_id 
_pdbx_nonpoly_scheme.pdb_strand_id 
_pdbx_nonpoly_scheme.pdb_ins_code 
B 2 GOL 1   201 201 GOL GOL AAA . 
C 3 HOH 1   301 67  HOH HOH AAA . 
C 3 HOH 2   302 145 HOH HOH AAA . 
C 3 HOH 3   303 126 HOH HOH AAA . 
C 3 HOH 4   304 79  HOH HOH AAA . 
C 3 HOH 5   305 73  HOH HOH AAA . 
C 3 HOH 6   306 105 HOH HOH AAA . 
C 3 HOH 7   307 138 HOH HOH AAA . 
C 3 HOH 8   308 146 HOH HOH AAA . 
C 3 HOH 9   309 140 HOH HOH AAA . 
C 3 HOH 10  310 12  HOH HOH AAA . 
C 3 HOH 11  311 84  HOH HOH AAA . 
C 3 HOH 12  312 149 HOH HOH AAA . 
C 3 HOH 13  313 19  HOH HOH AAA . 
C 3 HOH 14  314 86  HOH HOH AAA . 
C 3 HOH 15  315 94  HOH HOH AAA . 
C 3 HOH 16  316 9   HOH HOH AAA . 
C 3 HOH 17  317 123 HOH HOH AAA . 
C 3 HOH 18  318 64  HOH HOH AAA . 
C 3 HOH 19  319 83  HOH HOH AAA . 
C 3 HOH 20  320 112 HOH HOH AAA . 
C 3 HOH 21  321 26  HOH HOH AAA . 
C 3 HOH 22  322 81  HOH HOH AAA . 
C 3 HOH 23  323 69  HOH HOH AAA . 
C 3 HOH 24  324 30  HOH HOH AAA . 
C 3 HOH 25  325 88  HOH HOH AAA . 
C 3 HOH 26  326 41  HOH HOH AAA . 
C 3 HOH 27  327 2   HOH HOH AAA . 
C 3 HOH 28  328 155 HOH HOH AAA . 
C 3 HOH 29  329 1   HOH HOH AAA . 
C 3 HOH 30  330 50  HOH HOH AAA . 
C 3 HOH 31  331 124 HOH HOH AAA . 
C 3 HOH 32  332 42  HOH HOH AAA . 
C 3 HOH 33  333 14  HOH HOH AAA . 
C 3 HOH 34  334 58  HOH HOH AAA . 
C 3 HOH 35  335 70  HOH HOH AAA . 
C 3 HOH 36  336 23  HOH HOH AAA . 
C 3 HOH 37  337 21  HOH HOH AAA . 
C 3 HOH 38  338 101 HOH HOH AAA . 
C 3 HOH 39  339 156 HOH HOH AAA . 
C 3 HOH 40  340 28  HOH HOH AAA . 
C 3 HOH 41  341 129 HOH HOH AAA . 
C 3 HOH 42  342 59  HOH HOH AAA . 
C 3 HOH 43  343 7   HOH HOH AAA . 
C 3 HOH 44  344 13  HOH HOH AAA . 
C 3 HOH 45  345 90  HOH HOH AAA . 
C 3 HOH 46  346 22  HOH HOH AAA . 
C 3 HOH 47  347 122 HOH HOH AAA . 
C 3 HOH 48  348 25  HOH HOH AAA . 
C 3 HOH 49  349 77  HOH HOH AAA . 
C 3 HOH 50  350 113 HOH HOH AAA . 
C 3 HOH 51  351 49  HOH HOH AAA . 
C 3 HOH 52  352 3   HOH HOH AAA . 
C 3 HOH 53  353 134 HOH HOH AAA . 
C 3 HOH 54  354 68  HOH HOH AAA . 
C 3 HOH 55  355 128 HOH HOH AAA . 
C 3 HOH 56  356 35  HOH HOH AAA . 
C 3 HOH 57  357 62  HOH HOH AAA . 
C 3 HOH 58  358 4   HOH HOH AAA . 
C 3 HOH 59  359 29  HOH HOH AAA . 
C 3 HOH 60  360 103 HOH HOH AAA . 
C 3 HOH 61  361 130 HOH HOH AAA . 
C 3 HOH 62  362 111 HOH HOH AAA . 
C 3 HOH 63  363 38  HOH HOH AAA . 
C 3 HOH 64  364 74  HOH HOH AAA . 
C 3 HOH 65  365 54  HOH HOH AAA . 
C 3 HOH 66  366 5   HOH HOH AAA . 
C 3 HOH 67  367 162 HOH HOH AAA . 
C 3 HOH 68  368 116 HOH HOH AAA . 
C 3 HOH 69  369 37  HOH HOH AAA . 
C 3 HOH 70  370 24  HOH HOH AAA . 
C 3 HOH 71  371 27  HOH HOH AAA . 
C 3 HOH 72  372 95  HOH HOH AAA . 
C 3 HOH 73  373 148 HOH HOH AAA . 
C 3 HOH 74  374 181 HOH HOH AAA . 
C 3 HOH 75  375 144 HOH HOH AAA . 
C 3 HOH 76  376 15  HOH HOH AAA . 
C 3 HOH 77  377 32  HOH HOH AAA . 
C 3 HOH 78  378 110 HOH HOH AAA . 
C 3 HOH 79  379 44  HOH HOH AAA . 
C 3 HOH 80  380 136 HOH HOH AAA . 
C 3 HOH 81  381 39  HOH HOH AAA . 
C 3 HOH 82  382 107 HOH HOH AAA . 
C 3 HOH 83  383 72  HOH HOH AAA . 
C 3 HOH 84  384 89  HOH HOH AAA . 
C 3 HOH 85  385 143 HOH HOH AAA . 
C 3 HOH 86  386 71  HOH HOH AAA . 
C 3 HOH 87  387 167 HOH HOH AAA . 
C 3 HOH 88  388 63  HOH HOH AAA . 
C 3 HOH 89  389 125 HOH HOH AAA . 
C 3 HOH 90  390 114 HOH HOH AAA . 
C 3 HOH 91  391 157 HOH HOH AAA . 
C 3 HOH 92  392 102 HOH HOH AAA . 
C 3 HOH 93  393 170 HOH HOH AAA . 
C 3 HOH 94  394 40  HOH HOH AAA . 
C 3 HOH 95  395 36  HOH HOH AAA . 
C 3 HOH 96  396 33  HOH HOH AAA . 
C 3 HOH 97  397 52  HOH HOH AAA . 
C 3 HOH 98  398 56  HOH HOH AAA . 
C 3 HOH 99  399 20  HOH HOH AAA . 
C 3 HOH 100 400 11  HOH HOH AAA . 
C 3 HOH 101 401 78  HOH HOH AAA . 
C 3 HOH 102 402 8   HOH HOH AAA . 
C 3 HOH 103 403 93  HOH HOH AAA . 
C 3 HOH 104 404 43  HOH HOH AAA . 
C 3 HOH 105 405 45  HOH HOH AAA . 
C 3 HOH 106 406 10  HOH HOH AAA . 
C 3 HOH 107 407 121 HOH HOH AAA . 
C 3 HOH 108 408 48  HOH HOH AAA . 
C 3 HOH 109 409 165 HOH HOH AAA . 
C 3 HOH 110 410 99  HOH HOH AAA . 
C 3 HOH 111 411 65  HOH HOH AAA . 
C 3 HOH 112 412 127 HOH HOH AAA . 
C 3 HOH 113 413 75  HOH HOH AAA . 
C 3 HOH 114 414 47  HOH HOH AAA . 
C 3 HOH 115 415 18  HOH HOH AAA . 
C 3 HOH 116 416 106 HOH HOH AAA . 
C 3 HOH 117 417 161 HOH HOH AAA . 
C 3 HOH 118 418 96  HOH HOH AAA . 
C 3 HOH 119 419 17  HOH HOH AAA . 
C 3 HOH 120 420 6   HOH HOH AAA . 
C 3 HOH 121 421 115 HOH HOH AAA . 
C 3 HOH 122 422 92  HOH HOH AAA . 
C 3 HOH 123 423 16  HOH HOH AAA . 
C 3 HOH 124 424 117 HOH HOH AAA . 
C 3 HOH 125 425 46  HOH HOH AAA . 
C 3 HOH 126 426 120 HOH HOH AAA . 
C 3 HOH 127 427 100 HOH HOH AAA . 
C 3 HOH 128 428 31  HOH HOH AAA . 
C 3 HOH 129 429 51  HOH HOH AAA . 
C 3 HOH 130 430 98  HOH HOH AAA . 
C 3 HOH 131 431 61  HOH HOH AAA . 
C 3 HOH 132 432 55  HOH HOH AAA . 
C 3 HOH 133 433 163 HOH HOH AAA . 
C 3 HOH 134 434 151 HOH HOH AAA . 
C 3 HOH 135 435 172 HOH HOH AAA . 
C 3 HOH 136 436 91  HOH HOH AAA . 
C 3 HOH 137 437 131 HOH HOH AAA . 
C 3 HOH 138 438 142 HOH HOH AAA . 
C 3 HOH 139 439 174 HOH HOH AAA . 
C 3 HOH 140 440 76  HOH HOH AAA . 
C 3 HOH 141 441 118 HOH HOH AAA . 
C 3 HOH 142 442 60  HOH HOH AAA . 
C 3 HOH 143 443 173 HOH HOH AAA . 
C 3 HOH 144 444 85  HOH HOH AAA . 
C 3 HOH 145 445 141 HOH HOH AAA . 
C 3 HOH 146 446 109 HOH HOH AAA . 
C 3 HOH 147 447 178 HOH HOH AAA . 
C 3 HOH 148 448 179 HOH HOH AAA . 
C 3 HOH 149 449 97  HOH HOH AAA . 
C 3 HOH 150 450 82  HOH HOH AAA . 
C 3 HOH 151 451 166 HOH HOH AAA . 
C 3 HOH 152 452 154 HOH HOH AAA . 
C 3 HOH 153 453 171 HOH HOH AAA . 
C 3 HOH 154 454 175 HOH HOH AAA . 
C 3 HOH 155 455 139 HOH HOH AAA . 
C 3 HOH 156 456 133 HOH HOH AAA . 
C 3 HOH 157 457 153 HOH HOH AAA . 
C 3 HOH 158 458 53  HOH HOH AAA . 
C 3 HOH 159 459 119 HOH HOH AAA . 
C 3 HOH 160 460 34  HOH HOH AAA . 
C 3 HOH 161 461 80  HOH HOH AAA . 
C 3 HOH 162 462 177 HOH HOH AAA . 
C 3 HOH 163 463 168 HOH HOH AAA . 
C 3 HOH 164 464 66  HOH HOH AAA . 
C 3 HOH 165 465 135 HOH HOH AAA . 
C 3 HOH 166 466 132 HOH HOH AAA . 
C 3 HOH 167 467 152 HOH HOH AAA . 
C 3 HOH 168 468 87  HOH HOH AAA . 
C 3 HOH 169 469 176 HOH HOH AAA . 
C 3 HOH 170 470 57  HOH HOH AAA . 
C 3 HOH 171 471 180 HOH HOH AAA . 
# 
loop_
_pdbx_unobs_or_zero_occ_atoms.id 
_pdbx_unobs_or_zero_occ_atoms.PDB_model_num 
_pdbx_unobs_or_zero_occ_atoms.polymer_flag 
_pdbx_unobs_or_zero_occ_atoms.occupancy_flag 
_pdbx_unobs_or_zero_occ_atoms.auth_asym_id 
_pdbx_unobs_or_zero_occ_atoms.auth_comp_id 
_pdbx_unobs_or_zero_occ_atoms.auth_seq_id 
_pdbx_unobs_or_zero_occ_atoms.PDB_ins_code 
_pdbx_unobs_or_zero_occ_atoms.auth_atom_id 
_pdbx_unobs_or_zero_occ_atoms.label_alt_id 
_pdbx_unobs_or_zero_occ_atoms.label_asym_id 
_pdbx_unobs_or_zero_occ_atoms.label_comp_id 
_pdbx_unobs_or_zero_occ_atoms.label_seq_id 
_pdbx_unobs_or_zero_occ_atoms.label_atom_id 
1  1 Y 1 AAA GLU 44  ? CD  ? A GLU 46  CD  
2  1 Y 1 AAA GLU 44  ? OE1 ? A GLU 46  OE1 
3  1 Y 1 AAA GLU 44  ? OE2 ? A GLU 46  OE2 
4  1 Y 1 AAA LYS 60  ? CD  ? A LYS 62  CD  
5  1 Y 1 AAA LYS 60  ? CE  ? A LYS 62  CE  
6  1 Y 1 AAA LYS 60  ? NZ  ? A LYS 62  NZ  
7  1 Y 1 AAA LYS 77  ? NZ  ? A LYS 79  NZ  
8  1 Y 1 AAA ARG 127 ? NH1 ? A ARG 129 NH1 
9  1 Y 1 AAA LYS 156 ? NZ  ? A LYS 158 NZ  
10 1 Y 1 AAA LYS 164 ? CG  ? A LYS 166 CG  
11 1 Y 1 AAA LYS 164 ? CD  ? A LYS 166 CD  
12 1 Y 1 AAA LYS 164 ? CE  ? A LYS 166 CE  
13 1 Y 1 AAA LYS 164 ? NZ  ? A LYS 166 NZ  
14 1 Y 1 AAA ASN 166 ? OD1 ? A ASN 168 OD1 
15 1 Y 1 AAA ASN 166 ? ND2 ? A ASN 168 ND2 
# 
loop_
_software.citation_id 
_software.classification 
_software.compiler_name 
_software.compiler_version 
_software.contact_author 
_software.contact_author_email 
_software.date 
_software.description 
_software.dependencies 
_software.hardware 
_software.language 
_software.location 
_software.mods 
_software.name 
_software.os 
_software.os_version 
_software.type 
_software.version 
_software.pdbx_ordinal 
? refinement       ? ? ? ? ? ? ? ? ? ? ? REFMAC ? ? ? 5.8.0267 1 
? 'data reduction' ? ? ? ? ? ? ? ? ? ? ? XDS    ? ? ? .        2 
? 'data scaling'   ? ? ? ? ? ? ? ? ? ? ? XSCALE ? ? ? .        3 
? 'model building' ? ? ? ? ? ? ? ? ? ? ? Coot   ? ? ? .        4 
# 
_cell.angle_alpha                  90.000 
_cell.angle_alpha_esd              ? 
_cell.angle_beta                   90.000 
_cell.angle_beta_esd               ? 
_cell.angle_gamma                  90.000 
_cell.angle_gamma_esd              ? 
_cell.entry_id                     9GMM 
_cell.details                      ? 
_cell.formula_units_Z              ? 
_cell.length_a                     41.653 
_cell.length_a_esd                 ? 
_cell.length_b                     48.002 
_cell.length_b_esd                 ? 
_cell.length_c                     82.580 
_cell.length_c_esd                 ? 
_cell.volume                       ? 
_cell.volume_esd                   ? 
_cell.Z_PDB                        4 
_cell.reciprocal_angle_alpha       ? 
_cell.reciprocal_angle_beta        ? 
_cell.reciprocal_angle_gamma       ? 
_cell.reciprocal_angle_alpha_esd   ? 
_cell.reciprocal_angle_beta_esd    ? 
_cell.reciprocal_angle_gamma_esd   ? 
_cell.reciprocal_length_a          ? 
_cell.reciprocal_length_b          ? 
_cell.reciprocal_length_c          ? 
_cell.reciprocal_length_a_esd      ? 
_cell.reciprocal_length_b_esd      ? 
_cell.reciprocal_length_c_esd      ? 
_cell.pdbx_unique_axis             ? 
_cell.pdbx_esd_method              ? 
# 
_symmetry.entry_id                         9GMM 
_symmetry.cell_setting                     ? 
_symmetry.Int_Tables_number                19 
_symmetry.space_group_name_Hall            ? 
_symmetry.space_group_name_H-M             'P 21 21 21' 
_symmetry.pdbx_full_space_group_name_H-M   ? 
# 
_exptl.absorpt_coefficient_mu     ? 
_exptl.absorpt_correction_T_max   ? 
_exptl.absorpt_correction_T_min   ? 
_exptl.absorpt_correction_type    ? 
_exptl.absorpt_process_details    ? 
_exptl.entry_id                   9GMM 
_exptl.crystals_number            1 
_exptl.details                    ? 
_exptl.method                     'X-RAY DIFFRACTION' 
_exptl.method_details             ? 
# 
_exptl_crystal.colour                       ? 
_exptl_crystal.density_diffrn               ? 
_exptl_crystal.density_Matthews             2.10 
_exptl_crystal.density_method               ? 
_exptl_crystal.density_percent_sol          41.44 
_exptl_crystal.description                  ? 
_exptl_crystal.F_000                        ? 
_exptl_crystal.id                           1 
_exptl_crystal.preparation                  ? 
_exptl_crystal.size_max                     ? 
_exptl_crystal.size_mid                     ? 
_exptl_crystal.size_min                     ? 
_exptl_crystal.size_rad                     ? 
_exptl_crystal.colour_lustre                ? 
_exptl_crystal.colour_modifier              ? 
_exptl_crystal.colour_primary               ? 
_exptl_crystal.density_meas                 ? 
_exptl_crystal.density_meas_esd             ? 
_exptl_crystal.density_meas_gt              ? 
_exptl_crystal.density_meas_lt              ? 
_exptl_crystal.density_meas_temp            ? 
_exptl_crystal.density_meas_temp_esd        ? 
_exptl_crystal.density_meas_temp_gt         ? 
_exptl_crystal.density_meas_temp_lt         ? 
_exptl_crystal.pdbx_crystal_image_url       ? 
_exptl_crystal.pdbx_crystal_image_format    ? 
_exptl_crystal.pdbx_mosaicity               ? 
_exptl_crystal.pdbx_mosaicity_esd           ? 
_exptl_crystal.pdbx_mosaic_method           ? 
_exptl_crystal.pdbx_mosaic_block_size       ? 
_exptl_crystal.pdbx_mosaic_block_size_esd   ? 
# 
_exptl_crystal_grow.apparatus       ? 
_exptl_crystal_grow.atmosphere      ? 
_exptl_crystal_grow.crystal_id      1 
_exptl_crystal_grow.details         ? 
_exptl_crystal_grow.method          'VAPOR DIFFUSION, HANGING DROP' 
_exptl_crystal_grow.method_ref      ? 
_exptl_crystal_grow.pH              7.0 
_exptl_crystal_grow.pressure        ? 
_exptl_crystal_grow.pressure_esd    ? 
_exptl_crystal_grow.seeding         ? 
_exptl_crystal_grow.seeding_ref     ? 
_exptl_crystal_grow.temp_details    ? 
_exptl_crystal_grow.temp_esd        ? 
_exptl_crystal_grow.time            ? 
_exptl_crystal_grow.pdbx_details    '1.5M Ammonium sulfate, 0.1M Bis-Tris Propane pH 7.0' 
_exptl_crystal_grow.pdbx_pH_range   ? 
_exptl_crystal_grow.temp            293 
# 
_diffrn.ambient_environment              ? 
_diffrn.ambient_temp                     298 
_diffrn.ambient_temp_details             ? 
_diffrn.ambient_temp_esd                 ? 
_diffrn.crystal_id                       1 
_diffrn.crystal_support                  ? 
_diffrn.crystal_treatment                ? 
_diffrn.details                          ? 
_diffrn.id                               1 
_diffrn.ambient_pressure                 ? 
_diffrn.ambient_pressure_esd             ? 
_diffrn.ambient_pressure_gt              ? 
_diffrn.ambient_pressure_lt              ? 
_diffrn.ambient_temp_gt                  ? 
_diffrn.ambient_temp_lt                  ? 
_diffrn.pdbx_serial_crystal_experiment   N 
# 
_diffrn_detector.details                      ? 
_diffrn_detector.detector                     PIXEL 
_diffrn_detector.diffrn_id                    1 
_diffrn_detector.type                         'DECTRIS EIGER X 9M' 
_diffrn_detector.area_resol_mean              ? 
_diffrn_detector.dtime                        ? 
_diffrn_detector.pdbx_frames_total            ? 
_diffrn_detector.pdbx_collection_time_total   ? 
_diffrn_detector.pdbx_collection_date         2021-07-18 
_diffrn_detector.pdbx_frequency               ? 
_diffrn_detector.id                           ? 
_diffrn_detector.number_of_axes               ? 
# 
_diffrn_radiation.collimation                      ? 
_diffrn_radiation.diffrn_id                        1 
_diffrn_radiation.filter_edge                      ? 
_diffrn_radiation.inhomogeneity                    ? 
_diffrn_radiation.monochromator                    ? 
_diffrn_radiation.polarisn_norm                    ? 
_diffrn_radiation.polarisn_ratio                   ? 
_diffrn_radiation.probe                            ? 
_diffrn_radiation.type                             ? 
_diffrn_radiation.xray_symbol                      ? 
_diffrn_radiation.wavelength_id                    1 
_diffrn_radiation.pdbx_monochromatic_or_laue_m_l   M 
_diffrn_radiation.pdbx_wavelength_list             ? 
_diffrn_radiation.pdbx_wavelength                  ? 
_diffrn_radiation.pdbx_diffrn_protocol             'SINGLE WAVELENGTH' 
_diffrn_radiation.pdbx_analyzer                    ? 
_diffrn_radiation.pdbx_scattering_type             x-ray 
# 
_diffrn_radiation_wavelength.id           1 
_diffrn_radiation_wavelength.wavelength   0.91976 
_diffrn_radiation_wavelength.wt           1.0 
# 
_diffrn_source.current                     ? 
_diffrn_source.details                     ? 
_diffrn_source.diffrn_id                   1 
_diffrn_source.power                       ? 
_diffrn_source.size                        ? 
_diffrn_source.source                      SYNCHROTRON 
_diffrn_source.target                      ? 
_diffrn_source.type                        'ESRF BEAMLINE ID30B' 
_diffrn_source.voltage                     ? 
_diffrn_source.take-off_angle              ? 
_diffrn_source.pdbx_wavelength_list        0.91976 
_diffrn_source.pdbx_wavelength             ? 
_diffrn_source.pdbx_synchrotron_beamline   ID30B 
_diffrn_source.pdbx_synchrotron_site       ESRF 
# 
_reflns.B_iso_Wilson_estimate                          19.12 
_reflns.entry_id                                       9GMM 
_reflns.data_reduction_details                         ? 
_reflns.data_reduction_method                          ? 
_reflns.d_resolution_high                              1.35 
_reflns.d_resolution_low                               29.4 
_reflns.details                                        ? 
_reflns.limit_h_max                                    ? 
_reflns.limit_h_min                                    ? 
_reflns.limit_k_max                                    ? 
_reflns.limit_k_min                                    ? 
_reflns.limit_l_max                                    ? 
_reflns.limit_l_min                                    ? 
_reflns.number_all                                     ? 
_reflns.number_obs                                     36233 
_reflns.observed_criterion                             ? 
_reflns.observed_criterion_F_max                       ? 
_reflns.observed_criterion_F_min                       ? 
_reflns.observed_criterion_I_max                       ? 
_reflns.observed_criterion_I_min                       ? 
_reflns.observed_criterion_sigma_F                     ? 
_reflns.observed_criterion_sigma_I                     ? 
_reflns.percent_possible_obs                           97.43 
_reflns.R_free_details                                 ? 
_reflns.Rmerge_F_all                                   ? 
_reflns.Rmerge_F_obs                                   ? 
_reflns.Friedel_coverage                               ? 
_reflns.number_gt                                      ? 
_reflns.threshold_expression                           ? 
_reflns.pdbx_redundancy                                1.83 
_reflns.pdbx_netI_over_av_sigmaI                       ? 
_reflns.pdbx_netI_over_sigmaI                          7.8 
_reflns.pdbx_res_netI_over_av_sigmaI_2                 ? 
_reflns.pdbx_res_netI_over_sigmaI_2                    ? 
_reflns.pdbx_chi_squared                               ? 
_reflns.pdbx_scaling_rejects                           ? 
_reflns.pdbx_d_res_high_opt                            ? 
_reflns.pdbx_d_res_low_opt                             ? 
_reflns.pdbx_d_res_opt_method                          ? 
_reflns.phase_calculation_details                      ? 
_reflns.pdbx_Rrim_I_all                                0.066 
_reflns.pdbx_Rpim_I_all                                ? 
_reflns.pdbx_d_opt                                     ? 
_reflns.pdbx_number_measured_all                       ? 
_reflns.pdbx_diffrn_id                                 1 
_reflns.pdbx_ordinal                                   1 
_reflns.pdbx_CC_half                                   0.997 
_reflns.pdbx_CC_star                                   ? 
_reflns.pdbx_R_split                                   ? 
_reflns.pdbx_Rmerge_I_obs                              ? 
_reflns.pdbx_Rmerge_I_all                              ? 
_reflns.pdbx_Rsym_value                                ? 
_reflns.pdbx_CC_split_method                           ? 
_reflns.pdbx_aniso_diffraction_limit_axis_1_ortho[1]   ? 
_reflns.pdbx_aniso_diffraction_limit_axis_1_ortho[2]   ? 
_reflns.pdbx_aniso_diffraction_limit_axis_1_ortho[3]   ? 
_reflns.pdbx_aniso_diffraction_limit_axis_2_ortho[1]   ? 
_reflns.pdbx_aniso_diffraction_limit_axis_2_ortho[2]   ? 
_reflns.pdbx_aniso_diffraction_limit_axis_2_ortho[3]   ? 
_reflns.pdbx_aniso_diffraction_limit_axis_3_ortho[1]   ? 
_reflns.pdbx_aniso_diffraction_limit_axis_3_ortho[2]   ? 
_reflns.pdbx_aniso_diffraction_limit_axis_3_ortho[3]   ? 
_reflns.pdbx_aniso_diffraction_limit_1                 ? 
_reflns.pdbx_aniso_diffraction_limit_2                 ? 
_reflns.pdbx_aniso_diffraction_limit_3                 ? 
_reflns.pdbx_aniso_B_tensor_eigenvector_1_ortho[1]     ? 
_reflns.pdbx_aniso_B_tensor_eigenvector_1_ortho[2]     ? 
_reflns.pdbx_aniso_B_tensor_eigenvector_1_ortho[3]     ? 
_reflns.pdbx_aniso_B_tensor_eigenvector_2_ortho[1]     ? 
_reflns.pdbx_aniso_B_tensor_eigenvector_2_ortho[2]     ? 
_reflns.pdbx_aniso_B_tensor_eigenvector_2_ortho[3]     ? 
_reflns.pdbx_aniso_B_tensor_eigenvector_3_ortho[1]     ? 
_reflns.pdbx_aniso_B_tensor_eigenvector_3_ortho[2]     ? 
_reflns.pdbx_aniso_B_tensor_eigenvector_3_ortho[3]     ? 
_reflns.pdbx_aniso_B_tensor_eigenvalue_1               ? 
_reflns.pdbx_aniso_B_tensor_eigenvalue_2               ? 
_reflns.pdbx_aniso_B_tensor_eigenvalue_3               ? 
_reflns.pdbx_orthogonalization_convention              ? 
_reflns.pdbx_percent_possible_ellipsoidal              ? 
_reflns.pdbx_percent_possible_spherical                ? 
_reflns.pdbx_percent_possible_ellipsoidal_anomalous    ? 
_reflns.pdbx_percent_possible_spherical_anomalous      ? 
_reflns.pdbx_redundancy_anomalous                      ? 
_reflns.pdbx_CC_half_anomalous                         ? 
_reflns.pdbx_absDiff_over_sigma_anomalous              ? 
_reflns.pdbx_percent_possible_anomalous                ? 
_reflns.pdbx_observed_signal_threshold                 ? 
_reflns.pdbx_signal_type                               ? 
_reflns.pdbx_signal_details                            ? 
_reflns.pdbx_signal_software_id                        ? 
# 
_reflns_shell.d_res_high                                    1.35 
_reflns_shell.d_res_low                                     1.398 
_reflns_shell.meanI_over_sigI_all                           ? 
_reflns_shell.meanI_over_sigI_obs                           0.86 
_reflns_shell.number_measured_all                           ? 
_reflns_shell.number_measured_obs                           ? 
_reflns_shell.number_possible                               ? 
_reflns_shell.number_unique_all                             ? 
_reflns_shell.number_unique_obs                             3493 
_reflns_shell.percent_possible_obs                          ? 
_reflns_shell.Rmerge_F_all                                  ? 
_reflns_shell.Rmerge_F_obs                                  ? 
_reflns_shell.meanI_over_sigI_gt                            ? 
_reflns_shell.meanI_over_uI_all                             ? 
_reflns_shell.meanI_over_uI_gt                              ? 
_reflns_shell.number_measured_gt                            ? 
_reflns_shell.number_unique_gt                              ? 
_reflns_shell.percent_possible_gt                           ? 
_reflns_shell.Rmerge_F_gt                                   ? 
_reflns_shell.Rmerge_I_gt                                   ? 
_reflns_shell.pdbx_redundancy                               3.00 
_reflns_shell.pdbx_chi_squared                              ? 
_reflns_shell.pdbx_netI_over_sigmaI_all                     ? 
_reflns_shell.pdbx_netI_over_sigmaI_obs                     ? 
_reflns_shell.pdbx_Rrim_I_all                               1.179 
_reflns_shell.pdbx_Rpim_I_all                               ? 
_reflns_shell.pdbx_rejects                                  ? 
_reflns_shell.pdbx_ordinal                                  1 
_reflns_shell.pdbx_diffrn_id                                1 
_reflns_shell.pdbx_CC_half                                  0.467 
_reflns_shell.pdbx_CC_star                                  ? 
_reflns_shell.pdbx_R_split                                  ? 
_reflns_shell.percent_possible_all                          96.09 
_reflns_shell.Rmerge_I_all                                  ? 
_reflns_shell.Rmerge_I_obs                                  ? 
_reflns_shell.pdbx_Rsym_value                               ? 
_reflns_shell.pdbx_percent_possible_ellipsoidal             ? 
_reflns_shell.pdbx_percent_possible_spherical               ? 
_reflns_shell.pdbx_percent_possible_ellipsoidal_anomalous   ? 
_reflns_shell.pdbx_percent_possible_spherical_anomalous     ? 
_reflns_shell.pdbx_redundancy_anomalous                     ? 
_reflns_shell.pdbx_CC_half_anomalous                        ? 
_reflns_shell.pdbx_absDiff_over_sigma_anomalous             ? 
_reflns_shell.pdbx_percent_possible_anomalous               ? 
# 
_refine.aniso_B[1][1]                            0.590 
_refine.aniso_B[1][2]                            0.000 
_refine.aniso_B[1][3]                            0.000 
_refine.aniso_B[2][2]                            0.336 
_refine.aniso_B[2][3]                            -0.000 
_refine.aniso_B[3][3]                            -0.926 
_refine.B_iso_max                                ? 
_refine.B_iso_mean                               21.324 
_refine.B_iso_min                                ? 
_refine.correlation_coeff_Fo_to_Fc               0.971 
_refine.correlation_coeff_Fo_to_Fc_free          0.973 
_refine.details                                  'Hydrogens have been added in their riding positions' 
_refine.diff_density_max                         ? 
_refine.diff_density_max_esd                     ? 
_refine.diff_density_min                         ? 
_refine.diff_density_min_esd                     ? 
_refine.diff_density_rms                         ? 
_refine.diff_density_rms_esd                     ? 
_refine.entry_id                                 9GMM 
_refine.pdbx_refine_id                           'X-RAY DIFFRACTION' 
_refine.ls_abs_structure_details                 ? 
_refine.ls_abs_structure_Flack                   ? 
_refine.ls_abs_structure_Flack_esd               ? 
_refine.ls_abs_structure_Rogers                  ? 
_refine.ls_abs_structure_Rogers_esd              ? 
_refine.ls_d_res_high                            1.35 
_refine.ls_d_res_low                             29.399 
_refine.ls_extinction_coef                       ? 
_refine.ls_extinction_coef_esd                   ? 
_refine.ls_extinction_expression                 ? 
_refine.ls_extinction_method                     ? 
_refine.ls_goodness_of_fit_all                   ? 
_refine.ls_goodness_of_fit_all_esd               ? 
_refine.ls_goodness_of_fit_obs                   ? 
_refine.ls_goodness_of_fit_obs_esd               ? 
_refine.ls_hydrogen_treatment                    ? 
_refine.ls_matrix_type                           ? 
_refine.ls_number_constraints                    ? 
_refine.ls_number_parameters                     ? 
_refine.ls_number_reflns_all                     ? 
_refine.ls_number_reflns_obs                     36233 
_refine.ls_number_reflns_R_free                  1148 
_refine.ls_number_reflns_R_work                  35085 
_refine.ls_number_restraints                     ? 
_refine.ls_percent_reflns_obs                    97.218 
_refine.ls_percent_reflns_R_free                 3.168 
_refine.ls_R_factor_all                          0.183 
_refine.ls_R_factor_obs                          ? 
_refine.ls_R_factor_R_free                       0.2010 
_refine.ls_R_factor_R_free_error                 ? 
_refine.ls_R_factor_R_free_error_details         ? 
_refine.ls_R_factor_R_work                       0.1822 
_refine.ls_R_Fsqd_factor_obs                     ? 
_refine.ls_R_I_factor_obs                        ? 
_refine.ls_redundancy_reflns_all                 ? 
_refine.ls_redundancy_reflns_obs                 ? 
_refine.ls_restrained_S_all                      ? 
_refine.ls_restrained_S_obs                      ? 
_refine.ls_shift_over_esd_max                    ? 
_refine.ls_shift_over_esd_mean                   ? 
_refine.ls_structure_factor_coef                 ? 
_refine.ls_weighting_details                     ? 
_refine.ls_weighting_scheme                      ? 
_refine.ls_wR_factor_all                         ? 
_refine.ls_wR_factor_obs                         ? 
_refine.ls_wR_factor_R_free                      ? 
_refine.ls_wR_factor_R_work                      ? 
_refine.occupancy_max                            ? 
_refine.occupancy_min                            ? 
_refine.solvent_model_details                    'MASK BULK SOLVENT' 
_refine.solvent_model_param_bsol                 ? 
_refine.solvent_model_param_ksol                 ? 
_refine.pdbx_R_complete                          ? 
_refine.ls_R_factor_gt                           ? 
_refine.ls_goodness_of_fit_gt                    ? 
_refine.ls_goodness_of_fit_ref                   ? 
_refine.ls_shift_over_su_max                     ? 
_refine.ls_shift_over_su_max_lt                  ? 
_refine.ls_shift_over_su_mean                    ? 
_refine.ls_shift_over_su_mean_lt                 ? 
_refine.pdbx_ls_sigma_I                          ? 
_refine.pdbx_ls_sigma_F                          ? 
_refine.pdbx_ls_sigma_Fsqd                       ? 
_refine.pdbx_data_cutoff_high_absF               ? 
_refine.pdbx_data_cutoff_high_rms_absF           ? 
_refine.pdbx_data_cutoff_low_absF                ? 
_refine.pdbx_isotropic_thermal_model             ? 
_refine.pdbx_ls_cross_valid_method               'FREE R-VALUE' 
_refine.pdbx_method_to_determine_struct          'MOLECULAR REPLACEMENT' 
_refine.pdbx_starting_model                      ? 
_refine.pdbx_stereochemistry_target_values       ? 
_refine.pdbx_R_Free_selection_details            ? 
_refine.pdbx_stereochem_target_val_spec_case     ? 
_refine.pdbx_overall_ESU_R                       0.058 
_refine.pdbx_overall_ESU_R_Free                  0.058 
_refine.pdbx_solvent_vdw_probe_radii             1.200 
_refine.pdbx_solvent_ion_probe_radii             0.800 
_refine.pdbx_solvent_shrinkage_radii             0.800 
_refine.pdbx_real_space_R                        ? 
_refine.pdbx_density_correlation                 ? 
_refine.pdbx_pd_number_of_powder_patterns        ? 
_refine.pdbx_pd_number_of_points                 ? 
_refine.pdbx_pd_meas_number_of_points            ? 
_refine.pdbx_pd_proc_ls_prof_R_factor            ? 
_refine.pdbx_pd_proc_ls_prof_wR_factor           ? 
_refine.pdbx_pd_Marquardt_correlation_coeff      ? 
_refine.pdbx_pd_Fsqrd_R_factor                   ? 
_refine.pdbx_pd_ls_matrix_band_width             ? 
_refine.pdbx_overall_phase_error                 ? 
_refine.pdbx_overall_SU_R_free_Cruickshank_DPI   ? 
_refine.pdbx_overall_SU_R_free_Blow_DPI          ? 
_refine.pdbx_overall_SU_R_Blow_DPI               ? 
_refine.pdbx_TLS_residual_ADP_flag               ? 
_refine.pdbx_diffrn_id                           1 
_refine.overall_SU_B                             1.217 
_refine.overall_SU_ML                            0.048 
_refine.overall_SU_R_Cruickshank_DPI             ? 
_refine.overall_SU_R_free                        ? 
_refine.overall_FOM_free_R_set                   ? 
_refine.overall_FOM_work_R_set                   ? 
_refine.pdbx_average_fsc_overall                 ? 
_refine.pdbx_average_fsc_work                    ? 
_refine.pdbx_average_fsc_free                    ? 
# 
_refine_hist.pdbx_refine_id                   'X-RAY DIFFRACTION' 
_refine_hist.cycle_id                         LAST 
_refine_hist.pdbx_number_atoms_protein        1357 
_refine_hist.pdbx_number_atoms_nucleic_acid   0 
_refine_hist.pdbx_number_atoms_ligand         6 
_refine_hist.number_atoms_solvent             171 
_refine_hist.number_atoms_total               1534 
_refine_hist.d_res_high                       1.35 
_refine_hist.d_res_low                        29.399 
# 
loop_
_refine_ls_restr.pdbx_refine_id 
_refine_ls_restr.criterion 
_refine_ls_restr.dev_ideal 
_refine_ls_restr.dev_ideal_target 
_refine_ls_restr.number 
_refine_ls_restr.rejects 
_refine_ls_restr.type 
_refine_ls_restr.weight 
_refine_ls_restr.pdbx_restraint_function 
'X-RAY DIFFRACTION' ? 0.013  0.013  1400 ? r_bond_refined_d               ? ? 
'X-RAY DIFFRACTION' ? 0.001  0.015  1318 ? r_bond_other_d                 ? ? 
'X-RAY DIFFRACTION' ? 1.846  1.644  1898 ? r_angle_refined_deg            ? ? 
'X-RAY DIFFRACTION' ? 1.522  1.580  3037 ? r_angle_other_deg              ? ? 
'X-RAY DIFFRACTION' ? 6.686  5.000  166  ? r_dihedral_angle_1_deg         ? ? 
'X-RAY DIFFRACTION' ? 32.505 21.867 75   ? r_dihedral_angle_2_deg         ? ? 
'X-RAY DIFFRACTION' ? 12.714 15.000 239  ? r_dihedral_angle_3_deg         ? ? 
'X-RAY DIFFRACTION' ? 13.875 15.000 10   ? r_dihedral_angle_4_deg         ? ? 
'X-RAY DIFFRACTION' ? 0.102  0.200  176  ? r_chiral_restr                 ? ? 
'X-RAY DIFFRACTION' ? 0.011  0.020  1553 ? r_gen_planes_refined           ? ? 
'X-RAY DIFFRACTION' ? 0.001  0.020  324  ? r_gen_planes_other             ? ? 
'X-RAY DIFFRACTION' ? 0.243  0.200  262  ? r_nbd_refined                  ? ? 
'X-RAY DIFFRACTION' ? 0.195  0.200  1239 ? r_symmetry_nbd_other           ? ? 
'X-RAY DIFFRACTION' ? 0.179  0.200  681  ? r_nbtor_refined                ? ? 
'X-RAY DIFFRACTION' ? 0.084  0.200  617  ? r_symmetry_nbtor_other         ? ? 
'X-RAY DIFFRACTION' ? 0.135  0.200  96   ? r_xyhbond_nbd_refined          ? ? 
'X-RAY DIFFRACTION' ? 0.337  0.200  16   ? r_symmetry_nbd_refined         ? ? 
'X-RAY DIFFRACTION' ? 0.330  0.200  39   ? r_nbd_other                    ? ? 
'X-RAY DIFFRACTION' ? 0.117  0.200  20   ? r_symmetry_xyhbond_nbd_refined ? ? 
'X-RAY DIFFRACTION' ? 1.766  1.940  667  ? r_mcbond_it                    ? ? 
'X-RAY DIFFRACTION' ? 1.763  1.934  666  ? r_mcbond_other                 ? ? 
'X-RAY DIFFRACTION' ? 2.616  2.904  832  ? r_mcangle_it                   ? ? 
'X-RAY DIFFRACTION' ? 2.615  2.911  833  ? r_mcangle_other                ? ? 
'X-RAY DIFFRACTION' ? 3.132  2.310  733  ? r_scbond_it                    ? ? 
'X-RAY DIFFRACTION' ? 3.130  2.311  734  ? r_scbond_other                 ? ? 
'X-RAY DIFFRACTION' ? 4.654  3.311  1066 ? r_scangle_it                   ? ? 
'X-RAY DIFFRACTION' ? 4.652  3.313  1067 ? r_scangle_other                ? ? 
'X-RAY DIFFRACTION' ? 6.002  23.939 1617 ? r_lrange_it                    ? ? 
'X-RAY DIFFRACTION' ? 5.834  23.328 1582 ? r_lrange_other                 ? ? 
# 
loop_
_refine_ls_shell.pdbx_refine_id 
_refine_ls_shell.d_res_high 
_refine_ls_shell.d_res_low 
_refine_ls_shell.number_reflns_all 
_refine_ls_shell.number_reflns_obs 
_refine_ls_shell.number_reflns_R_free 
_refine_ls_shell.number_reflns_R_work 
_refine_ls_shell.percent_reflns_obs 
_refine_ls_shell.percent_reflns_R_free 
_refine_ls_shell.R_factor_all 
_refine_ls_shell.R_factor_obs 
_refine_ls_shell.R_factor_R_free_error 
_refine_ls_shell.R_factor_R_work 
_refine_ls_shell.redundancy_reflns_all 
_refine_ls_shell.redundancy_reflns_obs 
_refine_ls_shell.wR_factor_all 
_refine_ls_shell.wR_factor_obs 
_refine_ls_shell.wR_factor_R_free 
_refine_ls_shell.wR_factor_R_work 
_refine_ls_shell.pdbx_R_complete 
_refine_ls_shell.pdbx_total_number_of_bins_used 
_refine_ls_shell.pdbx_phase_error 
_refine_ls_shell.pdbx_fsc_work 
_refine_ls_shell.pdbx_fsc_free 
_refine_ls_shell.R_factor_R_free 
'X-RAY DIFFRACTION' 1.35  1.383  . . 79 2418 92.6187 . . . . 0.340 . . . . . . . . . . . 0.375 
'X-RAY DIFFRACTION' 1.383 1.421  . . 81 2475 96.9651 . . . . 0.312 . . . . . . . . . . . 0.348 
'X-RAY DIFFRACTION' 1.421 1.462  . . 79 2427 98.0055 . . . . 0.276 . . . . . . . . . . . 0.305 
'X-RAY DIFFRACTION' 1.462 1.507  . . 79 2393 98.2903 . . . . 0.24  . . . . . . . . . . . 0.245 
'X-RAY DIFFRACTION' 1.507 1.556  . . 75 2310 98.3505 . . . . 0.224 . . . . . . . . . . . 0.234 
'X-RAY DIFFRACTION' 1.556 1.611  . . 73 2213 97.2766 . . . . 0.205 . . . . . . . . . . . 0.221 
'X-RAY DIFFRACTION' 1.611 1.671  . . 70 2148 97.1954 . . . . 0.197 . . . . . . . . . . . 0.231 
'X-RAY DIFFRACTION' 1.671 1.739  . . 68 2079 98.1261 . . . . 0.187 . . . . . . . . . . . 0.273 
'X-RAY DIFFRACTION' 1.739 1.816  . . 65 2002 98.4755 . . . . 0.175 . . . . . . . . . . . 0.247 
'X-RAY DIFFRACTION' 1.816 1.905  . . 63 1912 98.4056 . . . . 0.176 . . . . . . . . . . . 0.209 
'X-RAY DIFFRACTION' 1.905 2.007  . . 60 1827 97.9242 . . . . 0.177 . . . . . . . . . . . 0.224 
'X-RAY DIFFRACTION' 2.007 2.128  . . 56 1725 97.5356 . . . . 0.180 . . . . . . . . . . . 0.211 
'X-RAY DIFFRACTION' 2.128 2.274  . . 54 1648 98.5524 . . . . 0.172 . . . . . . . . . . . 0.188 
'X-RAY DIFFRACTION' 2.274 2.455  . . 51 1546 99.5636 . . . . 0.167 . . . . . . . . . . . 0.198 
'X-RAY DIFFRACTION' 2.455 2.688  . . 46 1416 98.9844 . . . . 0.174 . . . . . . . . . . . 0.180 
'X-RAY DIFFRACTION' 2.688 3.002  . . 42 1296 97.4508 . . . . 0.176 . . . . . . . . . . . 0.183 
'X-RAY DIFFRACTION' 3.002 3.460  . . 37 1119 96.3333 . . . . 0.173 . . . . . . . . . . . 0.175 
'X-RAY DIFFRACTION' 3.460 4.224  . . 31 967  95.8694 . . . . 0.148 . . . . . . . . . . . 0.179 
'X-RAY DIFFRACTION' 4.224 5.912  . . 25 744  93.0993 . . . . 0.162 . . . . . . . . . . . 0.160 
'X-RAY DIFFRACTION' 5.912 29.399 . . 14 420  85.2652 . . . . 0.211 . . . . . . . . . . . 0.185 
# 
_struct.entry_id                     9GMM 
_struct.title                        'Crystal Structure of UFC1 T106I' 
_struct.pdbx_model_details           ? 
_struct.pdbx_formula_weight          ? 
_struct.pdbx_formula_weight_method   ? 
_struct.pdbx_model_type_details      ? 
_struct.pdbx_CASP_flag               N 
# 
_struct_keywords.entry_id        9GMM 
_struct_keywords.text            
'UFM1 conjugation, UFMylation pathway component, Brain development, Infantile Encephalopathy, LIGASE' 
_struct_keywords.pdbx_keywords   LIGASE 
# 
loop_
_struct_asym.id 
_struct_asym.pdbx_blank_PDB_chainid_flag 
_struct_asym.pdbx_modified 
_struct_asym.entity_id 
_struct_asym.details 
A N N 1 ? 
B N N 2 ? 
C N N 3 ? 
# 
_struct_ref.id                         1 
_struct_ref.db_name                    UNP 
_struct_ref.db_code                    UFC1_HUMAN 
_struct_ref.pdbx_db_accession          Q9Y3C8 
_struct_ref.pdbx_db_isoform            ? 
_struct_ref.entity_id                  1 
_struct_ref.pdbx_seq_one_letter_code   
;MADEATRRVVSEIPVLKTNAGPRDRELWVQRLKEEYQSLIRYVENNKNADNDWFRLESNKEGTRWFGKCWYIHDLLKYEF
DIEFDIPITYPTTAPEIAVPELDGKTAKMYRGGKICLTDHFKPLWARNVPKFGLAHLMALGLGPWLAVEIPDLIQKGVIQ
HKEKCNQ
;
_struct_ref.pdbx_align_begin           1 
# 
_struct_ref_seq.align_id                      1 
_struct_ref_seq.ref_id                        1 
_struct_ref_seq.pdbx_PDB_id_code              9GMM 
_struct_ref_seq.pdbx_strand_id                AAA 
_struct_ref_seq.seq_align_beg                 3 
_struct_ref_seq.pdbx_seq_align_beg_ins_code   ? 
_struct_ref_seq.seq_align_end                 169 
_struct_ref_seq.pdbx_seq_align_end_ins_code   ? 
_struct_ref_seq.pdbx_db_accession             Q9Y3C8 
_struct_ref_seq.db_align_beg                  1 
_struct_ref_seq.pdbx_db_align_beg_ins_code    ? 
_struct_ref_seq.db_align_end                  167 
_struct_ref_seq.pdbx_db_align_end_ins_code    ? 
_struct_ref_seq.pdbx_auth_seq_align_beg       1 
_struct_ref_seq.pdbx_auth_seq_align_end       167 
# 
loop_
_struct_ref_seq_dif.align_id 
_struct_ref_seq_dif.pdbx_pdb_id_code 
_struct_ref_seq_dif.mon_id 
_struct_ref_seq_dif.pdbx_pdb_strand_id 
_struct_ref_seq_dif.seq_num 
_struct_ref_seq_dif.pdbx_pdb_ins_code 
_struct_ref_seq_dif.pdbx_seq_db_name 
_struct_ref_seq_dif.pdbx_seq_db_accession_code 
_struct_ref_seq_dif.db_mon_id 
_struct_ref_seq_dif.pdbx_seq_db_seq_num 
_struct_ref_seq_dif.details 
_struct_ref_seq_dif.pdbx_auth_seq_num 
_struct_ref_seq_dif.pdbx_ordinal 
1 9GMM GLY AAA 1   ? UNP Q9Y3C8 ?   ?   'expression tag'      -1  1 
1 9GMM SER AAA 2   ? UNP Q9Y3C8 ?   ?   'expression tag'      0   2 
1 9GMM ILE AAA 108 ? UNP Q9Y3C8 THR 106 'engineered mutation' 106 3 
1 9GMM HIS AAA 162 ? UNP Q9Y3C8 GLN 160 conflict              160 4 
# 
_pdbx_struct_assembly.id                   1 
_pdbx_struct_assembly.details              author_defined_assembly 
_pdbx_struct_assembly.method_details       ? 
_pdbx_struct_assembly.oligomeric_details   monomeric 
_pdbx_struct_assembly.oligomeric_count     1 
# 
loop_
_pdbx_struct_assembly_prop.biol_id 
_pdbx_struct_assembly_prop.type 
_pdbx_struct_assembly_prop.value 
_pdbx_struct_assembly_prop.details 
1 'ABSA (A^2)' 230  ? 
1 MORE         -1   ? 
1 'SSA (A^2)'  9840 ? 
# 
_pdbx_struct_assembly_gen.assembly_id       1 
_pdbx_struct_assembly_gen.oper_expression   1 
_pdbx_struct_assembly_gen.asym_id_list      A,B,C 
# 
_pdbx_struct_assembly_auth_evidence.id                     1 
_pdbx_struct_assembly_auth_evidence.assembly_id            1 
_pdbx_struct_assembly_auth_evidence.experimental_support   'gel filtration' 
_pdbx_struct_assembly_auth_evidence.details                ? 
# 
_pdbx_struct_oper_list.id                   1 
_pdbx_struct_oper_list.type                 'identity operation' 
_pdbx_struct_oper_list.name                 1_555 
_pdbx_struct_oper_list.symmetry_operation   x,y,z 
_pdbx_struct_oper_list.matrix[1][1]         1.0000000000 
_pdbx_struct_oper_list.matrix[1][2]         0.0000000000 
_pdbx_struct_oper_list.matrix[1][3]         0.0000000000 
_pdbx_struct_oper_list.vector[1]            0.0000000000 
_pdbx_struct_oper_list.matrix[2][1]         0.0000000000 
_pdbx_struct_oper_list.matrix[2][2]         1.0000000000 
_pdbx_struct_oper_list.matrix[2][3]         0.0000000000 
_pdbx_struct_oper_list.vector[2]            0.0000000000 
_pdbx_struct_oper_list.matrix[3][1]         0.0000000000 
_pdbx_struct_oper_list.matrix[3][2]         0.0000000000 
_pdbx_struct_oper_list.matrix[3][3]         1.0000000000 
_pdbx_struct_oper_list.vector[3]            0.0000000000 
# 
loop_
_struct_conf.conf_type_id 
_struct_conf.id 
_struct_conf.pdbx_PDB_helix_id 
_struct_conf.beg_label_comp_id 
_struct_conf.beg_label_asym_id 
_struct_conf.beg_label_seq_id 
_struct_conf.pdbx_beg_PDB_ins_code 
_struct_conf.end_label_comp_id 
_struct_conf.end_label_asym_id 
_struct_conf.end_label_seq_id 
_struct_conf.pdbx_end_PDB_ins_code 
_struct_conf.beg_auth_comp_id 
_struct_conf.beg_auth_asym_id 
_struct_conf.beg_auth_seq_id 
_struct_conf.end_auth_comp_id 
_struct_conf.end_auth_asym_id 
_struct_conf.end_auth_seq_id 
_struct_conf.pdbx_PDB_helix_class 
_struct_conf.details 
_struct_conf.pdbx_PDB_helix_length 
HELX_P HELX_P1 AA1 SER A 2   ? SER A 13  ? SER AAA 0   SER AAA 11  1 ? 12 
HELX_P HELX_P2 AA2 ARG A 27  ? ALA A 51  ? ARG AAA 25  ALA AAA 49  1 ? 25 
HELX_P HELX_P3 AA3 VAL A 101 ? ASP A 105 ? VAL AAA 99  ASP AAA 103 5 ? 5  
HELX_P HELX_P4 AA4 ARG A 113 ? GLY A 115 ? ARG AAA 111 GLY AAA 113 5 ? 3  
HELX_P HELX_P5 AA5 HIS A 122 ? VAL A 131 ? HIS AAA 120 VAL AAA 129 1 ? 10 
HELX_P HELX_P6 AA6 GLY A 135 ? GLY A 143 ? GLY AAA 133 GLY AAA 141 1 ? 9  
HELX_P HELX_P7 AA7 GLY A 143 ? GLY A 159 ? GLY AAA 141 GLY AAA 157 1 ? 17 
# 
_struct_conf_type.id          HELX_P 
_struct_conf_type.criteria    ? 
_struct_conf_type.reference   ? 
# 
loop_
_struct_mon_prot_cis.pdbx_id 
_struct_mon_prot_cis.label_comp_id 
_struct_mon_prot_cis.label_seq_id 
_struct_mon_prot_cis.label_asym_id 
_struct_mon_prot_cis.label_alt_id 
_struct_mon_prot_cis.pdbx_PDB_ins_code 
_struct_mon_prot_cis.auth_comp_id 
_struct_mon_prot_cis.auth_seq_id 
_struct_mon_prot_cis.auth_asym_id 
_struct_mon_prot_cis.pdbx_label_comp_id_2 
_struct_mon_prot_cis.pdbx_label_seq_id_2 
_struct_mon_prot_cis.pdbx_label_asym_id_2 
_struct_mon_prot_cis.pdbx_PDB_ins_code_2 
_struct_mon_prot_cis.pdbx_auth_comp_id_2 
_struct_mon_prot_cis.pdbx_auth_seq_id_2 
_struct_mon_prot_cis.pdbx_auth_asym_id_2 
_struct_mon_prot_cis.pdbx_PDB_model_num 
_struct_mon_prot_cis.pdbx_omega_angle 
1 TYR 92  A . ? TYR 90  AAA PRO 93  A ? PRO 91  AAA 1 3.12 
2 VAL 131 A . ? VAL 129 AAA PRO 132 A ? PRO 130 AAA 1 0.84 
# 
loop_
_struct_sheet.id 
_struct_sheet.type 
_struct_sheet.number_strands 
_struct_sheet.details 
AA1 ? 4 ? 
AA2 ? 2 ? 
# 
loop_
_struct_sheet_order.sheet_id 
_struct_sheet_order.range_id_1 
_struct_sheet_order.range_id_2 
_struct_sheet_order.offset 
_struct_sheet_order.sense 
AA1 1 2 ? anti-parallel 
AA1 2 3 ? anti-parallel 
AA1 3 4 ? anti-parallel 
AA2 1 2 ? anti-parallel 
# 
loop_
_struct_sheet_range.sheet_id 
_struct_sheet_range.id 
_struct_sheet_range.beg_label_comp_id 
_struct_sheet_range.beg_label_asym_id 
_struct_sheet_range.beg_label_seq_id 
_struct_sheet_range.pdbx_beg_PDB_ins_code 
_struct_sheet_range.end_label_comp_id 
_struct_sheet_range.end_label_asym_id 
_struct_sheet_range.end_label_seq_id 
_struct_sheet_range.pdbx_end_PDB_ins_code 
_struct_sheet_range.beg_auth_comp_id 
_struct_sheet_range.beg_auth_asym_id 
_struct_sheet_range.beg_auth_seq_id 
_struct_sheet_range.end_auth_comp_id 
_struct_sheet_range.end_auth_asym_id 
_struct_sheet_range.end_auth_seq_id 
AA1 1 PHE A 56  ? SER A 60  ? PHE AAA 54  SER AAA 58  
AA1 2 ARG A 66  ? HIS A 75  ? ARG AAA 64  HIS AAA 73  
AA1 3 LEU A 78  ? ASP A 87  ? LEU AAA 76  ASP AAA 85  
AA1 4 GLU A 165 ? LYS A 166 ? GLU AAA 163 LYS AAA 164 
AA2 1 MET A 111 ? TYR A 112 ? MET AAA 109 TYR AAA 110 
AA2 2 LYS A 116 ? ILE A 117 ? LYS AAA 114 ILE AAA 115 
# 
loop_
_pdbx_struct_sheet_hbond.sheet_id 
_pdbx_struct_sheet_hbond.range_id_1 
_pdbx_struct_sheet_hbond.range_id_2 
_pdbx_struct_sheet_hbond.range_1_label_atom_id 
_pdbx_struct_sheet_hbond.range_1_label_comp_id 
_pdbx_struct_sheet_hbond.range_1_label_asym_id 
_pdbx_struct_sheet_hbond.range_1_label_seq_id 
_pdbx_struct_sheet_hbond.range_1_PDB_ins_code 
_pdbx_struct_sheet_hbond.range_1_auth_atom_id 
_pdbx_struct_sheet_hbond.range_1_auth_comp_id 
_pdbx_struct_sheet_hbond.range_1_auth_asym_id 
_pdbx_struct_sheet_hbond.range_1_auth_seq_id 
_pdbx_struct_sheet_hbond.range_2_label_atom_id 
_pdbx_struct_sheet_hbond.range_2_label_comp_id 
_pdbx_struct_sheet_hbond.range_2_label_asym_id 
_pdbx_struct_sheet_hbond.range_2_label_seq_id 
_pdbx_struct_sheet_hbond.range_2_PDB_ins_code 
_pdbx_struct_sheet_hbond.range_2_auth_atom_id 
_pdbx_struct_sheet_hbond.range_2_auth_comp_id 
_pdbx_struct_sheet_hbond.range_2_auth_asym_id 
_pdbx_struct_sheet_hbond.range_2_auth_seq_id 
AA1 1 2 N GLU A 59  ? N GLU AAA 57  O PHE A 68  ? O PHE AAA 66  
AA1 2 3 N TRP A 67  ? N TRP AAA 65  O PHE A 86  ? O PHE AAA 84  
AA1 3 4 N LYS A 79  ? N LYS AAA 77  O GLU A 165 ? O GLU AAA 163 
AA2 1 2 N TYR A 112 ? N TYR AAA 110 O LYS A 116 ? O LYS AAA 114 
# 
_pdbx_entry_details.entry_id                   9GMM 
_pdbx_entry_details.has_ligand_of_interest     N 
_pdbx_entry_details.compound_details           ? 
_pdbx_entry_details.source_details             ? 
_pdbx_entry_details.nonpolymer_details         ? 
_pdbx_entry_details.sequence_details           ? 
_pdbx_entry_details.has_protein_modification   N 
# 
loop_
_pdbx_validate_rmsd_angle.id 
_pdbx_validate_rmsd_angle.PDB_model_num 
_pdbx_validate_rmsd_angle.auth_atom_id_1 
_pdbx_validate_rmsd_angle.auth_asym_id_1 
_pdbx_validate_rmsd_angle.auth_comp_id_1 
_pdbx_validate_rmsd_angle.auth_seq_id_1 
_pdbx_validate_rmsd_angle.PDB_ins_code_1 
_pdbx_validate_rmsd_angle.label_alt_id_1 
_pdbx_validate_rmsd_angle.auth_atom_id_2 
_pdbx_validate_rmsd_angle.auth_asym_id_2 
_pdbx_validate_rmsd_angle.auth_comp_id_2 
_pdbx_validate_rmsd_angle.auth_seq_id_2 
_pdbx_validate_rmsd_angle.PDB_ins_code_2 
_pdbx_validate_rmsd_angle.label_alt_id_2 
_pdbx_validate_rmsd_angle.auth_atom_id_3 
_pdbx_validate_rmsd_angle.auth_asym_id_3 
_pdbx_validate_rmsd_angle.auth_comp_id_3 
_pdbx_validate_rmsd_angle.auth_seq_id_3 
_pdbx_validate_rmsd_angle.PDB_ins_code_3 
_pdbx_validate_rmsd_angle.label_alt_id_3 
_pdbx_validate_rmsd_angle.angle_value 
_pdbx_validate_rmsd_angle.angle_target_value 
_pdbx_validate_rmsd_angle.angle_deviation 
_pdbx_validate_rmsd_angle.angle_standard_deviation 
_pdbx_validate_rmsd_angle.linker_flag 
1 1 NE AAA ARG 23 ? ? CZ AAA ARG 23 ? ? NH1 AAA ARG 23 ? ? 123.98 120.30 3.68  0.50 N 
2 1 NE AAA ARG 23 ? ? CZ AAA ARG 23 ? ? NH2 AAA ARG 23 ? ? 116.80 120.30 -3.50 0.50 N 
# 
_pdbx_validate_torsion.id              1 
_pdbx_validate_torsion.PDB_model_num   1 
_pdbx_validate_torsion.auth_comp_id    ARG 
_pdbx_validate_torsion.auth_asym_id    AAA 
_pdbx_validate_torsion.auth_seq_id     25 
_pdbx_validate_torsion.PDB_ins_code    ? 
_pdbx_validate_torsion.label_alt_id    ? 
_pdbx_validate_torsion.phi             54.97 
_pdbx_validate_torsion.psi             -117.43 
# 
loop_
_pdbx_unobs_or_zero_occ_residues.id 
_pdbx_unobs_or_zero_occ_residues.PDB_model_num 
_pdbx_unobs_or_zero_occ_residues.polymer_flag 
_pdbx_unobs_or_zero_occ_residues.occupancy_flag 
_pdbx_unobs_or_zero_occ_residues.auth_asym_id 
_pdbx_unobs_or_zero_occ_residues.auth_comp_id 
_pdbx_unobs_or_zero_occ_residues.auth_seq_id 
_pdbx_unobs_or_zero_occ_residues.PDB_ins_code 
_pdbx_unobs_or_zero_occ_residues.label_asym_id 
_pdbx_unobs_or_zero_occ_residues.label_comp_id 
_pdbx_unobs_or_zero_occ_residues.label_seq_id 
1 1 Y 1 AAA GLY -1  ? A GLY 1   
2 1 Y 1 AAA GLN 167 ? A GLN 169 
# 
loop_
_chem_comp_atom.comp_id 
_chem_comp_atom.atom_id 
_chem_comp_atom.type_symbol 
_chem_comp_atom.pdbx_aromatic_flag 
_chem_comp_atom.pdbx_stereo_config 
_chem_comp_atom.pdbx_ordinal 
ALA N    N N N 1   
ALA CA   C N S 2   
ALA C    C N N 3   
ALA O    O N N 4   
ALA CB   C N N 5   
ALA OXT  O N N 6   
ALA H    H N N 7   
ALA H2   H N N 8   
ALA HA   H N N 9   
ALA HB1  H N N 10  
ALA HB2  H N N 11  
ALA HB3  H N N 12  
ALA HXT  H N N 13  
ARG N    N N N 14  
ARG CA   C N S 15  
ARG C    C N N 16  
ARG O    O N N 17  
ARG CB   C N N 18  
ARG CG   C N N 19  
ARG CD   C N N 20  
ARG NE   N N N 21  
ARG CZ   C N N 22  
ARG NH1  N N N 23  
ARG NH2  N N N 24  
ARG OXT  O N N 25  
ARG H    H N N 26  
ARG H2   H N N 27  
ARG HA   H N N 28  
ARG HB2  H N N 29  
ARG HB3  H N N 30  
ARG HG2  H N N 31  
ARG HG3  H N N 32  
ARG HD2  H N N 33  
ARG HD3  H N N 34  
ARG HE   H N N 35  
ARG HH11 H N N 36  
ARG HH12 H N N 37  
ARG HH21 H N N 38  
ARG HH22 H N N 39  
ARG HXT  H N N 40  
ASN N    N N N 41  
ASN CA   C N S 42  
ASN C    C N N 43  
ASN O    O N N 44  
ASN CB   C N N 45  
ASN CG   C N N 46  
ASN OD1  O N N 47  
ASN ND2  N N N 48  
ASN OXT  O N N 49  
ASN H    H N N 50  
ASN H2   H N N 51  
ASN HA   H N N 52  
ASN HB2  H N N 53  
ASN HB3  H N N 54  
ASN HD21 H N N 55  
ASN HD22 H N N 56  
ASN HXT  H N N 57  
ASP N    N N N 58  
ASP CA   C N S 59  
ASP C    C N N 60  
ASP O    O N N 61  
ASP CB   C N N 62  
ASP CG   C N N 63  
ASP OD1  O N N 64  
ASP OD2  O N N 65  
ASP OXT  O N N 66  
ASP H    H N N 67  
ASP H2   H N N 68  
ASP HA   H N N 69  
ASP HB2  H N N 70  
ASP HB3  H N N 71  
ASP HD2  H N N 72  
ASP HXT  H N N 73  
CYS N    N N N 74  
CYS CA   C N R 75  
CYS C    C N N 76  
CYS O    O N N 77  
CYS CB   C N N 78  
CYS SG   S N N 79  
CYS OXT  O N N 80  
CYS H    H N N 81  
CYS H2   H N N 82  
CYS HA   H N N 83  
CYS HB2  H N N 84  
CYS HB3  H N N 85  
CYS HG   H N N 86  
CYS HXT  H N N 87  
GLN N    N N N 88  
GLN CA   C N S 89  
GLN C    C N N 90  
GLN O    O N N 91  
GLN CB   C N N 92  
GLN CG   C N N 93  
GLN CD   C N N 94  
GLN OE1  O N N 95  
GLN NE2  N N N 96  
GLN OXT  O N N 97  
GLN H    H N N 98  
GLN H2   H N N 99  
GLN HA   H N N 100 
GLN HB2  H N N 101 
GLN HB3  H N N 102 
GLN HG2  H N N 103 
GLN HG3  H N N 104 
GLN HE21 H N N 105 
GLN HE22 H N N 106 
GLN HXT  H N N 107 
GLU N    N N N 108 
GLU CA   C N S 109 
GLU C    C N N 110 
GLU O    O N N 111 
GLU CB   C N N 112 
GLU CG   C N N 113 
GLU CD   C N N 114 
GLU OE1  O N N 115 
GLU OE2  O N N 116 
GLU OXT  O N N 117 
GLU H    H N N 118 
GLU H2   H N N 119 
GLU HA   H N N 120 
GLU HB2  H N N 121 
GLU HB3  H N N 122 
GLU HG2  H N N 123 
GLU HG3  H N N 124 
GLU HE2  H N N 125 
GLU HXT  H N N 126 
GLY N    N N N 127 
GLY CA   C N N 128 
GLY C    C N N 129 
GLY O    O N N 130 
GLY OXT  O N N 131 
GLY H    H N N 132 
GLY H2   H N N 133 
GLY HA2  H N N 134 
GLY HA3  H N N 135 
GLY HXT  H N N 136 
GOL C1   C N N 137 
GOL O1   O N N 138 
GOL C2   C N N 139 
GOL O2   O N N 140 
GOL C3   C N N 141 
GOL O3   O N N 142 
GOL H11  H N N 143 
GOL H12  H N N 144 
GOL HO1  H N N 145 
GOL H2   H N N 146 
GOL HO2  H N N 147 
GOL H31  H N N 148 
GOL H32  H N N 149 
GOL HO3  H N N 150 
HIS N    N N N 151 
HIS CA   C N S 152 
HIS C    C N N 153 
HIS O    O N N 154 
HIS CB   C N N 155 
HIS CG   C Y N 156 
HIS ND1  N Y N 157 
HIS CD2  C Y N 158 
HIS CE1  C Y N 159 
HIS NE2  N Y N 160 
HIS OXT  O N N 161 
HIS H    H N N 162 
HIS H2   H N N 163 
HIS HA   H N N 164 
HIS HB2  H N N 165 
HIS HB3  H N N 166 
HIS HD1  H N N 167 
HIS HD2  H N N 168 
HIS HE1  H N N 169 
HIS HE2  H N N 170 
HIS HXT  H N N 171 
HOH O    O N N 172 
HOH H1   H N N 173 
HOH H2   H N N 174 
ILE N    N N N 175 
ILE CA   C N S 176 
ILE C    C N N 177 
ILE O    O N N 178 
ILE CB   C N S 179 
ILE CG1  C N N 180 
ILE CG2  C N N 181 
ILE CD1  C N N 182 
ILE OXT  O N N 183 
ILE H    H N N 184 
ILE H2   H N N 185 
ILE HA   H N N 186 
ILE HB   H N N 187 
ILE HG12 H N N 188 
ILE HG13 H N N 189 
ILE HG21 H N N 190 
ILE HG22 H N N 191 
ILE HG23 H N N 192 
ILE HD11 H N N 193 
ILE HD12 H N N 194 
ILE HD13 H N N 195 
ILE HXT  H N N 196 
LEU N    N N N 197 
LEU CA   C N S 198 
LEU C    C N N 199 
LEU O    O N N 200 
LEU CB   C N N 201 
LEU CG   C N N 202 
LEU CD1  C N N 203 
LEU CD2  C N N 204 
LEU OXT  O N N 205 
LEU H    H N N 206 
LEU H2   H N N 207 
LEU HA   H N N 208 
LEU HB2  H N N 209 
LEU HB3  H N N 210 
LEU HG   H N N 211 
LEU HD11 H N N 212 
LEU HD12 H N N 213 
LEU HD13 H N N 214 
LEU HD21 H N N 215 
LEU HD22 H N N 216 
LEU HD23 H N N 217 
LEU HXT  H N N 218 
LYS N    N N N 219 
LYS CA   C N S 220 
LYS C    C N N 221 
LYS O    O N N 222 
LYS CB   C N N 223 
LYS CG   C N N 224 
LYS CD   C N N 225 
LYS CE   C N N 226 
LYS NZ   N N N 227 
LYS OXT  O N N 228 
LYS H    H N N 229 
LYS H2   H N N 230 
LYS HA   H N N 231 
LYS HB2  H N N 232 
LYS HB3  H N N 233 
LYS HG2  H N N 234 
LYS HG3  H N N 235 
LYS HD2  H N N 236 
LYS HD3  H N N 237 
LYS HE2  H N N 238 
LYS HE3  H N N 239 
LYS HZ1  H N N 240 
LYS HZ2  H N N 241 
LYS HZ3  H N N 242 
LYS HXT  H N N 243 
MET N    N N N 244 
MET CA   C N S 245 
MET C    C N N 246 
MET O    O N N 247 
MET CB   C N N 248 
MET CG   C N N 249 
MET SD   S N N 250 
MET CE   C N N 251 
MET OXT  O N N 252 
MET H    H N N 253 
MET H2   H N N 254 
MET HA   H N N 255 
MET HB2  H N N 256 
MET HB3  H N N 257 
MET HG2  H N N 258 
MET HG3  H N N 259 
MET HE1  H N N 260 
MET HE2  H N N 261 
MET HE3  H N N 262 
MET HXT  H N N 263 
PHE N    N N N 264 
PHE CA   C N S 265 
PHE C    C N N 266 
PHE O    O N N 267 
PHE CB   C N N 268 
PHE CG   C Y N 269 
PHE CD1  C Y N 270 
PHE CD2  C Y N 271 
PHE CE1  C Y N 272 
PHE CE2  C Y N 273 
PHE CZ   C Y N 274 
PHE OXT  O N N 275 
PHE H    H N N 276 
PHE H2   H N N 277 
PHE HA   H N N 278 
PHE HB2  H N N 279 
PHE HB3  H N N 280 
PHE HD1  H N N 281 
PHE HD2  H N N 282 
PHE HE1  H N N 283 
PHE HE2  H N N 284 
PHE HZ   H N N 285 
PHE HXT  H N N 286 
PRO N    N N N 287 
PRO CA   C N S 288 
PRO C    C N N 289 
PRO O    O N N 290 
PRO CB   C N N 291 
PRO CG   C N N 292 
PRO CD   C N N 293 
PRO OXT  O N N 294 
PRO H    H N N 295 
PRO HA   H N N 296 
PRO HB2  H N N 297 
PRO HB3  H N N 298 
PRO HG2  H N N 299 
PRO HG3  H N N 300 
PRO HD2  H N N 301 
PRO HD3  H N N 302 
PRO HXT  H N N 303 
SER N    N N N 304 
SER CA   C N S 305 
SER C    C N N 306 
SER O    O N N 307 
SER CB   C N N 308 
SER OG   O N N 309 
SER OXT  O N N 310 
SER H    H N N 311 
SER H2   H N N 312 
SER HA   H N N 313 
SER HB2  H N N 314 
SER HB3  H N N 315 
SER HG   H N N 316 
SER HXT  H N N 317 
THR N    N N N 318 
THR CA   C N S 319 
THR C    C N N 320 
THR O    O N N 321 
THR CB   C N R 322 
THR OG1  O N N 323 
THR CG2  C N N 324 
THR OXT  O N N 325 
THR H    H N N 326 
THR H2   H N N 327 
THR HA   H N N 328 
THR HB   H N N 329 
THR HG1  H N N 330 
THR HG21 H N N 331 
THR HG22 H N N 332 
THR HG23 H N N 333 
THR HXT  H N N 334 
TRP N    N N N 335 
TRP CA   C N S 336 
TRP C    C N N 337 
TRP O    O N N 338 
TRP CB   C N N 339 
TRP CG   C Y N 340 
TRP CD1  C Y N 341 
TRP CD2  C Y N 342 
TRP NE1  N Y N 343 
TRP CE2  C Y N 344 
TRP CE3  C Y N 345 
TRP CZ2  C Y N 346 
TRP CZ3  C Y N 347 
TRP CH2  C Y N 348 
TRP OXT  O N N 349 
TRP H    H N N 350 
TRP H2   H N N 351 
TRP HA   H N N 352 
TRP HB2  H N N 353 
TRP HB3  H N N 354 
TRP HD1  H N N 355 
TRP HE1  H N N 356 
TRP HE3  H N N 357 
TRP HZ2  H N N 358 
TRP HZ3  H N N 359 
TRP HH2  H N N 360 
TRP HXT  H N N 361 
TYR N    N N N 362 
TYR CA   C N S 363 
TYR C    C N N 364 
TYR O    O N N 365 
TYR CB   C N N 366 
TYR CG   C Y N 367 
TYR CD1  C Y N 368 
TYR CD2  C Y N 369 
TYR CE1  C Y N 370 
TYR CE2  C Y N 371 
TYR CZ   C Y N 372 
TYR OH   O N N 373 
TYR OXT  O N N 374 
TYR H    H N N 375 
TYR H2   H N N 376 
TYR HA   H N N 377 
TYR HB2  H N N 378 
TYR HB3  H N N 379 
TYR HD1  H N N 380 
TYR HD2  H N N 381 
TYR HE1  H N N 382 
TYR HE2  H N N 383 
TYR HH   H N N 384 
TYR HXT  H N N 385 
VAL N    N N N 386 
VAL CA   C N S 387 
VAL C    C N N 388 
VAL O    O N N 389 
VAL CB   C N N 390 
VAL CG1  C N N 391 
VAL CG2  C N N 392 
VAL OXT  O N N 393 
VAL H    H N N 394 
VAL H2   H N N 395 
VAL HA   H N N 396 
VAL HB   H N N 397 
VAL HG11 H N N 398 
VAL HG12 H N N 399 
VAL HG13 H N N 400 
VAL HG21 H N N 401 
VAL HG22 H N N 402 
VAL HG23 H N N 403 
VAL HXT  H N N 404 
# 
loop_
_chem_comp_bond.comp_id 
_chem_comp_bond.atom_id_1 
_chem_comp_bond.atom_id_2 
_chem_comp_bond.value_order 
_chem_comp_bond.pdbx_aromatic_flag 
_chem_comp_bond.pdbx_stereo_config 
_chem_comp_bond.pdbx_ordinal 
ALA N   CA   sing N N 1   
ALA N   H    sing N N 2   
ALA N   H2   sing N N 3   
ALA CA  C    sing N N 4   
ALA CA  CB   sing N N 5   
ALA CA  HA   sing N N 6   
ALA C   O    doub N N 7   
ALA C   OXT  sing N N 8   
ALA CB  HB1  sing N N 9   
ALA CB  HB2  sing N N 10  
ALA CB  HB3  sing N N 11  
ALA OXT HXT  sing N N 12  
ARG N   CA   sing N N 13  
ARG N   H    sing N N 14  
ARG N   H2   sing N N 15  
ARG CA  C    sing N N 16  
ARG CA  CB   sing N N 17  
ARG CA  HA   sing N N 18  
ARG C   O    doub N N 19  
ARG C   OXT  sing N N 20  
ARG CB  CG   sing N N 21  
ARG CB  HB2  sing N N 22  
ARG CB  HB3  sing N N 23  
ARG CG  CD   sing N N 24  
ARG CG  HG2  sing N N 25  
ARG CG  HG3  sing N N 26  
ARG CD  NE   sing N N 27  
ARG CD  HD2  sing N N 28  
ARG CD  HD3  sing N N 29  
ARG NE  CZ   sing N N 30  
ARG NE  HE   sing N N 31  
ARG CZ  NH1  sing N N 32  
ARG CZ  NH2  doub N N 33  
ARG NH1 HH11 sing N N 34  
ARG NH1 HH12 sing N N 35  
ARG NH2 HH21 sing N N 36  
ARG NH2 HH22 sing N N 37  
ARG OXT HXT  sing N N 38  
ASN N   CA   sing N N 39  
ASN N   H    sing N N 40  
ASN N   H2   sing N N 41  
ASN CA  C    sing N N 42  
ASN CA  CB   sing N N 43  
ASN CA  HA   sing N N 44  
ASN C   O    doub N N 45  
ASN C   OXT  sing N N 46  
ASN CB  CG   sing N N 47  
ASN CB  HB2  sing N N 48  
ASN CB  HB3  sing N N 49  
ASN CG  OD1  doub N N 50  
ASN CG  ND2  sing N N 51  
ASN ND2 HD21 sing N N 52  
ASN ND2 HD22 sing N N 53  
ASN OXT HXT  sing N N 54  
ASP N   CA   sing N N 55  
ASP N   H    sing N N 56  
ASP N   H2   sing N N 57  
ASP CA  C    sing N N 58  
ASP CA  CB   sing N N 59  
ASP CA  HA   sing N N 60  
ASP C   O    doub N N 61  
ASP C   OXT  sing N N 62  
ASP CB  CG   sing N N 63  
ASP CB  HB2  sing N N 64  
ASP CB  HB3  sing N N 65  
ASP CG  OD1  doub N N 66  
ASP CG  OD2  sing N N 67  
ASP OD2 HD2  sing N N 68  
ASP OXT HXT  sing N N 69  
CYS N   CA   sing N N 70  
CYS N   H    sing N N 71  
CYS N   H2   sing N N 72  
CYS CA  C    sing N N 73  
CYS CA  CB   sing N N 74  
CYS CA  HA   sing N N 75  
CYS C   O    doub N N 76  
CYS C   OXT  sing N N 77  
CYS CB  SG   sing N N 78  
CYS CB  HB2  sing N N 79  
CYS CB  HB3  sing N N 80  
CYS SG  HG   sing N N 81  
CYS OXT HXT  sing N N 82  
GLN N   CA   sing N N 83  
GLN N   H    sing N N 84  
GLN N   H2   sing N N 85  
GLN CA  C    sing N N 86  
GLN CA  CB   sing N N 87  
GLN CA  HA   sing N N 88  
GLN C   O    doub N N 89  
GLN C   OXT  sing N N 90  
GLN CB  CG   sing N N 91  
GLN CB  HB2  sing N N 92  
GLN CB  HB3  sing N N 93  
GLN CG  CD   sing N N 94  
GLN CG  HG2  sing N N 95  
GLN CG  HG3  sing N N 96  
GLN CD  OE1  doub N N 97  
GLN CD  NE2  sing N N 98  
GLN NE2 HE21 sing N N 99  
GLN NE2 HE22 sing N N 100 
GLN OXT HXT  sing N N 101 
GLU N   CA   sing N N 102 
GLU N   H    sing N N 103 
GLU N   H2   sing N N 104 
GLU CA  C    sing N N 105 
GLU CA  CB   sing N N 106 
GLU CA  HA   sing N N 107 
GLU C   O    doub N N 108 
GLU C   OXT  sing N N 109 
GLU CB  CG   sing N N 110 
GLU CB  HB2  sing N N 111 
GLU CB  HB3  sing N N 112 
GLU CG  CD   sing N N 113 
GLU CG  HG2  sing N N 114 
GLU CG  HG3  sing N N 115 
GLU CD  OE1  doub N N 116 
GLU CD  OE2  sing N N 117 
GLU OE2 HE2  sing N N 118 
GLU OXT HXT  sing N N 119 
GLY N   CA   sing N N 120 
GLY N   H    sing N N 121 
GLY N   H2   sing N N 122 
GLY CA  C    sing N N 123 
GLY CA  HA2  sing N N 124 
GLY CA  HA3  sing N N 125 
GLY C   O    doub N N 126 
GLY C   OXT  sing N N 127 
GLY OXT HXT  sing N N 128 
GOL C1  O1   sing N N 129 
GOL C1  C2   sing N N 130 
GOL C1  H11  sing N N 131 
GOL C1  H12  sing N N 132 
GOL O1  HO1  sing N N 133 
GOL C2  O2   sing N N 134 
GOL C2  C3   sing N N 135 
GOL C2  H2   sing N N 136 
GOL O2  HO2  sing N N 137 
GOL C3  O3   sing N N 138 
GOL C3  H31  sing N N 139 
GOL C3  H32  sing N N 140 
GOL O3  HO3  sing N N 141 
HIS N   CA   sing N N 142 
HIS N   H    sing N N 143 
HIS N   H2   sing N N 144 
HIS CA  C    sing N N 145 
HIS CA  CB   sing N N 146 
HIS CA  HA   sing N N 147 
HIS C   O    doub N N 148 
HIS C   OXT  sing N N 149 
HIS CB  CG   sing N N 150 
HIS CB  HB2  sing N N 151 
HIS CB  HB3  sing N N 152 
HIS CG  ND1  sing Y N 153 
HIS CG  CD2  doub Y N 154 
HIS ND1 CE1  doub Y N 155 
HIS ND1 HD1  sing N N 156 
HIS CD2 NE2  sing Y N 157 
HIS CD2 HD2  sing N N 158 
HIS CE1 NE2  sing Y N 159 
HIS CE1 HE1  sing N N 160 
HIS NE2 HE2  sing N N 161 
HIS OXT HXT  sing N N 162 
HOH O   H1   sing N N 163 
HOH O   H2   sing N N 164 
ILE N   CA   sing N N 165 
ILE N   H    sing N N 166 
ILE N   H2   sing N N 167 
ILE CA  C    sing N N 168 
ILE CA  CB   sing N N 169 
ILE CA  HA   sing N N 170 
ILE C   O    doub N N 171 
ILE C   OXT  sing N N 172 
ILE CB  CG1  sing N N 173 
ILE CB  CG2  sing N N 174 
ILE CB  HB   sing N N 175 
ILE CG1 CD1  sing N N 176 
ILE CG1 HG12 sing N N 177 
ILE CG1 HG13 sing N N 178 
ILE CG2 HG21 sing N N 179 
ILE CG2 HG22 sing N N 180 
ILE CG2 HG23 sing N N 181 
ILE CD1 HD11 sing N N 182 
ILE CD1 HD12 sing N N 183 
ILE CD1 HD13 sing N N 184 
ILE OXT HXT  sing N N 185 
LEU N   CA   sing N N 186 
LEU N   H    sing N N 187 
LEU N   H2   sing N N 188 
LEU CA  C    sing N N 189 
LEU CA  CB   sing N N 190 
LEU CA  HA   sing N N 191 
LEU C   O    doub N N 192 
LEU C   OXT  sing N N 193 
LEU CB  CG   sing N N 194 
LEU CB  HB2  sing N N 195 
LEU CB  HB3  sing N N 196 
LEU CG  CD1  sing N N 197 
LEU CG  CD2  sing N N 198 
LEU CG  HG   sing N N 199 
LEU CD1 HD11 sing N N 200 
LEU CD1 HD12 sing N N 201 
LEU CD1 HD13 sing N N 202 
LEU CD2 HD21 sing N N 203 
LEU CD2 HD22 sing N N 204 
LEU CD2 HD23 sing N N 205 
LEU OXT HXT  sing N N 206 
LYS N   CA   sing N N 207 
LYS N   H    sing N N 208 
LYS N   H2   sing N N 209 
LYS CA  C    sing N N 210 
LYS CA  CB   sing N N 211 
LYS CA  HA   sing N N 212 
LYS C   O    doub N N 213 
LYS C   OXT  sing N N 214 
LYS CB  CG   sing N N 215 
LYS CB  HB2  sing N N 216 
LYS CB  HB3  sing N N 217 
LYS CG  CD   sing N N 218 
LYS CG  HG2  sing N N 219 
LYS CG  HG3  sing N N 220 
LYS CD  CE   sing N N 221 
LYS CD  HD2  sing N N 222 
LYS CD  HD3  sing N N 223 
LYS CE  NZ   sing N N 224 
LYS CE  HE2  sing N N 225 
LYS CE  HE3  sing N N 226 
LYS NZ  HZ1  sing N N 227 
LYS NZ  HZ2  sing N N 228 
LYS NZ  HZ3  sing N N 229 
LYS OXT HXT  sing N N 230 
MET N   CA   sing N N 231 
MET N   H    sing N N 232 
MET N   H2   sing N N 233 
MET CA  C    sing N N 234 
MET CA  CB   sing N N 235 
MET CA  HA   sing N N 236 
MET C   O    doub N N 237 
MET C   OXT  sing N N 238 
MET CB  CG   sing N N 239 
MET CB  HB2  sing N N 240 
MET CB  HB3  sing N N 241 
MET CG  SD   sing N N 242 
MET CG  HG2  sing N N 243 
MET CG  HG3  sing N N 244 
MET SD  CE   sing N N 245 
MET CE  HE1  sing N N 246 
MET CE  HE2  sing N N 247 
MET CE  HE3  sing N N 248 
MET OXT HXT  sing N N 249 
PHE N   CA   sing N N 250 
PHE N   H    sing N N 251 
PHE N   H2   sing N N 252 
PHE CA  C    sing N N 253 
PHE CA  CB   sing N N 254 
PHE CA  HA   sing N N 255 
PHE C   O    doub N N 256 
PHE C   OXT  sing N N 257 
PHE CB  CG   sing N N 258 
PHE CB  HB2  sing N N 259 
PHE CB  HB3  sing N N 260 
PHE CG  CD1  doub Y N 261 
PHE CG  CD2  sing Y N 262 
PHE CD1 CE1  sing Y N 263 
PHE CD1 HD1  sing N N 264 
PHE CD2 CE2  doub Y N 265 
PHE CD2 HD2  sing N N 266 
PHE CE1 CZ   doub Y N 267 
PHE CE1 HE1  sing N N 268 
PHE CE2 CZ   sing Y N 269 
PHE CE2 HE2  sing N N 270 
PHE CZ  HZ   sing N N 271 
PHE OXT HXT  sing N N 272 
PRO N   CA   sing N N 273 
PRO N   CD   sing N N 274 
PRO N   H    sing N N 275 
PRO CA  C    sing N N 276 
PRO CA  CB   sing N N 277 
PRO CA  HA   sing N N 278 
PRO C   O    doub N N 279 
PRO C   OXT  sing N N 280 
PRO CB  CG   sing N N 281 
PRO CB  HB2  sing N N 282 
PRO CB  HB3  sing N N 283 
PRO CG  CD   sing N N 284 
PRO CG  HG2  sing N N 285 
PRO CG  HG3  sing N N 286 
PRO CD  HD2  sing N N 287 
PRO CD  HD3  sing N N 288 
PRO OXT HXT  sing N N 289 
SER N   CA   sing N N 290 
SER N   H    sing N N 291 
SER N   H2   sing N N 292 
SER CA  C    sing N N 293 
SER CA  CB   sing N N 294 
SER CA  HA   sing N N 295 
SER C   O    doub N N 296 
SER C   OXT  sing N N 297 
SER CB  OG   sing N N 298 
SER CB  HB2  sing N N 299 
SER CB  HB3  sing N N 300 
SER OG  HG   sing N N 301 
SER OXT HXT  sing N N 302 
THR N   CA   sing N N 303 
THR N   H    sing N N 304 
THR N   H2   sing N N 305 
THR CA  C    sing N N 306 
THR CA  CB   sing N N 307 
THR CA  HA   sing N N 308 
THR C   O    doub N N 309 
THR C   OXT  sing N N 310 
THR CB  OG1  sing N N 311 
THR CB  CG2  sing N N 312 
THR CB  HB   sing N N 313 
THR OG1 HG1  sing N N 314 
THR CG2 HG21 sing N N 315 
THR CG2 HG22 sing N N 316 
THR CG2 HG23 sing N N 317 
THR OXT HXT  sing N N 318 
TRP N   CA   sing N N 319 
TRP N   H    sing N N 320 
TRP N   H2   sing N N 321 
TRP CA  C    sing N N 322 
TRP CA  CB   sing N N 323 
TRP CA  HA   sing N N 324 
TRP C   O    doub N N 325 
TRP C   OXT  sing N N 326 
TRP CB  CG   sing N N 327 
TRP CB  HB2  sing N N 328 
TRP CB  HB3  sing N N 329 
TRP CG  CD1  doub Y N 330 
TRP CG  CD2  sing Y N 331 
TRP CD1 NE1  sing Y N 332 
TRP CD1 HD1  sing N N 333 
TRP CD2 CE2  doub Y N 334 
TRP CD2 CE3  sing Y N 335 
TRP NE1 CE2  sing Y N 336 
TRP NE1 HE1  sing N N 337 
TRP CE2 CZ2  sing Y N 338 
TRP CE3 CZ3  doub Y N 339 
TRP CE3 HE3  sing N N 340 
TRP CZ2 CH2  doub Y N 341 
TRP CZ2 HZ2  sing N N 342 
TRP CZ3 CH2  sing Y N 343 
TRP CZ3 HZ3  sing N N 344 
TRP CH2 HH2  sing N N 345 
TRP OXT HXT  sing N N 346 
TYR N   CA   sing N N 347 
TYR N   H    sing N N 348 
TYR N   H2   sing N N 349 
TYR CA  C    sing N N 350 
TYR CA  CB   sing N N 351 
TYR CA  HA   sing N N 352 
TYR C   O    doub N N 353 
TYR C   OXT  sing N N 354 
TYR CB  CG   sing N N 355 
TYR CB  HB2  sing N N 356 
TYR CB  HB3  sing N N 357 
TYR CG  CD1  doub Y N 358 
TYR CG  CD2  sing Y N 359 
TYR CD1 CE1  sing Y N 360 
TYR CD1 HD1  sing N N 361 
TYR CD2 CE2  doub Y N 362 
TYR CD2 HD2  sing N N 363 
TYR CE1 CZ   doub Y N 364 
TYR CE1 HE1  sing N N 365 
TYR CE2 CZ   sing Y N 366 
TYR CE2 HE2  sing N N 367 
TYR CZ  OH   sing N N 368 
TYR OH  HH   sing N N 369 
TYR OXT HXT  sing N N 370 
VAL N   CA   sing N N 371 
VAL N   H    sing N N 372 
VAL N   H2   sing N N 373 
VAL CA  C    sing N N 374 
VAL CA  CB   sing N N 375 
VAL CA  HA   sing N N 376 
VAL C   O    doub N N 377 
VAL C   OXT  sing N N 378 
VAL CB  CG1  sing N N 379 
VAL CB  CG2  sing N N 380 
VAL CB  HB   sing N N 381 
VAL CG1 HG11 sing N N 382 
VAL CG1 HG12 sing N N 383 
VAL CG1 HG13 sing N N 384 
VAL CG2 HG21 sing N N 385 
VAL CG2 HG22 sing N N 386 
VAL CG2 HG23 sing N N 387 
VAL OXT HXT  sing N N 388 
# 
_pdbx_audit_support.funding_organization   'Israel Science Foundation' 
_pdbx_audit_support.country                Israel 
_pdbx_audit_support.grant_number           491/2021 
_pdbx_audit_support.ordinal                1 
# 
_pdbx_initial_refinement_model.id               1 
_pdbx_initial_refinement_model.entity_id_list   ? 
_pdbx_initial_refinement_model.type             'experimental model' 
_pdbx_initial_refinement_model.source_name      PDB 
_pdbx_initial_refinement_model.accession_code   2Z6O 
_pdbx_initial_refinement_model.details          ? 
# 
_atom_sites.entry_id                    9GMM 
_atom_sites.Cartn_transf_matrix[1][1]   ? 
_atom_sites.Cartn_transf_matrix[1][2]   ? 
_atom_sites.Cartn_transf_matrix[1][3]   ? 
_atom_sites.Cartn_transf_matrix[2][1]   ? 
_atom_sites.Cartn_transf_matrix[2][2]   ? 
_atom_sites.Cartn_transf_matrix[2][3]   ? 
_atom_sites.Cartn_transf_matrix[3][1]   ? 
_atom_sites.Cartn_transf_matrix[3][2]   ? 
_atom_sites.Cartn_transf_matrix[3][3]   ? 
_atom_sites.Cartn_transf_vector[1]      ? 
_atom_sites.Cartn_transf_vector[2]      ? 
_atom_sites.Cartn_transf_vector[3]      ? 
_atom_sites.Cartn_transform_axes        ? 
_atom_sites.fract_transf_matrix[1][1]   0.02091685 
_atom_sites.fract_transf_matrix[1][2]   -0.00093294 
_atom_sites.fract_transf_matrix[1][3]   0.01174730 
_atom_sites.fract_transf_matrix[2][1]   0.01022500 
_atom_sites.fract_transf_matrix[2][2]   0.00161021 
_atom_sites.fract_transf_matrix[2][3]   -0.01807841 
_atom_sites.fract_transf_matrix[3][1]   -0.00004962 
_atom_sites.fract_transf_matrix[3][2]   0.01206360 
_atom_sites.fract_transf_matrix[3][3]   0.00104641 
_atom_sites.fract_transf_vector[1]      0.016562 
_atom_sites.fract_transf_vector[2]      0.043269 
_atom_sites.fract_transf_vector[3]      0.146981 
_atom_sites.solution_primary            ? 
_atom_sites.solution_secondary          ? 
_atom_sites.solution_hydrogens          ? 
_atom_sites.special_details             ? 
# 
loop_
_atom_type.symbol 
_atom_type.pdbx_scat_Z 
_atom_type.pdbx_N_electrons 
_atom_type.scat_Cromer_Mann_a1 
_atom_type.scat_Cromer_Mann_b1 
_atom_type.scat_Cromer_Mann_a2 
_atom_type.scat_Cromer_Mann_b2 
_atom_type.scat_Cromer_Mann_a3 
_atom_type.scat_Cromer_Mann_b3 
_atom_type.scat_Cromer_Mann_a4 
_atom_type.scat_Cromer_Mann_b4 
_atom_type.scat_Cromer_Mann_c 
C 6  6  2.310  20.844 1.020 10.208 1.589 0.569  0.865 51.651 0.216   
H 1  1  0.493  10.511 0.323 26.126 0.140 3.142  0.041 57.800 0.003   
N 7  7  12.222 0.006  3.135 9.893  2.014 28.997 1.167 0.583  -11.538 
O 8  8  3.049  13.277 2.287 5.701  1.546 0.324  0.867 32.909 0.251   
S 16 16 6.905  1.468  5.203 22.215 1.438 0.254  1.586 56.172 1.032   
# 
loop_
_atom_site.group_PDB 
_atom_site.id 
_atom_site.type_symbol 
_atom_site.label_atom_id 
_atom_site.label_alt_id 
_atom_site.label_comp_id 
_atom_site.label_asym_id 
_atom_site.label_entity_id 
_atom_site.label_seq_id 
_atom_site.pdbx_PDB_ins_code 
_atom_site.Cartn_x 
_atom_site.Cartn_y 
_atom_site.Cartn_z 
_atom_site.occupancy 
_atom_site.B_iso_or_equiv 
_atom_site.pdbx_formal_charge 
_atom_site.auth_seq_id 
_atom_site.auth_comp_id 
_atom_site.auth_asym_id 
_atom_site.auth_atom_id 
_atom_site.pdbx_PDB_model_num 
_atom_site.calc_flag 
ATOM   1    N N   . SER A 1 2   ? -16.673 17.539  3.143   1.000 39.251 0 0   SER AAA N   1 ? 
ATOM   2    C CA  . SER A 1 2   ? -16.802 16.350  3.994   1.000 35.035 0 0   SER AAA CA  1 ? 
ATOM   3    C C   . SER A 1 2   ? -15.446 16.022  4.648   1.000 29.898 0 0   SER AAA C   1 ? 
ATOM   4    O O   . SER A 1 2   ? -14.365 16.338  4.085   1.000 27.209 0 0   SER AAA O   1 ? 
ATOM   5    C CB  . SER A 1 2   ? -17.401 15.184  3.217   1.000 36.702 0 0   SER AAA CB  1 ? 
ATOM   6    O OG  . SER A 1 2   ? -16.434 14.237  2.769   1.000 33.571 0 0   SER AAA OG  1 ? 
ATOM   7    N N   . MET A 1 3   ? -15.501 15.484  5.873   1.000 25.637 0 1   MET AAA N   1 ? 
ATOM   8    C CA  . MET A 1 3   ? -14.339 14.936  6.602   1.000 23.074 0 1   MET AAA CA  1 ? 
ATOM   9    C C   . MET A 1 3   ? -13.652 13.855  5.756   1.000 20.822 0 1   MET AAA C   1 ? 
ATOM   10   O O   . MET A 1 3   ? -12.403 13.874  5.655   1.000 20.897 0 1   MET AAA O   1 ? 
ATOM   11   C CB  . MET A 1 3   ? -14.792 14.293  7.919   1.000 21.809 0 1   MET AAA CB  1 ? 
ATOM   12   C CG  . MET A 1 3   ? -15.358 15.277  8.945   1.000 23.913 0 1   MET AAA CG  1 ? 
ATOM   13   S SD  . MET A 1 3   ? -15.608 14.524  10.573  1.000 21.585 0 1   MET AAA SD  1 ? 
ATOM   14   C CE  . MET A 1 3   ? -13.902 14.346  11.064  1.000 24.475 0 1   MET AAA CE  1 ? 
ATOM   15   N N   . ALA A 1 4   ? -14.399 12.964  5.125   1.000 21.889 0 2   ALA AAA N   1 ? 
ATOM   16   C CA  . ALA A 1 4   ? -13.770 11.898  4.306   1.000 21.341 0 2   ALA AAA CA  1 ? 
ATOM   17   C C   . ALA A 1 4   ? -12.985 12.525  3.149   1.000 20.882 0 2   ALA AAA C   1 ? 
ATOM   18   O O   . ALA A 1 4   ? -11.841 12.109  2.886   1.000 19.387 0 2   ALA AAA O   1 ? 
ATOM   19   C CB  . ALA A 1 4   ? -14.809 10.927  3.824   1.000 23.489 0 2   ALA AAA CB  1 ? 
ATOM   20   N N   . ASP A 1 5   ? -13.562 13.506  2.465   1.000 21.358 0 3   ASP AAA N   1 ? 
ATOM   21   C CA  . ASP A 1 5   ? -12.873 14.137  1.310   1.000 23.196 0 3   ASP AAA CA  1 ? 
ATOM   22   C C   . ASP A 1 5   ? -11.613 14.865  1.775   1.000 20.544 0 3   ASP AAA C   1 ? 
ATOM   23   O O   . ASP A 1 5   ? -10.598 14.802  1.096   1.000 20.281 0 3   ASP AAA O   1 ? 
ATOM   24   C CB  . ASP A 1 5   ? -13.853 15.014  0.535   1.000 26.064 0 3   ASP AAA CB  1 ? 
ATOM   25   C CG  . ASP A 1 5   ? -14.930 14.182  -0.161  1.000 30.915 0 3   ASP AAA CG  1 ? 
ATOM   26   O OD1 . ASP A 1 5   ? -14.688 12.978  -0.465  1.000 32.940 0 3   ASP AAA OD1 1 ? 
ATOM   27   O OD2 . ASP A 1 5   ? -15.995 14.730  -0.379  1.000 38.639 0 3   ASP AAA OD2 1 ? 
ATOM   28   N N   . GLU A 1 6   ? -11.656 15.597  2.886   1.000 20.050 0 4   GLU AAA N   1 ? 
ATOM   29   C CA  . GLU A 1 6   ? -10.462 16.328  3.360   1.000 19.885 0 4   GLU AAA CA  1 ? 
ATOM   30   C C   . GLU A 1 6   ? -9.405  15.319  3.821   1.000 18.354 0 4   GLU AAA C   1 ? 
ATOM   31   O O   . GLU A 1 6   ? -8.167  15.548  3.577   1.000 17.932 0 4   GLU AAA O   1 ? 
ATOM   32   C CB  . GLU A 1 6   ? -10.830 17.291  4.489   1.000 22.807 0 4   GLU AAA CB  1 ? 
ATOM   33   C CG  . GLU A 1 6   ? -9.680  18.135  5.023   1.000 24.174 0 4   GLU AAA CG  1 ? 
ATOM   34   C CD  . GLU A 1 6   ? -9.012  19.109  4.067   1.000 28.267 0 4   GLU AAA CD  1 ? 
ATOM   35   O OE1 . GLU A 1 6   ? -9.543  19.310  2.959   1.000 30.693 0 4   GLU AAA OE1 1 ? 
ATOM   36   O OE2 . GLU A 1 6   ? -7.925  19.631  4.416   1.000 31.276 0 4   GLU AAA OE2 1 ? 
ATOM   37   N N   . ALA A 1 7   ? -9.815  14.250  4.478   1.000 17.535 0 5   ALA AAA N   1 ? 
ATOM   38   C CA  . ALA A 1 7   ? -8.858  13.205  4.897   1.000 17.419 0 5   ALA AAA CA  1 ? 
ATOM   39   C C   . ALA A 1 7   ? -8.148  12.637  3.659   1.000 18.043 0 5   ALA AAA C   1 ? 
ATOM   40   O O   . ALA A 1 7   ? -6.916  12.509  3.659   1.000 19.583 0 5   ALA AAA O   1 ? 
ATOM   41   C CB  . ALA A 1 7   ? -9.484  12.104  5.691   1.000 17.296 0 5   ALA AAA CB  1 ? 
ATOM   42   N N   . THR A 1 8   ? -8.890  12.306  2.605   1.000 17.518 0 6   THR AAA N   1 ? 
ATOM   43   C CA  . THR A 1 8   ? -8.239  11.767  1.383   1.000 17.159 0 6   THR AAA CA  1 ? 
ATOM   44   C C   . THR A 1 8   ? -7.335  12.832  0.780   1.000 16.394 0 6   THR AAA C   1 ? 
ATOM   45   O O   . THR A 1 8   ? -6.212  12.522  0.445   1.000 16.611 0 6   THR AAA O   1 ? 
ATOM   46   C CB  . THR A 1 8   ? -9.311  11.337  0.391   1.000 16.681 0 6   THR AAA CB  1 ? 
ATOM   47   O OG1 . THR A 1 8   ? -10.016 10.259  0.986   1.000 20.453 0 6   THR AAA OG1 1 ? 
ATOM   48   C CG2 . THR A 1 8   ? -8.709  10.899  -0.927  1.000 18.574 0 6   THR AAA CG2 1 ? 
ATOM   49   N N   . ARG A 1 9   ? -7.839  14.063  0.655   1.000 16.058 0 7   ARG AAA N   1 ? 
ATOM   50   C CA  . ARG A 1 9   ? -7.056  15.150  0.030   1.000 17.349 0 7   ARG AAA CA  1 ? 
ATOM   51   C C   . ARG A 1 9   ? -5.705  15.274  0.740   1.000 17.548 0 7   ARG AAA C   1 ? 
ATOM   52   O O   . ARG A 1 9   ? -4.678  15.434  0.058   1.000 18.341 0 7   ARG AAA O   1 ? 
ATOM   53   C CB  . ARG A 1 9   ? -7.790  16.494  0.080   1.000 20.666 0 7   ARG AAA CB  1 ? 
ATOM   54   C CG  . ARG A 1 9   ? -7.092  17.604  -0.674  1.000 25.880 0 7   ARG AAA CG  1 ? 
ATOM   55   C CD  . ARG A 1 9   ? -7.650  18.951  -0.243  1.000 30.725 0 7   ARG AAA CD  1 ? 
ATOM   56   N NE  . ARG A 1 9   ? -7.284  19.378  1.099   1.000 33.671 0 7   ARG AAA NE  1 ? 
ATOM   57   C CZ  . ARG A 1 9   ? -6.050  19.732  1.473   1.000 39.178 0 7   ARG AAA CZ  1 ? 
ATOM   58   N NH1 . ARG A 1 9   ? -5.038  19.681  0.617   1.000 44.697 0 7   ARG AAA NH1 1 ? 
ATOM   59   N NH2 . ARG A 1 9   ? -5.826  20.139  2.709   1.000 40.268 0 7   ARG AAA NH2 1 ? 
ATOM   60   N N   . ARG A 1 10  ? -5.714  15.314  2.074   1.000 16.489 0 8   ARG AAA N   1 ? 
ATOM   61   C CA  . ARG A 1 10  ? -4.471  15.542  2.847   1.000 15.506 0 8   ARG AAA CA  1 ? 
ATOM   62   C C   . ARG A 1 10  ? -3.473  14.410  2.600   1.000 16.626 0 8   ARG AAA C   1 ? 
ATOM   63   O O   . ARG A 1 10  ? -2.297  14.646  2.413   1.000 18.317 0 8   ARG AAA O   1 ? 
ATOM   64   C CB  . ARG A 1 10  ? -4.832  15.731  4.305   1.000 19.066 0 8   ARG AAA CB  1 ? 
ATOM   65   C CG  . ARG A 1 10  ? -5.294  17.161  4.511   1.000 22.417 0 8   ARG AAA CG  1 ? 
ATOM   66   C CD  . ARG A 1 10  ? -5.319  17.541  5.932   1.000 24.838 0 8   ARG AAA CD  1 ? 
ATOM   67   N NE  . ARG A 1 10  ? -5.648  18.945  6.103   1.000 23.596 0 8   ARG AAA NE  1 ? 
ATOM   68   C CZ  . ARG A 1 10  ? -4.747  19.884  6.306   1.000 24.623 0 8   ARG AAA CZ  1 ? 
ATOM   69   N NH1 . ARG A 1 10  ? -3.455  19.607  6.350   1.000 23.247 0 8   ARG AAA NH1 1 ? 
ATOM   70   N NH2 . ARG A 1 10  ? -5.149  21.110  6.488   1.000 24.142 0 8   ARG AAA NH2 1 ? 
ATOM   71   N N   . VAL A 1 11  ? -3.971  13.184  2.490   1.000 16.840 0 9   VAL AAA N   1 ? 
ATOM   72   C CA  . VAL A 1 11  ? -3.065  12.041  2.280   1.000 18.718 0 9   VAL AAA CA  1 ? 
ATOM   73   C C   . VAL A 1 11  ? -2.519  12.035  0.848   1.000 21.508 0 9   VAL AAA C   1 ? 
ATOM   74   O O   . VAL A 1 11  ? -1.329  11.625  0.682   1.000 23.615 0 9   VAL AAA O   1 ? 
ATOM   75   C CB  . VAL A 1 11  ? -3.772  10.728  2.642   1.000 19.096 0 9   VAL AAA CB  1 ? 
ATOM   76   C CG1 . VAL A 1 11  ? -2.968  9.509   2.183   1.000 21.334 0 9   VAL AAA CG1 1 ? 
ATOM   77   C CG2 . VAL A 1 11  ? -4.080  10.677  4.133   1.000 21.143 0 9   VAL AAA CG2 1 ? 
ATOM   78   N N   . VAL A 1 12  ? -3.299  12.389  -0.161  1.000 18.131 0 10  VAL AAA N   1 ? 
ATOM   79   C CA  . VAL A 1 12  ? -2.897  12.163  -1.577  1.000 20.595 0 10  VAL AAA CA  1 ? 
ATOM   80   C C   . VAL A 1 12  ? -2.267  13.418  -2.202  1.000 19.683 0 10  VAL AAA C   1 ? 
ATOM   81   O O   . VAL A 1 12  ? -1.758  13.305  -3.307  1.000 18.369 0 10  VAL AAA O   1 ? 
ATOM   82   C CB  . VAL A 1 12  ? -4.060  11.634  -2.449  1.000 20.928 0 10  VAL AAA CB  1 ? 
ATOM   83   C CG1 . VAL A 1 12  ? -4.629  10.346  -1.867  1.000 24.628 0 10  VAL AAA CG1 1 ? 
ATOM   84   C CG2 . VAL A 1 12  ? -5.140  12.672  -2.710  1.000 23.309 0 10  VAL AAA CG2 1 ? 
ATOM   85   N N   . SER A 1 13  ? -2.303  14.622  -1.608  1.000 21.020 0 11  SER AAA N   1 ? 
ATOM   86   C CA  . SER A 1 13  ? -2.102  15.895  -2.406  1.000 21.936 0 11  SER AAA CA  1 ? 
ATOM   87   C C   . SER A 1 13  ? -0.746  16.034  -3.158  1.000 21.383 0 11  SER AAA C   1 ? 
ATOM   88   O O   . SER A 1 13  ? -0.666  16.760  -4.154  1.000 25.128 0 11  SER AAA O   1 ? 
ATOM   89   C CB  . SER A 1 13  ? -2.401  17.154  -1.578  1.000 24.874 0 11  SER AAA CB  1 ? 
ATOM   90   O OG  . SER A 1 13  ? -1.334  17.478  -0.687  1.000 24.760 0 11  SER AAA OG  1 ? 
ATOM   91   N N   . GLU A 1 14  ? 0.319   15.423  -2.682  1.000 16.837 0 12  GLU AAA N   1 ? 
ATOM   92   C CA  . GLU A 1 14  ? 1.673   15.562  -3.290  1.000 16.696 0 12  GLU AAA CA  1 ? 
ATOM   93   C C   . GLU A 1 14  ? 2.076   14.222  -3.886  1.000 14.482 0 12  GLU AAA C   1 ? 
ATOM   94   O O   . GLU A 1 14  ? 3.251   14.032  -4.218  1.000 15.116 0 12  GLU AAA O   1 ? 
ATOM   95   C CB  . GLU A 1 14  ? 2.729   15.994  -2.282  1.000 21.196 0 12  GLU AAA CB  1 ? 
ATOM   96   C CG  . GLU A 1 14  ? 2.490   17.418  -1.785  1.000 28.110 0 12  GLU AAA CG  1 ? 
ATOM   97   C CD  . GLU A 1 14  ? 3.451   17.772  -0.661  1.000 37.981 0 12  GLU AAA CD  1 ? 
ATOM   98   O OE1 . GLU A 1 14  ? 3.145   17.474  0.549   1.000 38.660 0 12  GLU AAA OE1 1 ? 
ATOM   99   O OE2 . GLU A 1 14  ? 4.543   18.230  -0.996  1.000 36.304 0 12  GLU AAA OE2 1 ? 
ATOM   100  N N   . ILE A 1 15  ? 1.107   13.319  -4.061  1.000 14.094 0 13  ILE AAA N   1 ? 
ATOM   101  C CA  . ILE A 1 15  ? 1.372   12.027  -4.763  1.000 14.962 0 13  ILE AAA CA  1 ? 
ATOM   102  C C   . ILE A 1 15  ? 1.037   12.255  -6.222  1.000 14.429 0 13  ILE AAA C   1 ? 
ATOM   103  O O   . ILE A 1 15  ? -0.093  12.686  -6.525  1.000 14.461 0 13  ILE AAA O   1 ? 
ATOM   104  C CB  . ILE A 1 15  ? 0.585   10.863  -4.174  1.000 14.438 0 13  ILE AAA CB  1 ? 
ATOM   105  C CG1 . ILE A 1 15  ? 0.867   10.667  -2.662  1.000 14.842 0 13  ILE AAA CG1 1 ? 
ATOM   106  C CG2 . ILE A 1 15  ? 0.924   9.607   -4.981  1.000 15.392 0 13  ILE AAA CG2 1 ? 
ATOM   107  C CD1 . ILE A 1 15  ? 0.159   9.495   -2.021  1.000 17.115 0 13  ILE AAA CD1 1 ? 
ATOM   108  N N   . PRO A 1 16  ? 1.945   12.000  -7.188  1.000 13.898 0 14  PRO AAA N   1 ? 
ATOM   109  C CA  . PRO A 1 16  ? 1.573   12.145  -8.584  1.000 13.166 0 14  PRO AAA CA  1 ? 
ATOM   110  C C   . PRO A 1 16  ? 0.366   11.300  -8.992  1.000 13.082 0 14  PRO AAA C   1 ? 
ATOM   111  O O   . PRO A 1 16  ? 0.253   10.100  -8.686  1.000 14.376 0 14  PRO AAA O   1 ? 
ATOM   112  C CB  . PRO A 1 16  ? 2.832   11.740  -9.332  1.000 13.492 0 14  PRO AAA CB  1 ? 
ATOM   113  C CG  . PRO A 1 16  ? 3.959   11.906  -8.361  1.000 13.333 0 14  PRO AAA CG  1 ? 
ATOM   114  C CD  . PRO A 1 16  ? 3.345   11.599  -7.018  1.000 14.227 0 14  PRO AAA CD  1 ? 
ATOM   115  N N   . VAL A 1 17  ? -0.544  11.954  -9.688  1.000 13.138 0 15  VAL AAA N   1 ? 
ATOM   116  C CA  . VAL A 1 17  ? -1.775  11.324  -10.206 1.000 13.384 0 15  VAL AAA CA  1 ? 
ATOM   117  C C   . VAL A 1 17  ? -1.411  10.479  -11.434 1.000 14.899 0 15  VAL AAA C   1 ? 
ATOM   118  O O   . VAL A 1 17  ? -0.614  10.914  -12.245 1.000 16.156 0 15  VAL AAA O   1 ? 
ATOM   119  C CB  . VAL A 1 17  ? -2.796  12.421  -10.525 1.000 15.181 0 15  VAL AAA CB  1 ? 
ATOM   120  C CG1 . VAL A 1 17  ? -3.991  11.846  -11.271 1.000 17.874 0 15  VAL AAA CG1 1 ? 
ATOM   121  C CG2 . VAL A 1 17  ? -3.213  13.107  -9.251  1.000 16.322 0 15  VAL AAA CG2 1 ? 
ATOM   122  N N   . LEU A 1 18  ? -2.080  9.352   -11.600 1.000 14.263 0 16  LEU AAA N   1 ? 
ATOM   123  C CA  . LEU A 1 18  ? -1.860  8.481   -12.764 1.000 15.382 0 16  LEU AAA CA  1 ? 
ATOM   124  C C   . LEU A 1 18  ? -2.925  8.726   -13.838 1.000 15.347 0 16  LEU AAA C   1 ? 
ATOM   125  O O   . LEU A 1 18  ? -3.969  9.358   -13.555 1.000 16.053 0 16  LEU AAA O   1 ? 
ATOM   126  C CB  . LEU A 1 18  ? -1.799  7.025   -12.345 1.000 16.416 0 16  LEU AAA CB  1 ? 
ATOM   127  C CG  . LEU A 1 18  ? -0.558  6.719   -11.483 1.000 19.416 0 16  LEU AAA CG  1 ? 
ATOM   128  C CD1 . LEU A 1 18  ? -0.840  6.986   -10.013 1.000 17.023 0 16  LEU AAA CD1 1 ? 
ATOM   129  C CD2 . LEU A 1 18  ? -0.024  5.324   -11.732 1.000 21.118 0 16  LEU AAA CD2 1 ? 
ATOM   130  N N   . LYS A 1 19  ? -2.584  8.385   -15.064 1.000 16.835 0 17  LYS AAA N   1 ? 
ATOM   131  C CA  . LYS A 1 19  ? -3.398  8.819   -16.222 1.000 19.375 0 17  LYS AAA CA  1 ? 
ATOM   132  C C   . LYS A 1 19  ? -3.838  7.615   -17.037 1.000 18.912 0 17  LYS AAA C   1 ? 
ATOM   133  O O   . LYS A 1 19  ? -5.016  7.568   -17.429 1.000 19.340 0 17  LYS AAA O   1 ? 
ATOM   134  C CB  . LYS A 1 19  ? -2.570  9.692   -17.148 1.000 24.817 0 17  LYS AAA CB  1 ? 
ATOM   135  C CG  . LYS A 1 19  ? -3.293  10.171  -18.391 1.000 30.493 0 17  LYS AAA CG  1 ? 
ATOM   136  C CD  . LYS A 1 19  ? -2.335  10.383  -19.516 1.000 33.612 0 17  LYS AAA CD  1 ? 
ATOM   137  C CE  . LYS A 1 19  ? -3.025  10.710  -20.821 1.000 33.175 0 17  LYS AAA CE  1 ? 
ATOM   138  N NZ  . LYS A 1 19  ? -2.730  9.662   -21.812 1.000 29.552 0 17  LYS AAA NZ  1 ? 
ATOM   139  N N   . THR A 1 20  ? -2.957  6.651   -17.273 1.000 17.784 0 18  THR AAA N   1 ? 
ATOM   140  C CA  . THR A 1 20  ? -3.243  5.632   -18.295 1.000 17.266 0 18  THR AAA CA  1 ? 
ATOM   141  C C   . THR A 1 20  ? -4.175  4.566   -17.735 1.000 17.295 0 18  THR AAA C   1 ? 
ATOM   142  O O   . THR A 1 20  ? -3.850  3.911   -16.734 1.000 17.308 0 18  THR AAA O   1 ? 
ATOM   143  C CB  . THR A 1 20  ? -1.930  5.073   -18.848 1.000 16.903 0 18  THR AAA CB  1 ? 
ATOM   144  O OG1 . THR A 1 20  ? -1.194  6.148   -19.441 1.000 16.016 0 18  THR AAA OG1 1 ? 
ATOM   145  C CG2 . THR A 1 20  ? -2.185  3.973   -19.831 1.000 17.605 0 18  THR AAA CG2 1 ? 
ATOM   146  N N   . ASN A 1 21  ? -5.296  4.307   -18.434 1.000 17.652 0 19  ASN AAA N   1 ? 
ATOM   147  C CA  . ASN A 1 21  ? -6.264  3.276   -18.004 1.000 18.550 0 19  ASN AAA CA  1 ? 
ATOM   148  C C   . ASN A 1 21  ? -5.947  1.978   -18.707 1.000 18.516 0 19  ASN AAA C   1 ? 
ATOM   149  O O   . ASN A 1 21  ? -6.554  1.663   -19.741 1.000 21.453 0 19  ASN AAA O   1 ? 
ATOM   150  C CB  . ASN A 1 21  ? -7.718  3.696   -18.253 1.000 20.829 0 19  ASN AAA CB  1 ? 
ATOM   151  C CG  . ASN A 1 21  ? -8.655  2.865   -17.420 1.000 22.732 0 19  ASN AAA CG  1 ? 
ATOM   152  O OD1 . ASN A 1 21  ? -8.358  1.754   -17.056 1.000 22.515 0 19  ASN AAA OD1 1 ? 
ATOM   153  N ND2 . ASN A 1 21  ? -9.798  3.439   -17.134 1.000 29.893 0 19  ASN AAA ND2 1 ? 
ATOM   154  N N   . ALA A 1 22  ? -4.924  1.297   -18.242 1.000 16.778 0 20  ALA AAA N   1 ? 
ATOM   155  C CA  . ALA A 1 22  ? -4.340  0.080   -18.858 1.000 18.323 0 20  ALA AAA CA  1 ? 
ATOM   156  C C   . ALA A 1 22  ? -3.916  -0.893  -17.778 1.000 18.515 0 20  ALA AAA C   1 ? 
ATOM   157  O O   . ALA A 1 22  ? -3.349  -0.496  -16.736 1.000 17.616 0 20  ALA AAA O   1 ? 
ATOM   158  C CB  . ALA A 1 22  ? -3.169  0.417   -19.719 1.000 21.246 0 20  ALA AAA CB  1 ? 
ATOM   159  N N   . GLY A 1 23  ? -4.184  -2.176  -18.036 1.000 16.844 0 21  GLY AAA N   1 ? 
ATOM   160  C CA  . GLY A 1 23  ? -3.750  -3.248  -17.153 1.000 16.517 0 21  GLY AAA CA  1 ? 
ATOM   161  C C   . GLY A 1 23  ? -2.631  -4.092  -17.757 1.000 16.868 0 21  GLY AAA C   1 ? 
ATOM   162  O O   . GLY A 1 23  ? -2.106  -3.834  -18.853 1.000 18.172 0 21  GLY AAA O   1 ? 
ATOM   163  N N   . PRO A 1 24  ? -2.256  -5.143  -17.006 1.000 17.317 0 22  PRO AAA N   1 ? 
ATOM   164  C CA  . PRO A 1 24  ? -1.035  -5.895  -17.295 1.000 20.523 0 22  PRO AAA CA  1 ? 
ATOM   165  C C   . PRO A 1 24  ? -0.976  -6.628  -18.637 1.000 23.028 0 22  PRO AAA C   1 ? 
ATOM   166  O O   . PRO A 1 24  ? 0.125   -6.923  -19.061 1.000 26.002 0 22  PRO AAA O   1 ? 
ATOM   167  C CB  . PRO A 1 24  ? -0.899  -6.814  -16.089 1.000 23.079 0 22  PRO AAA CB  1 ? 
ATOM   168  C CG  . PRO A 1 24  ? -2.218  -6.869  -15.428 1.000 21.235 0 22  PRO AAA CG  1 ? 
ATOM   169  C CD  . PRO A 1 24  ? -2.915  -5.571  -15.749 1.000 18.718 0 22  PRO AAA CD  1 ? 
ATOM   170  N N   . ARG A 1 25  ? -2.097  -6.784  -19.319 1.000 22.165 0 23  ARG AAA N   1 ? 
ATOM   171  C CA  . ARG A 1 25  ? -2.089  -7.440  -20.660 1.000 23.480 0 23  ARG AAA CA  1 ? 
ATOM   172  C C   . ARG A 1 25  ? -2.109  -6.386  -21.770 1.000 25.068 0 23  ARG AAA C   1 ? 
ATOM   173  O O   . ARG A 1 25  ? -2.198  -6.755  -22.957 1.000 27.015 0 23  ARG AAA O   1 ? 
ATOM   174  C CB  . ARG A 1 25  ? -3.211  -8.475  -20.727 1.000 25.139 0 23  ARG AAA CB  1 ? 
ATOM   175  C CG  . ARG A 1 25  ? -3.102  -9.471  -19.581 1.000 25.393 0 23  ARG AAA CG  1 ? 
ATOM   176  C CD  . ARG A 1 25  ? -4.111  -10.567 -19.646 1.000 26.181 0 23  ARG AAA CD  1 ? 
ATOM   177  N NE  . ARG A 1 25  ? -3.956  -11.231 -20.936 1.000 23.016 0 23  ARG AAA NE  1 ? 
ATOM   178  C CZ  . ARG A 1 25  ? -3.241  -12.353 -21.153 1.000 23.997 0 23  ARG AAA CZ  1 ? 
ATOM   179  N NH1 . ARG A 1 25  ? -2.640  -13.045 -20.197 1.000 24.004 0 23  ARG AAA NH1 1 ? 
ATOM   180  N NH2 . ARG A 1 25  ? -3.241  -12.827 -22.376 1.000 22.530 0 23  ARG AAA NH2 1 ? 
ATOM   181  N N   . ASP A 1 26  ? -1.965  -5.091  -21.478 1.000 21.423 0 24  ASP AAA N   1 ? 
ATOM   182  C CA  . ASP A 1 26  ? -2.173  -4.025  -22.488 1.000 21.548 0 24  ASP AAA CA  1 ? 
ATOM   183  C C   . ASP A 1 26  ? -0.856  -3.501  -23.123 1.000 21.381 0 24  ASP AAA C   1 ? 
ATOM   184  O O   . ASP A 1 26  ? -0.891  -2.445  -23.781 1.000 22.340 0 24  ASP AAA O   1 ? 
ATOM   185  C CB  . ASP A 1 26  ? -3.026  -2.890  -21.908 1.000 21.248 0 24  ASP AAA CB  1 ? 
ATOM   186  C CG  . ASP A 1 26  ? -4.447  -3.310  -21.570 1.000 24.702 0 24  ASP AAA CG  1 ? 
ATOM   187  O OD1 . ASP A 1 26  ? -4.927  -4.313  -22.138 1.000 27.841 0 24  ASP AAA OD1 1 ? 
ATOM   188  O OD2 . ASP A 1 26  ? -5.061  -2.648  -20.782 1.000 22.895 0 24  ASP AAA OD2 1 ? 
ATOM   189  N N   . ARG A 1 27  ? 0.234   -4.269  -23.023 1.000 20.741 0 25  ARG AAA N   1 ? 
ATOM   190  C CA  . ARG A 1 27  ? 1.450   -4.114  -23.846 1.000 20.508 0 25  ARG AAA CA  1 ? 
ATOM   191  C C   . ARG A 1 27  ? 2.002   -2.679  -23.745 1.000 21.190 0 25  ARG AAA C   1 ? 
ATOM   192  O O   . ARG A 1 27  ? 2.300   -2.293  -22.615 1.000 20.332 0 25  ARG AAA O   1 ? 
ATOM   193  C CB  . ARG A 1 27  ? 1.090   -4.584  -25.266 1.000 24.123 0 25  ARG AAA CB  1 ? 
ATOM   194  C CG  . ARG A 1 27  ? 0.778   -6.079  -25.359 1.000 25.919 0 25  ARG AAA CG  1 ? 
ATOM   195  C CD  . ARG A 1 27  ? 0.280   -6.538  -26.735 1.000 25.375 0 25  ARG AAA CD  1 ? 
ATOM   196  N NE  . ARG A 1 27  ? -0.763  -5.671  -27.276 1.000 29.738 0 25  ARG AAA NE  1 ? 
ATOM   197  C CZ  . ARG A 1 27  ? -2.021  -5.634  -26.828 1.000 30.512 0 25  ARG AAA CZ  1 ? 
ATOM   198  N NH1 . ARG A 1 27  ? -2.484  -6.509  -25.923 1.000 31.739 0 25  ARG AAA NH1 1 ? 
ATOM   199  N NH2 . ARG A 1 27  ? -2.835  -4.741  -27.336 1.000 33.642 0 25  ARG AAA NH2 1 ? 
ATOM   200  N N   . GLU A 1 28  ? 2.060   -1.920  -24.817 1.000 20.181 0 26  GLU AAA N   1 ? 
ATOM   201  C CA  . GLU A 1 28  ? 2.740   -0.586  -24.779 1.000 20.453 0 26  GLU AAA CA  1 ? 
ATOM   202  C C   . GLU A 1 28  ? 2.015   0.317   -23.780 1.000 19.199 0 26  GLU AAA C   1 ? 
ATOM   203  O O   . GLU A 1 28  ? 2.653   1.199   -23.153 1.000 16.589 0 26  GLU AAA O   1 ? 
ATOM   204  C CB  . GLU A 1 28  ? 2.658   0.144   -26.112 1.000 24.162 0 26  GLU AAA CB  1 ? 
ATOM   205  C CG  . GLU A 1 28  ? 3.436   -0.500  -27.242 1.000 33.672 0 26  GLU AAA CG  1 ? 
ATOM   206  C CD  . GLU A 1 28  ? 2.660   -1.516  -28.080 1.000 36.160 0 26  GLU AAA CD  1 ? 
ATOM   207  O OE1 . GLU A 1 28  ? 1.512   -1.913  -27.678 1.000 30.064 0 26  GLU AAA OE1 1 ? 
ATOM   208  O OE2 . GLU A 1 28  ? 3.197   -1.868  -29.164 1.000 45.370 0 26  GLU AAA OE2 1 ? 
ATOM   209  N N   . LEU A 1 29  ? 0.703   0.198   -23.699 1.000 17.386 0 27  LEU AAA N   1 ? 
ATOM   210  C CA  . LEU A 1 29  ? -0.106  1.020   -22.750 1.000 17.704 0 27  LEU AAA CA  1 ? 
ATOM   211  C C   . LEU A 1 29  ? 0.208   0.598   -21.315 1.000 16.476 0 27  LEU AAA C   1 ? 
ATOM   212  O O   . LEU A 1 29  ? 0.217   1.477   -20.414 1.000 16.459 0 27  LEU AAA O   1 ? 
ATOM   213  C CB  . LEU A 1 29  ? -1.606  0.907   -23.006 1.000 18.992 0 27  LEU AAA CB  1 ? 
ATOM   214  C CG  . LEU A 1 29  ? -2.052  1.512   -24.327 1.000 22.738 0 27  LEU AAA CG  1 ? 
ATOM   215  C CD1 . LEU A 1 29  ? -3.522  1.263   -24.585 1.000 26.024 0 27  LEU AAA CD1 1 ? 
ATOM   216  C CD2 . LEU A 1 29  ? -1.791  3.007   -24.357 1.000 25.214 0 27  LEU AAA CD2 1 ? 
ATOM   217  N N   . TRP A 1 30  ? 0.461   -0.659  -21.020 1.000 16.058 0 28  TRP AAA N   1 ? 
ATOM   218  C CA  . TRP A 1 30  ? 0.887   -1.100  -19.684 1.000 16.266 0 28  TRP AAA CA  1 ? 
ATOM   219  C C   . TRP A 1 30  ? 2.300   -0.590  -19.398 1.000 17.026 0 28  TRP AAA C   1 ? 
ATOM   220  O O   . TRP A 1 30  ? 2.583   -0.157  -18.262 1.000 17.120 0 28  TRP AAA O   1 ? 
ATOM   221  C CB  . TRP A 1 30  ? 0.828   -2.625  -19.567 1.000 17.957 0 28  TRP AAA CB  1 ? 
ATOM   222  C CG  . TRP A 1 30  ? 1.238   -3.142  -18.239 1.000 17.748 0 28  TRP AAA CG  1 ? 
ATOM   223  C CD1 . TRP A 1 30  ? 2.221   -4.050  -18.020 1.000 17.578 0 28  TRP AAA CD1 1 ? 
ATOM   224  C CD2 . TRP A 1 30  ? 0.691   -2.800  -16.951 1.000 16.297 0 28  TRP AAA CD2 1 ? 
ATOM   225  N NE1 . TRP A 1 30  ? 2.287   -4.352  -16.694 1.000 19.054 0 28  TRP AAA NE1 1 ? 
ATOM   226  C CE2 . TRP A 1 30  ? 1.379   -3.593  -16.014 1.000 15.907 0 28  TRP AAA CE2 1 ? 
ATOM   227  C CE3 . TRP A 1 30  ? -0.337  -1.948  -16.505 1.000 15.267 0 28  TRP AAA CE3 1 ? 
ATOM   228  C CZ2 . TRP A 1 30  ? 1.128   -3.510  -14.656 1.000 17.326 0 28  TRP AAA CZ2 1 ? 
ATOM   229  C CZ3 . TRP A 1 30  ? -0.575  -1.864  -15.150 1.000 15.259 0 28  TRP AAA CZ3 1 ? 
ATOM   230  C CH2 . TRP A 1 30  ? 0.116   -2.670  -14.256 1.000 16.466 0 28  TRP AAA CH2 1 ? 
ATOM   231  N N   . VAL A 1 31  ? 3.213   -0.641  -20.347 1.000 15.972 0 29  VAL AAA N   1 ? 
ATOM   232  C CA  . VAL A 1 31  ? 4.568   -0.073  -20.136 1.000 15.695 0 29  VAL AAA CA  1 ? 
ATOM   233  C C   . VAL A 1 31  ? 4.388   1.393   -19.686 1.000 16.238 0 29  VAL AAA C   1 ? 
ATOM   234  O O   . VAL A 1 31  ? 5.118   1.864   -18.774 1.000 15.903 0 29  VAL AAA O   1 ? 
ATOM   235  C CB  . VAL A 1 31  ? 5.387   -0.226  -21.420 1.000 17.447 0 29  VAL AAA CB  1 ? 
ATOM   236  C CG1 . VAL A 1 31  ? 6.703   0.527   -21.305 1.000 17.324 0 29  VAL AAA CG1 1 ? 
ATOM   237  C CG2 . VAL A 1 31  ? 5.679   -1.711  -21.678 1.000 18.786 0 29  VAL AAA CG2 1 ? 
ATOM   238  N N   . GLN A 1 32  ? 3.517   2.139   -20.362 1.000 15.388 0 30  GLN AAA N   1 ? 
ATOM   239  C CA  . GLN A 1 32  ? 3.281   3.567   -20.036 1.000 15.231 0 30  GLN AAA CA  1 ? 
ATOM   240  C C   . GLN A 1 32  ? 2.710   3.661   -18.632 1.000 13.945 0 30  GLN AAA C   1 ? 
ATOM   241  O O   . GLN A 1 32  ? 3.151   4.478   -17.828 1.000 14.843 0 30  GLN AAA O   1 ? 
ATOM   242  C CB  . GLN A 1 32  ? 2.405   4.221   -21.100 1.000 15.304 0 30  GLN AAA CB  1 ? 
ATOM   243  C CG  . GLN A 1 32  ? 1.919   5.620   -20.747 1.000 15.559 0 30  GLN AAA CG  1 ? 
ATOM   244  C CD  . GLN A 1 32  ? 3.021   6.613   -20.577 1.000 16.625 0 30  GLN AAA CD  1 ? 
ATOM   245  O OE1 . GLN A 1 32  ? 4.002   6.615   -21.326 1.000 16.716 0 30  GLN AAA OE1 1 ? 
ATOM   246  N NE2 . GLN A 1 32  ? 2.858   7.498   -19.626 1.000 16.655 0 30  GLN AAA NE2 1 ? 
ATOM   247  N N   . ARG A 1 33  ? 1.713   2.871   -18.292 1.000 14.648 0 31  ARG AAA N   1 ? 
ATOM   248  C CA  . ARG A 1 33  ? 1.127   2.907   -16.926 1.000 14.763 0 31  ARG AAA CA  1 ? 
ATOM   249  C C   . ARG A 1 33  ? 2.226   2.623   -15.915 1.000 15.044 0 31  ARG AAA C   1 ? 
ATOM   250  O O   . ARG A 1 33  ? 2.261   3.278   -14.865 1.000 14.890 0 31  ARG AAA O   1 ? 
ATOM   251  C CB  . ARG A 1 33  ? -0.001  1.871   -16.818 1.000 14.825 0 31  ARG AAA CB  1 ? 
ATOM   252  C CG  . ARG A 1 33  ? -0.624  1.808   -15.428 1.000 14.175 0 31  ARG AAA CG  1 ? 
ATOM   253  C CD  . ARG A 1 33  ? -1.299  3.077   -14.955 1.000 15.021 0 31  ARG AAA CD  1 ? 
ATOM   254  N NE  . ARG A 1 33  ? -1.839  2.934   -13.626 1.000 14.411 0 31  ARG AAA NE  1 ? 
ATOM   255  C CZ  . ARG A 1 33  ? -2.876  3.639   -13.147 1.000 14.850 0 31  ARG AAA CZ  1 ? 
ATOM   256  N NH1 . ARG A 1 33  ? -3.623  4.368   -13.967 1.000 15.133 0 31  ARG AAA NH1 1 ? 
ATOM   257  N NH2 . ARG A 1 33  ? -3.160  3.513   -11.869 1.000 15.051 0 31  ARG AAA NH2 1 ? 
ATOM   258  N N   . LEU A 1 34  ? 3.129   1.651   -16.148 1.000 13.884 0 32  LEU AAA N   1 ? 
ATOM   259  C CA  . LEU A 1 34  ? 4.243   1.369   -15.209 1.000 14.874 0 32  LEU AAA CA  1 ? 
ATOM   260  C C   . LEU A 1 34  ? 5.199   2.565   -15.041 1.000 15.053 0 32  LEU AAA C   1 ? 
ATOM   261  O O   . LEU A 1 34  ? 5.646   2.768   -13.910 1.000 14.913 0 32  LEU AAA O   1 ? 
ATOM   262  C CB  . LEU A 1 34  ? 5.011   0.118   -15.633 1.000 15.580 0 32  LEU AAA CB  1 ? 
ATOM   263  C CG  . LEU A 1 34  ? 4.239   -1.178  -15.400 1.000 16.882 0 32  LEU AAA CG  1 ? 
ATOM   264  C CD1 . LEU A 1 34  ? 4.995   -2.324  -16.118 1.000 17.941 0 32  LEU AAA CD1 1 ? 
ATOM   265  C CD2 . LEU A 1 34  ? 4.114   -1.494  -13.928 1.000 17.875 0 32  LEU AAA CD2 1 ? 
ATOM   266  N N   . LYS A 1 35  ? 5.465   3.334   -16.092 1.000 14.572 0 33  LYS AAA N   1 ? 
ATOM   267  C CA  . LYS A 1 35  ? 6.285   4.565   -15.925 1.000 14.384 0 33  LYS AAA CA  1 ? 
ATOM   268  C C   . LYS A 1 35  ? 5.557   5.465   -14.926 1.000 14.320 0 33  LYS AAA C   1 ? 
ATOM   269  O O   . LYS A 1 35  ? 6.213   6.001   -13.999 1.000 16.258 0 33  LYS AAA O   1 ? 
ATOM   270  C CB  . LYS A 1 35  ? 6.404   5.359   -17.228 1.000 16.037 0 33  LYS AAA CB  1 ? 
ATOM   271  C CG  . LYS A 1 35  ? 7.173   4.627   -18.278 1.000 16.469 0 33  LYS AAA CG  1 ? 
ATOM   272  C CD  . LYS A 1 35  ? 7.223   5.383   -19.549 1.000 17.627 0 33  LYS AAA CD  1 ? 
ATOM   273  C CE  . LYS A 1 35  ? 8.040   4.639   -20.546 1.000 18.275 0 33  LYS AAA CE  1 ? 
ATOM   274  N NZ  . LYS A 1 35  ? 8.009   5.295   -21.859 1.000 19.071 0 33  LYS AAA NZ  1 ? 
ATOM   275  N N   . GLU A 1 36  ? 4.256   5.617   -15.076 1.000 14.319 0 34  GLU AAA N   1 ? 
ATOM   276  C CA  . GLU A 1 36  ? 3.468   6.483   -14.159 1.000 14.456 0 34  GLU AAA CA  1 ? 
ATOM   277  C C   . GLU A 1 36  ? 3.538   5.921   -12.744 1.000 14.017 0 34  GLU AAA C   1 ? 
ATOM   278  O O   . GLU A 1 36  ? 3.652   6.676   -11.767 1.000 15.106 0 34  GLU AAA O   1 ? 
ATOM   279  C CB  . GLU A 1 36  ? 2.036   6.626   -14.675 1.000 14.319 0 34  GLU AAA CB  1 ? 
ATOM   280  C CG  . GLU A 1 36  ? 1.924   7.290   -16.018 1.000 15.007 0 34  GLU AAA CG  1 ? 
ATOM   281  C CD  . GLU A 1 36  ? 0.569   7.154   -16.685 1.000 16.887 0 34  GLU AAA CD  1 ? 
ATOM   282  O OE1 . GLU A 1 36  ? -0.413  6.714   -16.044 1.000 16.964 0 34  GLU AAA OE1 1 ? 
ATOM   283  O OE2 . GLU A 1 36  ? 0.519   7.437   -17.921 1.000 16.856 0 34  GLU AAA OE2 1 ? 
ATOM   284  N N   . GLU A 1 37  ? 3.347   4.605   -12.598 1.000 13.762 0 35  GLU AAA N   1 ? 
ATOM   285  C CA  . GLU A 1 37  ? 3.371   3.979   -11.271 1.000 14.054 0 35  GLU AAA CA  1 ? 
ATOM   286  C C   . GLU A 1 37  ? 4.703   4.232   -10.579 1.000 12.929 0 35  GLU AAA C   1 ? 
ATOM   287  O O   . GLU A 1 37  ? 4.747   4.552   -9.384  1.000 13.414 0 35  GLU AAA O   1 ? 
ATOM   288  C CB  . GLU A 1 37  ? 3.122   2.489   -11.377 1.000 14.190 0 35  GLU AAA CB  1 ? 
ATOM   289  C CG  . GLU A 1 37  ? 1.753   2.115   -11.869 1.000 15.326 0 35  GLU AAA CG  1 ? 
ATOM   290  C CD  . GLU A 1 37  ? 0.640   2.301   -10.858 1.000 16.231 0 35  GLU AAA CD  1 ? 
ATOM   291  O OE1 . GLU A 1 37  ? 0.878   2.643   -9.691  1.000 15.925 0 35  GLU AAA OE1 1 ? 
ATOM   292  O OE2 . GLU A 1 37  ? -0.517  2.060   -11.254 1.000 16.305 0 35  GLU AAA OE2 1 ? 
ATOM   293  N N   . TYR A 1 38  ? 5.802   4.004   -11.299 1.000 13.797 0 36  TYR AAA N   1 ? 
ATOM   294  C CA  . TYR A 1 38  ? 7.124   4.150   -10.647 1.000 15.103 0 36  TYR AAA CA  1 ? 
ATOM   295  C C   . TYR A 1 38  ? 7.409   5.607   -10.325 1.000 14.338 0 36  TYR AAA C   1 ? 
ATOM   296  O O   . TYR A 1 38  ? 7.928   5.879   -9.230  1.000 15.692 0 36  TYR AAA O   1 ? 
ATOM   297  C CB  . TYR A 1 38  ? 8.200   3.558   -11.572 1.000 16.023 0 36  TYR AAA CB  1 ? 
ATOM   298  C CG  . TYR A 1 38  ? 8.472   2.083   -11.378 1.000 16.789 0 36  TYR AAA CG  1 ? 
ATOM   299  C CD1 . TYR A 1 38  ? 9.263   1.650   -10.336 1.000 18.926 0 36  TYR AAA CD1 1 ? 
ATOM   300  C CD2 . TYR A 1 38  ? 7.831   1.115   -12.154 1.000 18.175 0 36  TYR AAA CD2 1 ? 
ATOM   301  C CE1 . TYR A 1 38  ? 9.533   0.300   -10.127 1.000 21.228 0 36  TYR AAA CE1 1 ? 
ATOM   302  C CE2 . TYR A 1 38  ? 8.069   -0.239  -11.942 1.000 20.943 0 36  TYR AAA CE2 1 ? 
ATOM   303  C CZ  . TYR A 1 38  ? 8.911   -0.637  -10.930 1.000 22.317 0 36  TYR AAA CZ  1 ? 
ATOM   304  O OH  . TYR A 1 38  ? 9.204   -1.969  -10.689 1.000 25.656 0 36  TYR AAA OH  1 ? 
ATOM   305  N N   . GLN A 1 39  ? 6.958   6.521   -11.176 1.000 14.433 0 37  GLN AAA N   1 ? 
ATOM   306  C CA  . GLN A 1 39  ? 7.222   7.937   -10.863 1.000 15.223 0 37  GLN AAA CA  1 ? 
ATOM   307  C C   . GLN A 1 39  ? 6.363   8.351   -9.692  1.000 14.776 0 37  GLN AAA C   1 ? 
ATOM   308  O O   . GLN A 1 39  ? 6.822   9.186   -8.863  1.000 16.652 0 37  GLN AAA O   1 ? 
ATOM   309  C CB  . GLN A 1 39  ? 7.053   8.808   -12.085 1.000 16.595 0 37  GLN AAA CB  1 ? 
ATOM   310  C CG  . GLN A 1 39  ? 8.241   8.668   -13.056 1.000 18.743 0 37  GLN AAA CG  1 ? 
ATOM   311  C CD  . GLN A 1 39  ? 9.595   9.157   -12.554 1.000 22.645 0 37  GLN AAA CD  1 ? 
ATOM   312  O OE1 . GLN A 1 39  ? 10.662  8.502   -12.705 1.000 28.625 0 37  GLN AAA OE1 1 ? 
ATOM   313  N NE2 . GLN A 1 39  ? 9.609   10.312  -11.911 1.000 23.472 0 37  GLN AAA NE2 1 ? 
ATOM   314  N N   . SER A 1 40  ? 5.148   7.845   -9.572  1.000 13.753 0 38  SER AAA N   1 ? 
ATOM   315  C CA  . SER A 1 40  ? 4.284   8.188   -8.419  1.000 13.429 0 38  SER AAA CA  1 ? 
ATOM   316  C C   . SER A 1 40  ? 4.867   7.596   -7.130  1.000 13.306 0 38  SER AAA C   1 ? 
ATOM   317  O O   . SER A 1 40  ? 4.933   8.269   -6.089  1.000 13.165 0 38  SER AAA O   1 ? 
ATOM   318  C CB  . SER A 1 40  ? 2.909   7.694   -8.726  1.000 13.382 0 38  SER AAA CB  1 ? 
ATOM   319  O OG  . SER A 1 40  ? 2.020   8.003   -7.689  1.000 17.729 0 38  SER AAA OG  1 ? 
ATOM   320  N N   . LEU A 1 41  ? 5.316   6.328   -7.195  1.000 13.231 0 39  LEU AAA N   1 ? 
ATOM   321  C CA  . LEU A 1 41  ? 5.910   5.693   -6.014  1.000 13.969 0 39  LEU AAA CA  1 ? 
ATOM   322  C C   . LEU A 1 41  ? 7.143   6.448   -5.525  1.000 14.338 0 39  LEU AAA C   1 ? 
ATOM   323  O O   . LEU A 1 41  ? 7.308   6.602   -4.325  1.000 14.388 0 39  LEU AAA O   1 ? 
ATOM   324  C CB  . LEU A 1 41  ? 6.262   4.228   -6.290  1.000 14.610 0 39  LEU AAA CB  1 ? 
ATOM   325  C CG  . LEU A 1 41  ? 5.082   3.281   -6.237  1.000 15.498 0 39  LEU AAA CG  1 ? 
ATOM   326  C CD1 . LEU A 1 41  ? 5.431   1.957   -6.884  1.000 16.163 0 39  LEU AAA CD1 1 ? 
ATOM   327  C CD2 . LEU A 1 41  ? 4.624   3.010   -4.814  1.000 15.211 0 39  LEU AAA CD2 1 ? 
ATOM   328  N N   . ILE A 1 42  ? 8.023   6.839   -6.444  1.000 15.211 0 40  ILE AAA N   1 ? 
ATOM   329  C CA  . ILE A 1 42  ? 9.330   7.393   -5.998  1.000 14.992 0 40  ILE AAA CA  1 ? 
ATOM   330  C C   . ILE A 1 42  ? 9.079   8.784   -5.424  1.000 14.842 0 40  ILE AAA C   1 ? 
ATOM   331  O O   . ILE A 1 42  ? 9.712   9.146   -4.420  1.000 15.909 0 40  ILE AAA O   1 ? 
ATOM   332  C CB  . ILE A 1 42  ? 10.412  7.322   -7.075  1.000 17.704 0 40  ILE AAA CB  1 ? 
ATOM   333  C CG1 . ILE A 1 42  ? 11.780  7.549   -6.426  1.000 21.793 0 40  ILE AAA CG1 1 ? 
ATOM   334  C CG2 . ILE A 1 42  ? 10.167  8.284   -8.197  1.000 17.963 0 40  ILE AAA CG2 1 ? 
ATOM   335  C CD1 . ILE A 1 42  ? 12.184  6.458   -5.397  1.000 25.084 0 40  ILE AAA CD1 1 ? 
ATOM   336  N N   . ARG A 1 43  ? 8.127   9.522   -5.955  1.000 14.126 0 41  ARG AAA N   1 ? 
ATOM   337  C CA  . ARG A 1 43  ? 7.787   10.813  -5.320  1.000 15.592 0 41  ARG AAA CA  1 ? 
ATOM   338  C C   . ARG A 1 43  ? 7.188   10.610  -3.941  1.000 14.894 0 41  ARG AAA C   1 ? 
ATOM   339  O O   . ARG A 1 43  ? 7.503   11.374  -2.995  1.000 15.402 0 41  ARG AAA O   1 ? 
ATOM   340  C CB  . ARG A 1 43  ? 6.914   11.657  -6.238  1.000 14.814 0 41  ARG AAA CB  1 ? 
ATOM   341  C CG  . ARG A 1 43  ? 6.393   12.926  -5.595  1.000 15.889 0 41  ARG AAA CG  1 ? 
ATOM   342  C CD  . ARG A 1 43  ? 7.491   13.925  -5.232  1.000 17.420 0 41  ARG AAA CD  1 ? 
ATOM   343  N NE  . ARG A 1 43  ? 6.952   15.103  -4.521  1.000 18.431 0 41  ARG AAA NE  1 ? 
ATOM   344  C CZ  . ARG A 1 43  ? 6.419   16.207  -5.048  1.000 19.315 0 41  ARG AAA CZ  1 ? 
ATOM   345  N NH1 . ARG A 1 43  ? 6.369   16.381  -6.348  1.000 23.195 0 41  ARG AAA NH1 1 ? 
ATOM   346  N NH2 . ARG A 1 43  ? 6.047   17.196  -4.241  1.000 20.489 0 41  ARG AAA NH2 1 ? 
ATOM   347  N N   . TYR A 1 44  ? 6.343   9.598   -3.776  1.000 13.414 0 42  TYR AAA N   1 ? 
ATOM   348  C CA  . TYR A 1 44  ? 5.756   9.329   -2.457  1.000 13.853 0 42  TYR AAA CA  1 ? 
ATOM   349  C C   . TYR A 1 44  ? 6.861   8.953   -1.464  1.000 14.130 0 42  TYR AAA C   1 ? 
ATOM   350  O O   . TYR A 1 44  ? 6.838   9.458   -0.343  1.000 14.438 0 42  TYR AAA O   1 ? 
ATOM   351  C CB  . TYR A 1 44  ? 4.711   8.229   -2.636  1.000 13.763 0 42  TYR AAA CB  1 ? 
ATOM   352  C CG  . TYR A 1 44  ? 3.986   7.849   -1.373  1.000 11.775 0 42  TYR AAA CG  1 ? 
ATOM   353  C CD1 . TYR A 1 44  ? 3.523   8.768   -0.459  1.000 13.486 0 42  TYR AAA CD1 1 ? 
ATOM   354  C CD2 . TYR A 1 44  ? 3.795   6.511   -1.065  1.000 13.456 0 42  TYR AAA CD2 1 ? 
ATOM   355  C CE1 . TYR A 1 44  ? 2.932   8.372   0.737   1.000 13.044 0 42  TYR AAA CE1 1 ? 
ATOM   356  C CE2 . TYR A 1 44  ? 3.223   6.114   0.115   1.000 15.156 0 42  TYR AAA CE2 1 ? 
ATOM   357  C CZ  . TYR A 1 44  ? 2.769   7.038   1.038   1.000 13.209 0 42  TYR AAA CZ  1 ? 
ATOM   358  O OH  . TYR A 1 44  ? 2.206   6.693   2.249   1.000 14.660 0 42  TYR AAA OH  1 ? 
ATOM   359  N N   . VAL A 1 45  ? 7.801   8.088   -1.852  1.000 15.551 0 43  VAL AAA N   1 ? 
ATOM   360  C CA  . VAL A 1 45  ? 8.942   7.732   -0.973  1.000 15.231 0 43  VAL AAA CA  1 ? 
ATOM   361  C C   . VAL A 1 45  ? 9.760   8.978   -0.615  1.000 15.165 0 43  VAL AAA C   1 ? 
ATOM   362  O O   . VAL A 1 45  ? 10.097  9.137   0.577   1.000 15.559 0 43  VAL AAA O   1 ? 
ATOM   363  C CB  . VAL A 1 45  ? 9.845   6.680   -1.646  1.000 15.656 0 43  VAL AAA CB  1 ? 
ATOM   364  C CG1 . VAL A 1 45  ? 11.135  6.502   -0.859  1.000 17.218 0 43  VAL AAA CG1 1 ? 
ATOM   365  C CG2 . VAL A 1 45  ? 9.126   5.358   -1.798  1.000 16.463 0 43  VAL AAA CG2 1 ? 
ATOM   366  N N   . GLU A 1 46  ? 10.029  9.863   -1.585  1.000 15.465 0 44  GLU AAA N   1 ? 
ATOM   367  C CA  . GLU A 1 46  ? 10.828  11.094  -1.320  1.000 17.450 0 44  GLU AAA CA  1 ? 
ATOM   368  C C   . GLU A 1 46  ? 10.029  11.915  -0.310  1.000 17.377 0 44  GLU AAA C   1 ? 
ATOM   369  O O   . GLU A 1 46  ? 10.592  12.502  0.686   1.000 18.287 0 44  GLU AAA O   1 ? 
ATOM   370  C CB  . GLU A 1 46  ? 11.089  11.854  -2.619  1.000 18.733 0 44  GLU AAA CB  1 ? 
ATOM   371  C CG  . GLU A 1 46  ? 11.753  13.207  -2.425  1.000 26.751 0 44  GLU AAA CG  1 ? 
ATOM   372  N N   . ASN A 1 47  ? 8.734   12.081  -0.491  1.000 14.393 0 45  ASN AAA N   1 ? 
ATOM   373  C CA  . ASN A 1 47  ? 7.877   12.866  0.432   1.000 15.635 0 45  ASN AAA CA  1 ? 
ATOM   374  C C   . ASN A 1 47  ? 7.938   12.234  1.838   1.000 16.184 0 45  ASN AAA C   1 ? 
ATOM   375  O O   . ASN A 1 47  ? 8.022   12.937  2.880   1.000 16.283 0 45  ASN AAA O   1 ? 
ATOM   376  C CB  . ASN A 1 47  ? 6.414   12.922  -0.013  1.000 16.424 0 45  ASN AAA CB  1 ? 
ATOM   377  C CG  . ASN A 1 47  ? 6.155   13.643  -1.322  1.000 18.959 0 45  ASN AAA CG  1 ? 
ATOM   378  O OD1 . ASN A 1 47  ? 7.009   14.361  -1.822  1.000 19.135 0 45  ASN AAA OD1 1 ? 
ATOM   379  N ND2 . ASN A 1 47  ? 4.973   13.432  -1.837  1.000 19.361 0 45  ASN AAA ND2 1 ? 
ATOM   380  N N   . ASN A 1 48  ? 7.844   10.907  1.904   1.000 15.070 0 46  ASN AAA N   1 ? 
ATOM   381  C CA  . ASN A 1 48  ? 7.925   10.185  3.184   1.000 15.202 0 46  ASN AAA CA  1 ? 
ATOM   382  C C   . ASN A 1 48  ? 9.249   10.427  3.897   1.000 15.565 0 46  ASN AAA C   1 ? 
ATOM   383  O O   . ASN A 1 48  ? 9.255   10.707  5.119   1.000 16.000 0 46  ASN AAA O   1 ? 
ATOM   384  C CB  . ASN A 1 48  ? 7.734   8.675   2.953   1.000 15.262 0 46  ASN AAA CB  1 ? 
ATOM   385  C CG  . ASN A 1 48  ? 6.305   8.311   2.578   1.000 15.356 0 46  ASN AAA CG  1 ? 
ATOM   386  O OD1 . ASN A 1 48  ? 5.410   9.114   2.794   1.000 17.018 0 46  ASN AAA OD1 1 ? 
ATOM   387  N ND2 . ASN A 1 48  ? 6.120   7.131   2.016   1.000 16.210 0 46  ASN AAA ND2 1 ? 
ATOM   388  N N   . LYS A 1 49  ? 10.354  10.335  3.166   1.000 16.509 0 47  LYS AAA N   1 ? 
ATOM   389  C CA  . LYS A 1 49  ? 11.686  10.630  3.752   1.000 17.246 0 47  LYS AAA CA  1 ? 
ATOM   390  C C   . LYS A 1 49  ? 11.759  12.040  4.324   1.000 16.467 0 47  LYS AAA C   1 ? 
ATOM   391  O O   . LYS A 1 49  ? 12.249  12.199  5.459   1.000 19.282 0 47  LYS AAA O   1 ? 
ATOM   392  C CB  . LYS A 1 49  ? 12.770  10.444  2.719   1.000 18.159 0 47  LYS AAA CB  1 ? 
ATOM   393  C CG  . LYS A 1 49  ? 13.069  8.997   2.425   1.000 21.690 0 47  LYS AAA CG  1 ? 
ATOM   394  C CD  . LYS A 1 49  ? 14.154  8.819   1.378   1.000 24.568 0 47  LYS AAA CD  1 ? 
ATOM   395  C CE  . LYS A 1 49  ? 14.450  7.355   1.118   1.000 27.839 0 47  LYS AAA CE  1 ? 
ATOM   396  N NZ  . LYS A 1 49  ? 15.499  7.161   0.080   1.000 33.574 0 47  LYS AAA NZ  1 ? 
ATOM   397  N N   . ASN A 1 50  ? 11.180  13.010  3.653   1.000 16.775 0 48  ASN AAA N   1 ? 
ATOM   398  C CA  . ASN A 1 50  ? 11.217  14.416  4.124   1.000 19.286 0 48  ASN AAA CA  1 ? 
ATOM   399  C C   . ASN A 1 50  ? 10.314  14.606  5.333   1.000 20.929 0 48  ASN AAA C   1 ? 
ATOM   400  O O   . ASN A 1 50  ? 10.448  15.645  6.005   1.000 24.925 0 48  ASN AAA O   1 ? 
ATOM   401  C CB  . ASN A 1 50  ? 10.790  15.379  3.021   1.000 21.701 0 48  ASN AAA CB  1 ? 
ATOM   402  C CG  . ASN A 1 50  ? 11.874  15.526  1.983   1.000 26.754 0 48  ASN AAA CG  1 ? 
ATOM   403  O OD1 . ASN A 1 50  ? 13.073  15.509  2.309   1.000 32.962 0 48  ASN AAA OD1 1 ? 
ATOM   404  N ND2 . ASN A 1 50  ? 11.451  15.703  0.753   1.000 28.792 0 48  ASN AAA ND2 1 ? 
ATOM   405  N N   . ALA A 1 51  ? 9.406   13.670  5.626   1.000 17.820 0 49  ALA AAA N   1 ? 
ATOM   406  C CA  . ALA A 1 51  ? 8.482   13.708  6.775   1.000 19.157 0 49  ALA AAA CA  1 ? 
ATOM   407  C C   . ALA A 1 51  ? 8.873   12.689  7.855   1.000 16.744 0 49  ALA AAA C   1 ? 
ATOM   408  O O   . ALA A 1 51  ? 8.052   12.459  8.731   1.000 17.509 0 49  ALA AAA O   1 ? 
ATOM   409  C CB  . ALA A 1 51  ? 7.093   13.462  6.307   1.000 23.870 0 49  ALA AAA CB  1 ? 
ATOM   410  N N   . ASP A 1 52  ? 10.096  12.170  7.817   1.000 17.646 0 50  ASP AAA N   1 ? 
ATOM   411  C CA  . ASP A 1 52  ? 10.626  11.182  8.784   1.000 18.474 0 50  ASP AAA CA  1 ? 
ATOM   412  C C   . ASP A 1 52  ? 9.660   10.002  8.883   1.000 19.189 0 50  ASP AAA C   1 ? 
ATOM   413  O O   . ASP A 1 52  ? 9.463   9.438   9.984   1.000 19.583 0 50  ASP AAA O   1 ? 
ATOM   414  C CB  . ASP A 1 52  ? 10.846  11.773  10.177  1.000 20.729 0 50  ASP AAA CB  1 ? 
ATOM   415  C CG  . ASP A 1 52  ? 11.633  10.862  11.102  1.000 26.950 0 50  ASP AAA CG  1 ? 
ATOM   416  O OD1 . ASP A 1 52  ? 12.482  10.080  10.579  1.000 29.820 0 50  ASP AAA OD1 1 ? 
ATOM   417  O OD2 . ASP A 1 52  ? 11.298  10.811  12.308  1.000 29.732 0 50  ASP AAA OD2 1 ? 
ATOM   418  N N   . ASN A 1 53  ? 9.084   9.616   7.744   1.000 17.928 0 51  ASN AAA N   1 ? 
ATOM   419  C CA  . ASN A 1 53  ? 8.112   8.502   7.699   1.000 16.648 0 51  ASN AAA CA  1 ? 
ATOM   420  C C   . ASN A 1 53  ? 8.375   7.624   6.488   1.000 16.328 0 51  ASN AAA C   1 ? 
ATOM   421  O O   . ASN A 1 53  ? 7.401   7.214   5.805   1.000 15.387 0 51  ASN AAA O   1 ? 
ATOM   422  C CB  . ASN A 1 53  ? 6.676   9.025   7.648   1.000 17.830 0 51  ASN AAA CB  1 ? 
ATOM   423  C CG  . ASN A 1 53  ? 5.689   7.954   8.007   1.000 21.375 0 51  ASN AAA CG  1 ? 
ATOM   424  O OD1 . ASN A 1 53  ? 5.913   7.249   8.997   1.000 27.294 0 51  ASN AAA OD1 1 ? 
ATOM   425  N ND2 . ASN A 1 53  ? 4.653   7.819   7.218   1.000 22.648 0 51  ASN AAA ND2 1 ? 
ATOM   426  N N   . ASP A 1 54  ? 9.628   7.274   6.222   1.000 17.017 0 52  ASP AAA N   1 ? 
ATOM   427  C CA  . ASP A 1 54  ? 9.998   6.339   5.159   1.000 17.773 0 52  ASP AAA CA  1 ? 
ATOM   428  C C   . ASP A 1 54  ? 9.620   4.939   5.634   1.000 20.986 0 52  ASP AAA C   1 ? 
ATOM   429  O O   . ASP A 1 54  ? 10.273  4.431   6.554   1.000 28.649 0 52  ASP AAA O   1 ? 
ATOM   430  C CB  . ASP A 1 54  ? 11.494  6.411   4.926   1.000 19.316 0 52  ASP AAA CB  1 ? 
ATOM   431  C CG  . ASP A 1 54  ? 11.924  5.656   3.696   1.000 21.391 0 52  ASP AAA CG  1 ? 
ATOM   432  O OD1 . ASP A 1 54  ? 11.066  5.318   2.858   1.000 19.859 0 52  ASP AAA OD1 1 ? 
ATOM   433  O OD2 . ASP A 1 54  ? 13.167  5.445   3.564   1.000 23.168 0 52  ASP AAA OD2 1 ? 
ATOM   434  N N   . TRP A 1 55  ? 8.566   4.352   5.117   1.000 15.363 0 53  TRP AAA N   1 ? 
ATOM   435  C CA  . TRP A 1 55  ? 7.915   3.219   5.798   1.000 14.516 0 53  TRP AAA CA  1 ? 
ATOM   436  C C   . TRP A 1 55  ? 7.776   2.002   4.869   1.000 13.396 0 53  TRP AAA C   1 ? 
ATOM   437  O O   . TRP A 1 55  ? 7.231   0.994   5.338   1.000 14.476 0 53  TRP AAA O   1 ? 
ATOM   438  C CB  . TRP A 1 55  ? 6.545   3.606   6.368   1.000 14.429 0 53  TRP AAA CB  1 ? 
ATOM   439  C CG  . TRP A 1 55  ? 5.463   3.968   5.381   1.000 14.211 0 53  TRP AAA CG  1 ? 
ATOM   440  C CD1 . TRP A 1 55  ? 5.213   5.169   4.770   1.000 13.645 0 53  TRP AAA CD1 1 ? 
ATOM   441  C CD2 . TRP A 1 55  ? 4.419   3.071   4.923   1.000 13.102 0 53  TRP AAA CD2 1 ? 
ATOM   442  N NE1 . TRP A 1 55  ? 4.100   5.066   4.003   1.000 13.940 0 53  TRP AAA NE1 1 ? 
ATOM   443  C CE2 . TRP A 1 55  ? 3.584   3.799   4.062   1.000 13.105 0 53  TRP AAA CE2 1 ? 
ATOM   444  C CE3 . TRP A 1 55  ? 4.089   1.742   5.198   1.000 14.420 0 53  TRP AAA CE3 1 ? 
ATOM   445  C CZ2 . TRP A 1 55  ? 2.463   3.219   3.482   1.000 13.841 0 53  TRP AAA CZ2 1 ? 
ATOM   446  C CZ3 . TRP A 1 55  ? 3.037   1.158   4.558   1.000 13.863 0 53  TRP AAA CZ3 1 ? 
ATOM   447  C CH2 . TRP A 1 55  ? 2.180   1.894   3.739   1.000 13.916 0 53  TRP AAA CH2 1 ? 
ATOM   448  N N   . PHE A 1 56  ? 8.233   2.060   3.629   1.000 14.506 0 54  PHE AAA N   1 ? 
ATOM   449  C CA  . PHE A 1 56  ? 8.113   0.874   2.768   1.000 15.589 0 54  PHE AAA CA  1 ? 
ATOM   450  C C   . PHE A 1 56  ? 9.118   0.944   1.632   1.000 16.819 0 54  PHE AAA C   1 ? 
ATOM   451  O O   . PHE A 1 56  ? 9.629   2.028   1.266   1.000 15.477 0 54  PHE AAA O   1 ? 
ATOM   452  C CB  . PHE A 1 56  ? 6.692   0.721   2.184   1.000 15.439 0 54  PHE AAA CB  1 ? 
ATOM   453  C CG  . PHE A 1 56  ? 6.428   1.647   1.035   1.000 14.642 0 54  PHE AAA CG  1 ? 
ATOM   454  C CD1 . PHE A 1 56  ? 6.674   1.247   -0.257  1.000 16.680 0 54  PHE AAA CD1 1 ? 
ATOM   455  C CD2 . PHE A 1 56  ? 6.054   2.959   1.248   1.000 15.933 0 54  PHE AAA CD2 1 ? 
ATOM   456  C CE1 . PHE A 1 56  ? 6.512   2.098   -1.327  1.000 15.541 0 54  PHE AAA CE1 1 ? 
ATOM   457  C CE2 . PHE A 1 56  ? 5.874   3.812   0.171   1.000 15.903 0 54  PHE AAA CE2 1 ? 
ATOM   458  C CZ  . PHE A 1 56  ? 6.092   3.394   -1.116  1.000 16.715 0 54  PHE AAA CZ  1 ? 
ATOM   459  N N   . ARG A 1 57  ? 9.347   -0.226  1.071   1.000 15.514 0 55  ARG AAA N   1 ? 
ATOM   460  C CA  . ARG A 1 57  ? 10.019  -0.401  -0.215  1.000 16.547 0 55  ARG AAA CA  1 ? 
ATOM   461  C C   . ARG A 1 57  ? 9.204   -1.351  -1.069  1.000 17.338 0 55  ARG AAA C   1 ? 
ATOM   462  O O   . ARG A 1 57  ? 8.640   -2.340  -0.498  1.000 18.362 0 55  ARG AAA O   1 ? 
ATOM   463  C CB  . ARG A 1 57  ? 11.449  -0.951  -0.017  1.000 17.079 0 55  ARG AAA CB  1 ? 
ATOM   464  C CG  . ARG A 1 57  ? 12.398  0.014   0.669   1.000 19.863 0 55  ARG AAA CG  1 ? 
ATOM   465  C CD  . ARG A 1 57  ? 12.940  1.020   -0.292  1.000 21.630 0 55  ARG AAA CD  1 ? 
ATOM   466  N NE  . ARG A 1 57  ? 13.801  1.953   0.445   1.000 25.811 0 55  ARG AAA NE  1 ? 
ATOM   467  C CZ  . ARG A 1 57  ? 13.355  2.992   1.173   1.000 27.177 0 55  ARG AAA CZ  1 ? 
ATOM   468  N NH1 . ARG A 1 57  ? 12.073  3.301   1.234   1.000 22.641 0 55  ARG AAA NH1 1 ? 
ATOM   469  N NH2 . ARG A 1 57  ? 14.219  3.790   1.776   1.000 31.581 0 55  ARG AAA NH2 1 ? 
ATOM   470  N N   . LEU A 1 58  ? 9.171   -1.135  -2.371  1.000 16.051 0 56  LEU AAA N   1 ? 
ATOM   471  C CA  . LEU A 1 58  ? 8.503   -2.054  -3.321  1.000 17.625 0 56  LEU AAA CA  1 ? 
ATOM   472  C C   . LEU A 1 58  ? 9.383   -2.264  -4.550  1.000 20.606 0 56  LEU AAA C   1 ? 
ATOM   473  O O   . LEU A 1 58  ? 10.043  -1.332  -4.982  1.000 21.031 0 56  LEU AAA O   1 ? 
ATOM   474  C CB  . LEU A 1 58  ? 7.154   -1.479  -3.734  1.000 18.040 0 56  LEU AAA CB  1 ? 
ATOM   475  C CG  . LEU A 1 58  ? 5.982   -1.724  -2.790  1.000 18.424 0 56  LEU AAA CG  1 ? 
ATOM   476  C CD1 . LEU A 1 58  ? 4.760   -0.991  -3.293  1.000 18.796 0 56  LEU AAA CD1 1 ? 
ATOM   477  C CD2 . LEU A 1 58  ? 5.698   -3.220  -2.637  1.000 19.629 0 56  LEU AAA CD2 1 ? 
ATOM   478  N N   . GLU A 1 59  ? 9.326   -3.456  -5.101  1.000 18.833 0 57  GLU AAA N   1 ? 
ATOM   479  C CA  . GLU A 1 59  ? 9.904   -3.796  -6.401  1.000 19.301 0 57  GLU AAA CA  1 ? 
ATOM   480  C C   . GLU A 1 59  ? 8.933   -4.703  -7.123  1.000 16.968 0 57  GLU AAA C   1 ? 
ATOM   481  O O   . GLU A 1 59  ? 7.967   -5.217  -6.505  1.000 17.429 0 57  GLU AAA O   1 ? 
ATOM   482  C CB  . GLU A 1 59  ? 11.283  -4.403  -6.258  1.000 21.212 0 57  GLU AAA CB  1 ? 
ATOM   483  C CG  . GLU A 1 59  ? 11.342  -5.726  -5.601  1.000 27.136 0 57  GLU AAA CG  1 ? 
ATOM   484  C CD  . GLU A 1 59  ? 12.789  -6.080  -5.284  1.000 32.832 0 57  GLU AAA CD  1 ? 
ATOM   485  O OE1 . GLU A 1 59  ? 13.531  -6.377  -6.231  1.000 35.029 0 57  GLU AAA OE1 1 ? 
ATOM   486  O OE2 . GLU A 1 59  ? 13.188  -5.930  -4.121  1.000 33.761 0 57  GLU AAA OE2 1 ? 
ATOM   487  N N   . SER A 1 60  ? 9.134   -4.847  -8.417  1.000 17.084 0 58  SER AAA N   1 ? 
ATOM   488  C CA  . SER A 1 60  ? 8.292   -5.694  -9.263  1.000 17.793 0 58  SER AAA CA  1 ? 
ATOM   489  C C   . SER A 1 60  ? 9.171   -6.607  -10.097 1.000 17.376 0 58  SER AAA C   1 ? 
ATOM   490  O O   . SER A 1 60  ? 10.387  -6.335  -10.273 1.000 18.355 0 58  SER AAA O   1 ? 
ATOM   491  C CB  . SER A 1 60  ? 7.332   -4.904  -10.104 1.000 19.527 0 58  SER AAA CB  1 ? 
ATOM   492  O OG  . SER A 1 60  ? 7.932   -4.289  -11.230 1.000 20.797 0 58  SER AAA OG  1 ? 
ATOM   493  N N   . ASN A 1 61  ? 8.531   -7.627  -10.606 1.000 17.581 0 59  ASN AAA N   1 ? 
ATOM   494  C CA  . ASN A 1 61  ? 9.116   -8.418  -11.701 1.000 20.378 0 59  ASN AAA CA  1 ? 
ATOM   495  C C   . ASN A 1 61  ? 9.237   -7.558  -12.963 1.000 20.471 0 59  ASN AAA C   1 ? 
ATOM   496  O O   . ASN A 1 61  ? 8.760   -6.410  -13.027 1.000 18.077 0 59  ASN AAA O   1 ? 
ATOM   497  C CB  . ASN A 1 61  ? 8.355   -9.714  -11.904 1.000 19.340 0 59  ASN AAA CB  1 ? 
ATOM   498  C CG  . ASN A 1 61  ? 6.928   -9.530  -12.344 1.000 20.026 0 59  ASN AAA CG  1 ? 
ATOM   499  O OD1 . ASN A 1 61  ? 6.414   -8.431  -12.468 1.000 17.863 0 59  ASN AAA OD1 1 ? 
ATOM   500  N ND2 . ASN A 1 61  ? 6.236   -10.621 -12.571 1.000 19.137 0 59  ASN AAA ND2 1 ? 
ATOM   501  N N   . LYS A 1 62  ? 9.865   -8.078  -14.011 1.000 21.420 0 60  LYS AAA N   1 ? 
ATOM   502  C CA  . LYS A 1 62  ? 10.127  -7.245  -15.208 1.000 22.869 0 60  LYS AAA CA  1 ? 
ATOM   503  C C   . LYS A 1 62  ? 8.824   -6.834  -15.890 1.000 19.624 0 60  LYS AAA C   1 ? 
ATOM   504  O O   . LYS A 1 62  ? 8.788   -5.721  -16.411 1.000 22.657 0 60  LYS AAA O   1 ? 
ATOM   505  C CB  . LYS A 1 62  ? 11.054  -7.996  -16.178 1.000 24.417 0 60  LYS AAA CB  1 ? 
ATOM   506  C CG  . LYS A 1 62  ? 11.529  -7.210  -17.393 1.000 33.191 0 60  LYS AAA CG  1 ? 
ATOM   507  N N   . GLU A 1 63  ? 7.777   -7.655  -15.834 1.000 19.969 0 61  GLU AAA N   1 ? 
ATOM   508  C CA  . GLU A 1 63  ? 6.475   -7.419  -16.489 1.000 20.923 0 61  GLU AAA CA  1 ? 
ATOM   509  C C   . GLU A 1 63  ? 5.632   -6.460  -15.620 1.000 20.506 0 61  GLU AAA C   1 ? 
ATOM   510  O O   . GLU A 1 63  ? 4.567   -6.050  -16.097 1.000 22.131 0 61  GLU AAA O   1 ? 
ATOM   511  C CB  . GLU A 1 63  ? 5.722   -8.741  -16.620 1.000 24.593 0 61  GLU AAA CB  1 ? 
ATOM   512  C CG  . GLU A 1 63  ? 6.459   -9.806  -17.435 1.000 31.936 0 61  GLU AAA CG  1 ? 
ATOM   513  C CD  . GLU A 1 63  ? 7.456   -10.724 -16.729 1.000 37.262 0 61  GLU AAA CD  1 ? 
ATOM   514  O OE1 . GLU A 1 63  ? 7.899   -10.466 -15.576 1.000 28.277 0 61  GLU AAA OE1 1 ? 
ATOM   515  O OE2 . GLU A 1 63  ? 7.820   -11.744 -17.366 1.000 41.917 0 61  GLU AAA OE2 1 ? 
ATOM   516  N N   . GLY A 1 64  ? 6.045   -6.202  -14.371 1.000 18.647 0 62  GLY AAA N   1 ? 
ATOM   517  C CA  . GLY A 1 64  ? 5.263   -5.301  -13.469 1.000 19.216 0 62  GLY AAA CA  1 ? 
ATOM   518  C C   . GLY A 1 64  ? 3.968   -5.920  -12.994 1.000 19.542 0 62  GLY AAA C   1 ? 
ATOM   519  O O   . GLY A 1 64  ? 3.093   -5.185  -12.489 1.000 19.887 0 62  GLY AAA O   1 ? 
ATOM   520  N N   . THR A 1 65  ? 3.804   -7.234  -13.064 1.000 18.089 0 63  THR AAA N   1 ? 
ATOM   521  C CA  . THR A 1 65  ? 2.572   -7.941  -12.678 1.000 20.489 0 63  THR AAA CA  1 ? 
ATOM   522  C C   . THR A 1 65  ? 2.652   -8.513  -11.273 1.000 17.426 0 63  THR AAA C   1 ? 
ATOM   523  O O   . THR A 1 65  ? 1.584   -8.871  -10.731 1.000 19.495 0 63  THR AAA O   1 ? 
ATOM   524  C CB  . THR A 1 65  ? 2.315   -9.102  -13.647 1.000 22.881 0 63  THR AAA CB  1 ? 
ATOM   525  O OG1 . THR A 1 65  ? 3.461   -9.950  -13.568 1.000 23.115 0 63  THR AAA OG1 1 ? 
ATOM   526  C CG2 . THR A 1 65  ? 2.070   -8.647  -15.062 1.000 26.886 0 63  THR AAA CG2 1 ? 
ATOM   527  N N   . ARG A 1 66  ? 3.847   -8.628  -10.686 1.000 18.088 0 64  ARG AAA N   1 ? 
ATOM   528  C CA  . ARG A 1 66  ? 4.032   -9.141  -9.313  1.000 19.822 0 64  ARG AAA CA  1 ? 
ATOM   529  C C   . ARG A 1 66  ? 4.936   -8.199  -8.549  1.000 18.742 0 64  ARG AAA C   1 ? 
ATOM   530  O O   . ARG A 1 66  ? 6.015   -7.847  -9.049  1.000 21.288 0 64  ARG AAA O   1 ? 
ATOM   531  C CB  . ARG A 1 66  ? 4.656   -10.539 -9.282  1.000 23.827 0 64  ARG AAA CB  1 ? 
ATOM   532  C CG  . ARG A 1 66  ? 3.841   -11.563 -10.063 1.000 33.379 0 64  ARG AAA CG  1 ? 
ATOM   533  C CD  . ARG A 1 66  ? 2.739   -12.124 -9.194  1.000 43.823 0 64  ARG AAA CD  1 ? 
ATOM   534  N NE  . ARG A 1 66  ? 2.030   -13.251 -9.785  1.000 49.200 0 64  ARG AAA NE  1 ? 
ATOM   535  C CZ  . ARG A 1 66  ? 1.048   -13.146 -10.685 1.000 57.375 0 64  ARG AAA CZ  1 ? 
ATOM   536  N NH1 . ARG A 1 66  ? 0.464   -14.244 -11.140 1.000 60.273 0 64  ARG AAA NH1 1 ? 
ATOM   537  N NH2 . ARG A 1 66  ? 0.653   -11.957 -11.129 1.000 51.649 0 64  ARG AAA NH2 1 ? 
ATOM   538  N N   . TRP A 1 67  ? 4.430   -7.702  -7.426  1.000 17.066 0 65  TRP AAA N   1 ? 
ATOM   539  C CA  . TRP A 1 67  ? 5.085   -6.698  -6.588  1.000 17.012 0 65  TRP AAA CA  1 ? 
ATOM   540  C C   . TRP A 1 67  ? 5.412   -7.298  -5.232  1.000 18.079 0 65  TRP AAA C   1 ? 
ATOM   541  O O   . TRP A 1 67  ? 4.625   -8.100  -4.677  1.000 17.752 0 65  TRP AAA O   1 ? 
ATOM   542  C CB  . TRP A 1 67  ? 4.167   -5.480  -6.446  1.000 16.054 0 65  TRP AAA CB  1 ? 
ATOM   543  C CG  . TRP A 1 67  ? 4.037   -4.737  -7.733  1.000 15.290 0 65  TRP AAA CG  1 ? 
ATOM   544  C CD1 . TRP A 1 67  ? 3.345   -5.120  -8.847  1.000 17.979 0 65  TRP AAA CD1 1 ? 
ATOM   545  C CD2 . TRP A 1 67  ? 4.737   -3.527  -8.091  1.000 15.497 0 65  TRP AAA CD2 1 ? 
ATOM   546  N NE1 . TRP A 1 67  ? 3.528   -4.194  -9.847  1.000 16.191 0 65  TRP AAA NE1 1 ? 
ATOM   547  C CE2 . TRP A 1 67  ? 4.410   -3.248  -9.438  1.000 16.246 0 65  TRP AAA CE2 1 ? 
ATOM   548  C CE3 . TRP A 1 67  ? 5.613   -2.678  -7.413  1.000 16.899 0 65  TRP AAA CE3 1 ? 
ATOM   549  C CZ2 . TRP A 1 67  ? 4.874   -2.116  -10.103 1.000 16.602 0 65  TRP AAA CZ2 1 ? 
ATOM   550  C CZ3 . TRP A 1 67  ? 6.116   -1.581  -8.080  1.000 19.380 0 65  TRP AAA CZ3 1 ? 
ATOM   551  C CH2 . TRP A 1 67  ? 5.752   -1.318  -9.410  1.000 17.950 0 65  TRP AAA CH2 1 ? 
ATOM   552  N N   . PHE A 1 68  ? 6.517   -6.878  -4.652  1.000 17.464 0 66  PHE AAA N   1 ? 
ATOM   553  C CA  . PHE A 1 68  ? 6.980   -7.432  -3.374  1.000 16.933 0 66  PHE AAA CA  1 ? 
ATOM   554  C C   . PHE A 1 68  ? 7.894   -6.421  -2.720  1.000 16.711 0 66  PHE AAA C   1 ? 
ATOM   555  O O   . PHE A 1 68  ? 8.562   -5.623  -3.401  1.000 17.741 0 66  PHE AAA O   1 ? 
ATOM   556  C CB  . PHE A 1 68  ? 7.651   -8.796  -3.541  1.000 18.185 0 66  PHE AAA CB  1 ? 
ATOM   557  C CG  . PHE A 1 68  ? 8.619   -8.877  -4.671  1.000 20.455 0 66  PHE AAA CG  1 ? 
ATOM   558  C CD1 . PHE A 1 68  ? 9.968   -8.720  -4.468  1.000 26.033 0 66  PHE AAA CD1 1 ? 
ATOM   559  C CD2 . PHE A 1 68  ? 8.154   -9.063  -5.969  1.000 23.798 0 66  PHE AAA CD2 1 ? 
ATOM   560  C CE1 . PHE A 1 68  ? 10.857  -8.783  -5.535  1.000 27.487 0 66  PHE AAA CE1 1 ? 
ATOM   561  C CE2 . PHE A 1 68  ? 9.040   -9.093  -7.038  1.000 29.202 0 66  PHE AAA CE2 1 ? 
ATOM   562  C CZ  . PHE A 1 68  ? 10.377  -8.917  -6.815  1.000 27.705 0 66  PHE AAA CZ  1 ? 
ATOM   563  N N   . GLY A 1 69  ? 7.906   -6.449  -1.421  1.000 14.986 0 67  GLY AAA N   1 ? 
ATOM   564  C CA  . GLY A 1 69  ? 8.866   -5.641  -0.648  1.000 16.486 0 67  GLY AAA CA  1 ? 
ATOM   565  C C   . GLY A 1 69  ? 8.619   -5.727  0.827   1.000 16.536 0 67  GLY AAA C   1 ? 
ATOM   566  O O   . GLY A 1 69  ? 8.358   -6.829  1.325   1.000 15.889 0 67  GLY AAA O   1 ? 
ATOM   567  N N   . LYS A 1 70  ? 8.750   -4.621  1.522   1.000 16.506 0 68  LYS AAA N   1 ? 
ATOM   568  C CA  . LYS A 1 70  ? 8.700   -4.636  2.987   1.000 17.502 0 68  LYS AAA CA  1 ? 
ATOM   569  C C   . LYS A 1 70  ? 7.993   -3.364  3.419   1.000 16.851 0 68  LYS AAA C   1 ? 
ATOM   570  O O   . LYS A 1 70  ? 8.082   -2.338  2.700   1.000 17.686 0 68  LYS AAA O   1 ? 
ATOM   571  C CB  . LYS A 1 70  ? 10.099  -4.699  3.618   1.000 22.099 0 68  LYS AAA CB  1 ? 
ATOM   572  C CG  . LYS A 1 70  ? 10.863  -6.011  3.461   1.000 28.904 0 68  LYS AAA CG  1 ? 
ATOM   573  C CD  . LYS A 1 70  ? 12.271  -5.924  4.000   1.000 35.467 0 68  LYS AAA CD  1 ? 
ATOM   574  C CE  . LYS A 1 70  ? 12.837  -7.281  4.365   1.000 39.968 0 68  LYS AAA CE  1 ? 
ATOM   575  N NZ  . LYS A 1 70  ? 12.576  -8.276  3.297   1.000 43.743 0 68  LYS AAA NZ  1 ? 
ATOM   576  N N   . CYS A 1 71  ? 7.327   -3.437  4.556   1.000 16.202 0 69  CYS AAA N   1 ? 
ATOM   577  C CA  . CYS A 1 71  ? 6.905   -2.214  5.246   1.000 16.538 0 69  CYS AAA CA  1 ? 
ATOM   578  C C   . CYS A 1 71  ? 7.447   -2.251  6.671   1.000 15.743 0 69  CYS AAA C   1 ? 
ATOM   579  O O   . CYS A 1 71  ? 7.801   -3.355  7.228   1.000 16.013 0 69  CYS AAA O   1 ? 
ATOM   580  C CB  . CYS A 1 71  ? 5.399   -2.020  5.207   1.000 16.773 0 69  CYS AAA CB  1 ? 
ATOM   581  S SG  . CYS A 1 71  ? 4.431   -3.233  6.125   1.000 18.325 0 69  CYS AAA SG  1 ? 
ATOM   582  N N   . TRP A 1 72  ? 7.511   -1.091  7.294   1.000 16.341 0 70  TRP AAA N   1 ? 
ATOM   583  C CA  . TRP A 1 72  ? 8.048   -0.915  8.656   1.000 18.234 0 70  TRP AAA CA  1 ? 
ATOM   584  C C   . TRP A 1 72  ? 7.005   -0.150  9.458   1.000 17.849 0 70  TRP AAA C   1 ? 
ATOM   585  O O   . TRP A 1 72  ? 6.309   0.716   8.893   1.000 19.858 0 70  TRP AAA O   1 ? 
ATOM   586  C CB  . TRP A 1 72  ? 9.406   -0.176  8.652   1.000 22.306 0 70  TRP AAA CB  1 ? 
ATOM   587  C CG  . TRP A 1 72  ? 10.509  -0.925  7.986   1.000 29.023 0 70  TRP AAA CG  1 ? 
ATOM   588  C CD1 . TRP A 1 72  ? 11.257  -1.937  8.520   1.000 28.883 0 70  TRP AAA CD1 1 ? 
ATOM   589  C CD2 . TRP A 1 72  ? 10.952  -0.782  6.625   1.000 27.829 0 70  TRP AAA CD2 1 ? 
ATOM   590  N NE1 . TRP A 1 72  ? 12.155  -2.416  7.592   1.000 28.979 0 70  TRP AAA NE1 1 ? 
ATOM   591  C CE2 . TRP A 1 72  ? 11.977  -1.737  6.415   1.000 28.565 0 70  TRP AAA CE2 1 ? 
ATOM   592  C CE3 . TRP A 1 72  ? 10.594  0.055   5.573   1.000 28.868 0 70  TRP AAA CE3 1 ? 
ATOM   593  C CZ2 . TRP A 1 72  ? 12.652  -1.846  5.198   1.000 30.328 0 70  TRP AAA CZ2 1 ? 
ATOM   594  C CZ3 . TRP A 1 72  ? 11.274  -0.032  4.378   1.000 27.894 0 70  TRP AAA CZ3 1 ? 
ATOM   595  C CH2 . TRP A 1 72  ? 12.266  -0.996  4.180   1.000 30.373 0 70  TRP AAA CH2 1 ? 
ATOM   596  N N   . TYR A 1 73  ? 6.952   -0.379  10.742  1.000 16.575 0 71  TYR AAA N   1 ? 
ATOM   597  C CA  . TYR A 1 73  ? 5.999   0.270   11.661  1.000 16.937 0 71  TYR AAA CA  1 ? 
ATOM   598  C C   . TYR A 1 73  ? 6.770   0.577   12.932  1.000 17.651 0 71  TYR AAA C   1 ? 
ATOM   599  O O   . TYR A 1 73  ? 7.372   -0.364  13.485  1.000 17.677 0 71  TYR AAA O   1 ? 
ATOM   600  C CB  . TYR A 1 73  ? 4.792   -0.647  11.857  1.000 17.470 0 71  TYR AAA CB  1 ? 
ATOM   601  C CG  . TYR A 1 73  ? 3.687   0.044   12.594  1.000 16.984 0 71  TYR AAA CG  1 ? 
ATOM   602  C CD1 . TYR A 1 73  ? 2.903   0.979   11.960  1.000 18.345 0 71  TYR AAA CD1 1 ? 
ATOM   603  C CD2 . TYR A 1 73  ? 3.572   -0.051  13.969  1.000 18.304 0 71  TYR AAA CD2 1 ? 
ATOM   604  C CE1 . TYR A 1 73  ? 1.936   1.686   12.648  1.000 19.397 0 71  TYR AAA CE1 1 ? 
ATOM   605  C CE2 . TYR A 1 73  ? 2.585   0.641   14.676  1.000 18.599 0 71  TYR AAA CE2 1 ? 
ATOM   606  C CZ  . TYR A 1 73  ? 1.807   1.559   14.022  1.000 19.633 0 71  TYR AAA CZ  1 ? 
ATOM   607  O OH  . TYR A 1 73  ? 0.896   2.311   14.724  1.000 21.029 0 71  TYR AAA OH  1 ? 
ATOM   608  N N   . ILE A 1 74  ? 6.703   1.806   13.398  1.000 18.815 0 72  ILE AAA N   1 ? 
ATOM   609  C CA  . ILE A 1 74  ? 7.389   2.278   14.637  1.000 19.842 0 72  ILE AAA CA  1 ? 
ATOM   610  C C   . ILE A 1 74  ? 6.341   2.408   15.731  1.000 18.802 0 72  ILE AAA C   1 ? 
ATOM   611  O O   . ILE A 1 74  ? 5.339   3.120   15.552  1.000 21.359 0 72  ILE AAA O   1 ? 
ATOM   612  C CB  . ILE A 1 74  ? 8.098   3.632   14.404  1.000 23.834 0 72  ILE AAA CB  1 ? 
ATOM   613  C CG1 . ILE A 1 74  ? 8.989   3.597   13.162  1.000 28.049 0 72  ILE AAA CG1 1 ? 
ATOM   614  C CG2 . ILE A 1 74  ? 8.837   4.099   15.656  1.000 26.852 0 72  ILE AAA CG2 1 ? 
ATOM   615  C CD1 . ILE A 1 74  ? 10.098  2.622   13.197  1.000 29.505 0 72  ILE AAA CD1 1 ? 
ATOM   616  N N   . HIS A 1 75  ? 6.586   1.835   16.897  1.000 20.233 0 73  HIS AAA N   1 ? 
ATOM   617  C CA  . HIS A 1 75  ? 5.670   1.938   18.052  1.000 19.524 0 73  HIS AAA CA  1 ? 
ATOM   618  C C   . HIS A 1 75  ? 6.472   1.895   19.338  1.000 21.912 0 73  HIS AAA C   1 ? 
ATOM   619  O O   . HIS A 1 75  ? 7.215   0.920   19.514  1.000 20.994 0 73  HIS AAA O   1 ? 
ATOM   620  C CB  . HIS A 1 75  ? 4.678   0.784   17.989  1.000 19.669 0 73  HIS AAA CB  1 ? 
ATOM   621  C CG  . HIS A 1 75  ? 3.591   0.835   18.998  1.000 22.326 0 73  HIS AAA CG  1 ? 
ATOM   622  N ND1 . HIS A 1 75  ? 2.385   1.485   18.802  1.000 23.774 0 73  HIS AAA ND1 1 ? 
ATOM   623  C CD2 . HIS A 1 75  ? 3.512   0.274   20.227  1.000 24.779 0 73  HIS AAA CD2 1 ? 
ATOM   624  C CE1 . HIS A 1 75  ? 1.632   1.314   19.882  1.000 22.097 0 73  HIS AAA CE1 1 ? 
ATOM   625  N NE2 . HIS A 1 75  ? 2.285   0.573   20.744  1.000 24.624 0 73  HIS AAA NE2 1 ? 
ATOM   626  N N   . ASP A 1 76  ? 6.296   2.885   20.213  1.000 21.194 0 74  ASP AAA N   1 ? 
ATOM   627  C CA  . ASP A 1 76  ? 7.015   2.938   21.514  1.000 25.205 0 74  ASP AAA CA  1 ? 
ATOM   628  C C   . ASP A 1 76  ? 8.500   2.662   21.275  1.000 28.007 0 74  ASP AAA C   1 ? 
ATOM   629  O O   . ASP A 1 76  ? 9.037   1.793   22.032  1.000 25.660 0 74  ASP AAA O   1 ? 
ATOM   630  C CB  . ASP A 1 76  ? 6.465   1.912   22.501  1.000 28.038 0 74  ASP AAA CB  1 ? 
ATOM   631  C CG  . ASP A 1 76  ? 5.042   2.167   22.959  1.000 33.246 0 74  ASP AAA CG  1 ? 
ATOM   632  O OD1 . ASP A 1 76  ? 4.599   3.285   22.801  1.000 31.415 0 74  ASP AAA OD1 1 ? 
ATOM   633  O OD2 . ASP A 1 76  ? 4.434   1.231   23.532  1.000 38.546 0 74  ASP AAA OD2 1 ? 
ATOM   634  N N   . LEU A 1 77  ? 9.112   3.309   20.274  1.000 26.491 0 75  LEU AAA N   1 ? 
ATOM   635  C CA  . LEU A 1 77  ? 10.582  3.228   20.035  1.000 29.397 0 75  LEU AAA CA  1 ? 
ATOM   636  C C   . LEU A 1 77  ? 11.011  1.798   19.697  1.000 28.330 0 75  LEU AAA C   1 ? 
ATOM   637  O O   . LEU A 1 77  ? 12.180  1.418   19.948  1.000 25.276 0 75  LEU AAA O   1 ? 
ATOM   638  C CB  . LEU A 1 77  ? 11.316  3.730   21.286  1.000 35.244 0 75  LEU AAA CB  1 ? 
ATOM   639  C CG  . LEU A 1 77  ? 10.998  5.169   21.696  1.000 36.626 0 75  LEU AAA CG  1 ? 
ATOM   640  C CD1 . LEU A 1 77  ? 11.954  5.613   22.791  1.000 43.390 0 75  LEU AAA CD1 1 ? 
ATOM   641  C CD2 . LEU A 1 77  ? 11.072  6.119   20.507  1.000 41.035 0 75  LEU AAA CD2 1 ? 
ATOM   642  N N   . LEU A 1 78  ? 10.148  1.018   19.060  1.000 23.887 0 76  LEU AAA N   1 ? 
ATOM   643  C CA  . LEU A 1 78  ? 10.506  -0.316  18.526  1.000 21.522 0 76  LEU AAA CA  1 ? 
ATOM   644  C C   . LEU A 1 78  ? 10.063  -0.315  17.051  1.000 21.861 0 76  LEU AAA C   1 ? 
ATOM   645  O O   . LEU A 1 78  ? 8.978   0.230   16.705  1.000 22.233 0 76  LEU AAA O   1 ? 
ATOM   646  C CB  . LEU A 1 78  ? 9.821   -1.440  19.319  1.000 23.578 0 76  LEU AAA CB  1 ? 
ATOM   647  C CG  . LEU A 1 78  ? 10.159  -1.595  20.807  1.000 24.114 0 76  LEU AAA CG  1 ? 
ATOM   648  C CD1 . LEU A 1 78  ? 9.367   -2.748  21.437  1.000 26.036 0 76  LEU AAA CD1 1 ? 
ATOM   649  C CD2 . LEU A 1 78  ? 11.645  -1.827  21.018  1.000 24.300 0 76  LEU AAA CD2 1 ? 
ATOM   650  N N   . LYS A 1 79  ? 10.871  -0.899  16.184  1.000 20.960 0 77  LYS AAA N   1 ? 
ATOM   651  C CA  . LYS A 1 79  ? 10.612  -0.931  14.731  1.000 20.276 0 77  LYS AAA CA  1 ? 
ATOM   652  C C   . LYS A 1 79  ? 10.273  -2.363  14.352  1.000 20.882 0 77  LYS AAA C   1 ? 
ATOM   653  O O   . LYS A 1 79  ? 11.045  -3.319  14.700  1.000 20.673 0 77  LYS AAA O   1 ? 
ATOM   654  C CB  . LYS A 1 79  ? 11.831  -0.455  13.939  1.000 23.144 0 77  LYS AAA CB  1 ? 
ATOM   655  C CG  . LYS A 1 79  ? 11.663  -0.436  12.430  1.000 25.781 0 77  LYS AAA CG  1 ? 
ATOM   656  C CD  . LYS A 1 79  ? 12.796  0.333   11.771  1.000 29.579 0 77  LYS AAA CD  1 ? 
ATOM   657  C CE  . LYS A 1 79  ? 13.119  -0.159  10.378  1.000 37.686 0 77  LYS AAA CE  1 ? 
ATOM   658  N N   . TYR A 1 80  ? 9.154   -2.549  13.695  1.000 18.244 0 78  TYR AAA N   1 ? 
ATOM   659  C CA  . TYR A 1 80  ? 8.649   -3.862  13.232  1.000 18.483 0 78  TYR AAA CA  1 ? 
ATOM   660  C C   . TYR A 1 80  ? 8.754   -3.863  11.713  1.000 19.216 0 78  TYR AAA C   1 ? 
ATOM   661  O O   . TYR A 1 80  ? 8.455   -2.837  11.084  1.000 19.523 0 78  TYR AAA O   1 ? 
ATOM   662  C CB  . TYR A 1 80  ? 7.201   -4.042  13.706  1.000 19.126 0 78  TYR AAA CB  1 ? 
ATOM   663  C CG  . TYR A 1 80  ? 6.986   -3.944  15.202  1.000 19.103 0 78  TYR AAA CG  1 ? 
ATOM   664  C CD1 . TYR A 1 80  ? 6.886   -5.119  15.947  1.000 19.342 0 78  TYR AAA CD1 1 ? 
ATOM   665  C CD2 . TYR A 1 80  ? 6.985   -2.739  15.904  1.000 20.000 0 78  TYR AAA CD2 1 ? 
ATOM   666  C CE1 . TYR A 1 80  ? 6.760   -5.102  17.323  1.000 20.804 0 78  TYR AAA CE1 1 ? 
ATOM   667  C CE2 . TYR A 1 80  ? 6.834   -2.704  17.280  1.000 21.027 0 78  TYR AAA CE2 1 ? 
ATOM   668  C CZ  . TYR A 1 80  ? 6.746   -3.898  17.998  1.000 23.186 0 78  TYR AAA CZ  1 ? 
ATOM   669  O OH  . TYR A 1 80  ? 6.609   -3.868  19.378  1.000 24.347 0 78  TYR AAA OH  1 ? 
ATOM   670  N N   . GLU A 1 81  ? 9.091   -4.981  11.102  1.000 17.540 0 79  GLU AAA N   1 ? 
ATOM   671  C CA  . GLU A 1 81  ? 9.284   -5.086  9.653   1.000 16.687 0 79  GLU AAA CA  1 ? 
ATOM   672  C C   . GLU A 1 81  ? 8.461   -6.271  9.186   1.000 16.434 0 79  GLU AAA C   1 ? 
ATOM   673  O O   . GLU A 1 81  ? 8.488   -7.351  9.831   1.000 17.720 0 79  GLU AAA O   1 ? 
ATOM   674  C CB  . GLU A 1 81  ? 10.756  -5.340  9.341   1.000 21.183 0 79  GLU AAA CB  1 ? 
ATOM   675  C CG  . GLU A 1 81  ? 11.040  -5.576  7.882   1.000 24.705 0 79  GLU AAA CG  1 ? 
ATOM   676  C CD  . GLU A 1 81  ? 12.518  -5.804  7.607   1.000 28.839 0 79  GLU AAA CD  1 ? 
ATOM   677  O OE1 . GLU A 1 81  ? 13.292  -4.835  7.727   1.000 28.188 0 79  GLU AAA OE1 1 ? 
ATOM   678  O OE2 . GLU A 1 81  ? 12.891  -6.975  7.366   1.000 31.771 0 79  GLU AAA OE2 1 ? 
ATOM   679  N N   . PHE A 1 82  ? 7.749   -6.124  8.070   1.000 16.396 0 80  PHE AAA N   1 ? 
ATOM   680  C CA  . PHE A 1 82  ? 6.872   -7.175  7.508   1.000 16.897 0 80  PHE AAA CA  1 ? 
ATOM   681  C C   . PHE A 1 82  ? 7.058   -7.234  6.005   1.000 17.309 0 80  PHE AAA C   1 ? 
ATOM   682  O O   . PHE A 1 82  ? 7.058   -6.167  5.335   1.000 17.144 0 80  PHE AAA O   1 ? 
ATOM   683  C CB  . PHE A 1 82  ? 5.398   -6.913  7.821   1.000 17.803 0 80  PHE AAA CB  1 ? 
ATOM   684  C CG  . PHE A 1 82  ? 5.113   -6.545  9.245   1.000 18.777 0 80  PHE AAA CG  1 ? 
ATOM   685  C CD1 . PHE A 1 82  ? 5.035   -7.519  10.236  1.000 18.940 0 80  PHE AAA CD1 1 ? 
ATOM   686  C CD2 . PHE A 1 82  ? 4.952   -5.224  9.603   1.000 20.465 0 80  PHE AAA CD2 1 ? 
ATOM   687  C CE1 . PHE A 1 82  ? 4.796   -7.182  11.556  1.000 19.797 0 80  PHE AAA CE1 1 ? 
ATOM   688  C CE2 . PHE A 1 82  ? 4.720   -4.887  10.932  1.000 22.187 0 80  PHE AAA CE2 1 ? 
ATOM   689  C CZ  . PHE A 1 82  ? 4.596   -5.865  11.888  1.000 19.398 0 80  PHE AAA CZ  1 ? 
ATOM   690  N N   . ASP A 1 83  ? 7.193   -8.421  5.464   1.000 16.884 0 81  ASP AAA N   1 ? 
ATOM   691  C CA  . ASP A 1 83  ? 7.219   -8.634  4.015   1.000 16.896 0 81  ASP AAA CA  1 ? 
ATOM   692  C C   . ASP A 1 83  ? 5.805   -8.453  3.477   1.000 16.667 0 81  ASP AAA C   1 ? 
ATOM   693  O O   . ASP A 1 83  ? 4.796   -8.873  4.126   1.000 17.471 0 81  ASP AAA O   1 ? 
ATOM   694  C CB  . ASP A 1 83  ? 7.756   -10.025 3.667   1.000 19.318 0 81  ASP AAA CB  1 ? 
ATOM   695  C CG  . ASP A 1 83  ? 9.277   -10.094 3.713   1.000 23.103 0 81  ASP AAA CG  1 ? 
ATOM   696  O OD1 . ASP A 1 83  ? 9.960   -9.057  4.018   1.000 25.099 0 81  ASP AAA OD1 1 ? 
ATOM   697  O OD2 . ASP A 1 83  ? 9.786   -11.206 3.468   1.000 31.300 0 81  ASP AAA OD2 1 ? 
ATOM   698  N N   . ILE A 1 84  ? 5.704   -7.793  2.329   1.000 15.036 0 82  ILE AAA N   1 ? 
ATOM   699  C CA  . ILE A 1 84  ? 4.433   -7.526  1.650   1.000 15.645 0 82  ILE AAA CA  1 ? 
ATOM   700  C C   . ILE A 1 84  ? 4.528   -7.991  0.210   1.000 15.173 0 82  ILE AAA C   1 ? 
ATOM   701  O O   . ILE A 1 84  ? 5.618   -7.974  -0.389  1.000 16.400 0 82  ILE AAA O   1 ? 
ATOM   702  C CB  . ILE A 1 84  ? 3.974   -6.065  1.746   1.000 15.639 0 82  ILE AAA CB  1 ? 
ATOM   703  C CG1 . ILE A 1 84  ? 4.976   -5.148  1.041   1.000 16.273 0 82  ILE AAA CG1 1 ? 
ATOM   704  C CG2 . ILE A 1 84  ? 3.775   -5.698  3.211   1.000 16.948 0 82  ILE AAA CG2 1 ? 
ATOM   705  C CD1 . ILE A 1 84  ? 4.556   -3.659  1.079   1.000 18.202 0 82  ILE AAA CD1 1 ? 
ATOM   706  N N   . GLU A 1 85  ? 3.394   -8.308  -0.373  1.000 15.494 0 83  GLU AAA N   1 ? 
ATOM   707  C CA  . GLU A 1 85  ? 3.362   -8.691  -1.790  1.000 15.711 0 83  GLU AAA CA  1 ? 
ATOM   708  C C   . GLU A 1 85  ? 1.959   -8.506  -2.334  1.000 16.900 0 83  GLU AAA C   1 ? 
ATOM   709  O O   . GLU A 1 85  ? 0.994   -8.521  -1.549  1.000 17.979 0 83  GLU AAA O   1 ? 
ATOM   710  C CB  . GLU A 1 85  ? 3.821   -10.137 -1.950  1.000 17.907 0 83  GLU AAA CB  1 ? 
ATOM   711  C CG  . GLU A 1 85  ? 2.920   -11.119 -1.215  1.000 19.695 0 83  GLU AAA CG  1 ? 
ATOM   712  C CD  . GLU A 1 85  ? 3.329   -12.565 -1.479  1.000 23.183 0 83  GLU AAA CD  1 ? 
ATOM   713  O OE1 . GLU A 1 85  ? 4.438   -12.954 -1.149  1.000 23.040 0 83  GLU AAA OE1 1 ? 
ATOM   714  O OE2 . GLU A 1 85  ? 2.549   -13.259 -2.160  1.000 32.118 0 83  GLU AAA OE2 1 ? 
ATOM   715  N N   . PHE A 1 86  ? 1.847   -8.405  -3.640  1.000 16.331 0 84  PHE AAA N   1 ? 
ATOM   716  C CA  . PHE A 1 86  ? 0.545   -8.447  -4.333  1.000 16.669 0 84  PHE AAA CA  1 ? 
ATOM   717  C C   . PHE A 1 86  ? 0.766   -8.699  -5.814  1.000 16.476 0 84  PHE AAA C   1 ? 
ATOM   718  O O   . PHE A 1 86  ? 1.811   -8.302  -6.389  1.000 16.886 0 84  PHE AAA O   1 ? 
ATOM   719  C CB  . PHE A 1 86  ? -0.227  -7.151  -4.102  1.000 16.235 0 84  PHE AAA CB  1 ? 
ATOM   720  C CG  . PHE A 1 86  ? 0.472   -5.845  -4.351  1.000 15.093 0 84  PHE AAA CG  1 ? 
ATOM   721  C CD1 . PHE A 1 86  ? 0.451   -5.288  -5.608  1.000 15.719 0 84  PHE AAA CD1 1 ? 
ATOM   722  C CD2 . PHE A 1 86  ? 1.165   -5.185  -3.366  1.000 15.378 0 84  PHE AAA CD2 1 ? 
ATOM   723  C CE1 . PHE A 1 86  ? 1.064   -4.074  -5.864  1.000 15.226 0 84  PHE AAA CE1 1 ? 
ATOM   724  C CE2 . PHE A 1 86  ? 1.788   -3.976  -3.610  1.000 15.390 0 84  PHE AAA CE2 1 ? 
ATOM   725  C CZ  . PHE A 1 86  ? 1.745   -3.423  -4.859  1.000 16.395 0 84  PHE AAA CZ  1 ? 
ATOM   726  N N   . ASP A 1 87  ? -0.239  -9.281  -6.435  1.000 19.228 0 85  ASP AAA N   1 ? 
ATOM   727  C CA  . ASP A 1 87  ? -0.297  -9.359  -7.907  1.000 18.964 0 85  ASP AAA CA  1 ? 
ATOM   728  C C   . ASP A 1 87  ? -1.165  -8.235  -8.447  1.000 17.972 0 85  ASP AAA C   1 ? 
ATOM   729  O O   . ASP A 1 87  ? -2.068  -7.753  -7.748  1.000 19.201 0 85  ASP AAA O   1 ? 
ATOM   730  C CB  . ASP A 1 87  ? -0.856  -10.696 -8.389  1.000 24.610 0 85  ASP AAA CB  1 ? 
ATOM   731  C CG  . ASP A 1 87  ? -0.231  -11.924 -7.785  1.000 32.800 0 85  ASP AAA CG  1 ? 
ATOM   732  O OD1 . ASP A 1 87  ? -0.886  -12.977 -7.891  1.000 45.147 0 85  ASP AAA OD1 1 ? 
ATOM   733  O OD2 . ASP A 1 87  ? 0.873   -11.829 -7.244  1.000 40.780 0 85  ASP AAA OD2 1 ? 
ATOM   734  N N   . ILE A 1 88  ? -0.903  -7.848  -9.681  1.000 17.807 0 86  ILE AAA N   1 ? 
ATOM   735  C CA  . ILE A 1 88  ? -1.770  -6.862  -10.372 1.000 17.539 0 86  ILE AAA CA  1 ? 
ATOM   736  C C   . ILE A 1 88  ? -2.925  -7.619  -11.002 1.000 18.907 0 86  ILE AAA C   1 ? 
ATOM   737  O O   . ILE A 1 88  ? -2.677  -8.467  -11.881 1.000 19.511 0 86  ILE AAA O   1 ? 
ATOM   738  C CB  . ILE A 1 88  ? -0.979  -6.040  -11.398 1.000 16.979 0 86  ILE AAA CB  1 ? 
ATOM   739  C CG1 . ILE A 1 88  ? 0.195   -5.289  -10.765 1.000 15.858 0 86  ILE AAA CG1 1 ? 
ATOM   740  C CG2 . ILE A 1 88  ? -1.903  -5.113  -12.198 1.000 16.874 0 86  ILE AAA CG2 1 ? 
ATOM   741  C CD1 . ILE A 1 88  ? -0.207  -4.299  -9.635  1.000 16.885 0 86  ILE AAA CD1 1 ? 
ATOM   742  N N   . PRO A 1 89  ? -4.181  -7.263  -10.645 1.000 18.068 0 87  PRO AAA N   1 ? 
ATOM   743  C CA  . PRO A 1 89  ? -5.343  -7.867  -11.299 1.000 19.802 0 87  PRO AAA CA  1 ? 
ATOM   744  C C   . PRO A 1 89  ? -5.329  -7.544  -12.792 1.000 19.284 0 87  PRO AAA C   1 ? 
ATOM   745  O O   . PRO A 1 89  ? -4.904  -6.494  -13.223 1.000 18.642 0 87  PRO AAA O   1 ? 
ATOM   746  C CB  . PRO A 1 89  ? -6.559  -7.215  -10.628 1.000 20.974 0 87  PRO AAA CB  1 ? 
ATOM   747  C CG  . PRO A 1 89  ? -6.042  -6.643  -9.349  1.000 21.265 0 87  PRO AAA CG  1 ? 
ATOM   748  C CD  . PRO A 1 89  ? -4.567  -6.314  -9.596  1.000 19.676 0 87  PRO AAA CD  1 ? 
ATOM   749  N N   . ILE A 1 90  ? -5.939  -8.404  -13.606 1.000 20.374 0 88  ILE AAA N   1 ? 
ATOM   750  C CA  . ILE A 1 90  ? -6.031  -8.161  -15.068 1.000 22.730 0 88  ILE AAA CA  1 ? 
ATOM   751  C C   . ILE A 1 90  ? -6.857  -6.896  -15.352 1.000 20.877 0 88  ILE AAA C   1 ? 
ATOM   752  O O   . ILE A 1 90  ? -6.555  -6.180  -16.346 1.000 20.801 0 88  ILE AAA O   1 ? 
ATOM   753  C CB  . ILE A 1 90  ? -6.636  -9.423  -15.724 1.000 26.072 0 88  ILE AAA CB  1 ? 
ATOM   754  C CG1 . ILE A 1 90  ? -5.812  -10.657 -15.354 1.000 32.477 0 88  ILE AAA CG1 1 ? 
ATOM   755  C CG2 . ILE A 1 90  ? -6.781  -9.231  -17.213 1.000 28.741 0 88  ILE AAA CG2 1 ? 
ATOM   756  C CD1 . ILE A 1 90  ? -4.409  -10.634 -15.863 1.000 34.311 0 88  ILE AAA CD1 1 ? 
ATOM   757  N N   . THR A 1 91  ? -7.836  -6.561  -14.477 1.000 18.528 0 89  THR AAA N   1 ? 
ATOM   758  C CA  . THR A 1 91  ? -8.719  -5.390  -14.610 1.000 18.905 0 89  THR AAA CA  1 ? 
ATOM   759  C C   . THR A 1 91  ? -8.190  -4.196  -13.807 1.000 17.894 0 89  THR AAA C   1 ? 
ATOM   760  O O   . THR A 1 91  ? -8.915  -3.224  -13.730 1.000 18.531 0 89  THR AAA O   1 ? 
ATOM   761  C CB  . THR A 1 91  ? -10.150 -5.726  -14.205 1.000 21.017 0 89  THR AAA CB  1 ? 
ATOM   762  O OG1 . THR A 1 91  ? -10.153 -6.226  -12.889 1.000 22.118 0 89  THR AAA OG1 1 ? 
ATOM   763  C CG2 . THR A 1 91  ? -10.745 -6.789  -15.103 1.000 23.629 0 89  THR AAA CG2 1 ? 
ATOM   764  N N   . TYR A 1 92  ? -6.953  -4.251  -13.335 1.000 16.491 0 90  TYR AAA N   1 ? 
ATOM   765  C CA  . TYR A 1 92  ? -6.285  -3.010  -12.836 1.000 15.728 0 90  TYR AAA CA  1 ? 
ATOM   766  C C   . TYR A 1 92  ? -6.214  -2.041  -14.005 1.000 16.393 0 90  TYR AAA C   1 ? 
ATOM   767  O O   . TYR A 1 92  ? -5.989  -2.442  -15.154 1.000 17.246 0 90  TYR AAA O   1 ? 
ATOM   768  C CB  . TYR A 1 92  ? -4.888  -3.401  -12.343 1.000 16.863 0 90  TYR AAA CB  1 ? 
ATOM   769  C CG  . TYR A 1 92  ? -4.112  -2.284  -11.676 1.000 15.964 0 90  TYR AAA CG  1 ? 
ATOM   770  C CD1 . TYR A 1 92  ? -4.384  -1.962  -10.360 1.000 16.246 0 90  TYR AAA CD1 1 ? 
ATOM   771  C CD2 . TYR A 1 92  ? -3.161  -1.544  -12.368 1.000 15.702 0 90  TYR AAA CD2 1 ? 
ATOM   772  C CE1 . TYR A 1 92  ? -3.701  -0.953  -9.707  1.000 14.846 0 90  TYR AAA CE1 1 ? 
ATOM   773  C CE2 . TYR A 1 92  ? -2.491  -0.501  -11.721 1.000 14.668 0 90  TYR AAA CE2 1 ? 
ATOM   774  C CZ  . TYR A 1 92  ? -2.787  -0.206  -10.417 1.000 14.013 0 90  TYR AAA CZ  1 ? 
ATOM   775  O OH  . TYR A 1 92  ? -2.150  0.802   -9.742  1.000 15.280 0 90  TYR AAA OH  1 ? 
ATOM   776  N N   . PRO A 1 93  ? -6.315  -0.706  -13.834 1.000 16.497 0 91  PRO AAA N   1 ? 
ATOM   777  C CA  . PRO A 1 93  ? -6.436  -0.041  -12.547 1.000 16.889 0 91  PRO AAA CA  1 ? 
ATOM   778  C C   . PRO A 1 93  ? -7.851  0.153   -11.986 1.000 17.054 0 91  PRO AAA C   1 ? 
ATOM   779  O O   . PRO A 1 93  ? -7.983  0.757   -10.927 1.000 17.908 0 91  PRO AAA O   1 ? 
ATOM   780  C CB  . PRO A 1 93  ? -5.778  1.311   -12.895 1.000 17.033 0 91  PRO AAA CB  1 ? 
ATOM   781  C CG  . PRO A 1 93  ? -6.242  1.581   -14.289 1.000 16.958 0 91  PRO AAA CG  1 ? 
ATOM   782  C CD  . PRO A 1 93  ? -6.146  0.231   -14.943 1.000 16.382 0 91  PRO AAA CD  1 ? 
ATOM   783  N N   . THR A 1 94  ? -8.878  -0.375  -12.652 1.000 17.251 0 92  THR AAA N   1 ? 
ATOM   784  C CA  . THR A 1 94  ? -10.231 -0.337  -12.039 1.000 17.724 0 92  THR AAA CA  1 ? 
ATOM   785  C C   . THR A 1 94  ? -10.253 -1.150  -10.742 1.000 18.011 0 92  THR AAA C   1 ? 
ATOM   786  O O   . THR A 1 94  ? -10.738 -0.651  -9.726  1.000 20.333 0 92  THR AAA O   1 ? 
ATOM   787  C CB  . THR A 1 94  ? -11.249 -0.855  -13.066 1.000 18.301 0 92  THR AAA CB  1 ? 
ATOM   788  O OG1 . THR A 1 94  ? -11.267 -0.009  -14.214 1.000 21.767 0 92  THR AAA OG1 1 ? 
ATOM   789  C CG2 . THR A 1 94  ? -12.639 -0.934  -12.459 1.000 20.675 0 92  THR AAA CG2 1 ? 
ATOM   790  N N   . THR A 1 95  ? -9.721  -2.364  -10.781 1.000 17.044 0 93  THR AAA N   1 ? 
ATOM   791  C CA  . THR A 1 95  ? -9.717  -3.270  -9.629  1.000 18.293 0 93  THR AAA CA  1 ? 
ATOM   792  C C   . THR A 1 95  ? -8.417  -3.011  -8.845  1.000 18.602 0 93  THR AAA C   1 ? 
ATOM   793  O O   . THR A 1 95  ? -7.324  -3.262  -9.397  1.000 19.374 0 93  THR AAA O   1 ? 
ATOM   794  C CB  . THR A 1 95  ? -9.746  -4.733  -10.071 1.000 19.198 0 93  THR AAA CB  1 ? 
ATOM   795  O OG1 . THR A 1 95  ? -10.885 -4.929  -10.911 1.000 23.271 0 93  THR AAA OG1 1 ? 
ATOM   796  C CG2 . THR A 1 95  ? -9.779  -5.665  -8.890  1.000 20.609 0 93  THR AAA CG2 1 ? 
ATOM   797  N N   . ALA A 1 96  ? -8.531  -2.626  -7.587  1.000 17.326 0 94  ALA AAA N   1 ? 
ATOM   798  C CA  . ALA A 1 96  ? -7.388  -2.432  -6.682  1.000 17.669 0 94  ALA AAA CA  1 ? 
ATOM   799  C C   . ALA A 1 96  ? -6.728  -3.768  -6.379  1.000 17.875 0 94  ALA AAA C   1 ? 
ATOM   800  O O   . ALA A 1 96  ? -7.397  -4.772  -6.093  1.000 19.252 0 94  ALA AAA O   1 ? 
ATOM   801  C CB  . ALA A 1 96  ? -7.823  -1.749  -5.422  1.000 17.952 0 94  ALA AAA CB  1 ? 
ATOM   802  N N   . PRO A 1 97  ? -5.381  -3.835  -6.397  1.000 16.031 0 95  PRO AAA N   1 ? 
ATOM   803  C CA  . PRO A 1 97  ? -4.701  -5.047  -5.952  1.000 15.674 0 95  PRO AAA CA  1 ? 
ATOM   804  C C   . PRO A 1 97  ? -5.006  -5.380  -4.487  1.000 17.688 0 95  PRO AAA C   1 ? 
ATOM   805  O O   . PRO A 1 97  ? -5.336  -4.488  -3.720  1.000 17.245 0 95  PRO AAA O   1 ? 
ATOM   806  C CB  . PRO A 1 97  ? -3.192  -4.703  -6.073  1.000 16.895 0 95  PRO AAA CB  1 ? 
ATOM   807  C CG  . PRO A 1 97  ? -3.167  -3.525  -7.044  1.000 18.032 0 95  PRO AAA CG  1 ? 
ATOM   808  C CD  . PRO A 1 97  ? -4.434  -2.764  -6.769  1.000 18.743 0 95  PRO AAA CD  1 ? 
ATOM   809  N N   . GLU A 1 98  ? -4.809  -6.642  -4.118  1.000 17.306 0 96  GLU AAA N   1 ? 
ATOM   810  C CA  . GLU A 1 98  ? -5.032  -7.130  -2.759  1.000 17.382 0 96  GLU AAA CA  1 ? 
ATOM   811  C C   . GLU A 1 98  ? -3.681  -7.288  -2.090  1.000 15.926 0 96  GLU AAA C   1 ? 
ATOM   812  O O   . GLU A 1 98  ? -2.992  -8.281  -2.280  1.000 17.546 0 96  GLU AAA O   1 ? 
ATOM   813  C CB  . GLU A 1 98  ? -5.814  -8.440  -2.799  1.000 19.653 0 96  GLU AAA CB  1 ? 
ATOM   814  C CG  . GLU A 1 98  ? -7.219  -8.303  -3.381  1.000 21.863 0 96  GLU AAA CG  1 ? 
ATOM   815  C CD  . GLU A 1 98  ? -7.853  -9.685  -3.448  1.000 29.820 0 96  GLU AAA CD  1 ? 
ATOM   816  O OE1 . GLU A 1 98  ? -7.398  -10.508 -4.260  1.000 34.265 0 96  GLU AAA OE1 1 ? 
ATOM   817  O OE2 . GLU A 1 98  ? -8.667  -9.970  -2.583  1.000 37.795 0 96  GLU AAA OE2 1 ? 
ATOM   818  N N   . ILE A 1 99  ? -3.285  -6.296  -1.300  1.000 17.252 0 97  ILE AAA N   1 ? 
ATOM   819  C CA  . ILE A 1 99  ? -1.978  -6.375  -0.595  1.000 16.851 0 97  ILE AAA CA  1 ? 
ATOM   820  C C   . ILE A 1 99  ? -2.041  -7.483  0.439   1.000 17.753 0 97  ILE AAA C   1 ? 
ATOM   821  O O   . ILE A 1 99  ? -3.052  -7.555  1.156   1.000 18.368 0 97  ILE AAA O   1 ? 
ATOM   822  C CB  . ILE A 1 99  ? -1.625  -5.055  0.106   1.000 17.848 0 97  ILE AAA CB  1 ? 
ATOM   823  C CG1 . ILE A 1 99  ? -1.402  -3.951  -0.930  1.000 18.094 0 97  ILE AAA CG1 1 ? 
ATOM   824  C CG2 . ILE A 1 99  ? -0.414  -5.277  1.006   1.000 19.252 0 97  ILE AAA CG2 1 ? 
ATOM   825  C CD1 . ILE A 1 99  ? -1.138  -2.597  -0.328  1.000 18.888 0 97  ILE AAA CD1 1 ? 
ATOM   826  N N   . ALA A 1 100 ? -1.016  -8.316  0.491   1.000 17.001 0 98  ALA AAA N   1 ? 
ATOM   827  C CA  . ALA A 1 100 ? -0.882  -9.370  1.515   1.000 17.914 0 98  ALA AAA CA  1 ? 
ATOM   828  C C   . ALA A 1 100 ? 0.337   -9.131  2.379   1.000 16.651 0 98  ALA AAA C   1 ? 
ATOM   829  O O   . ALA A 1 100 ? 1.391   -8.619  1.893   1.000 16.280 0 98  ALA AAA O   1 ? 
ATOM   830  C CB  . ALA A 1 100 ? -0.827  -10.710 0.870   1.000 18.121 0 98  ALA AAA CB  1 ? 
ATOM   831  N N   . VAL A 1 101 ? 0.215   -9.466  3.653   1.000 16.128 0 99  VAL AAA N   1 ? 
ATOM   832  C CA  . VAL A 1 101 ? 1.296   -9.488  4.648   1.000 16.372 0 99  VAL AAA CA  1 ? 
ATOM   833  C C   . VAL A 1 101 ? 1.342   -10.924 5.173   1.000 19.407 0 99  VAL AAA C   1 ? 
ATOM   834  O O   . VAL A 1 101 ? 0.837   -11.203 6.261   1.000 17.731 0 99  VAL AAA O   1 ? 
ATOM   835  C CB  . VAL A 1 101 ? 1.058   -8.464  5.768   1.000 18.342 0 99  VAL AAA CB  1 ? 
ATOM   836  C CG1 . VAL A 1 101 ? 2.293   -8.298  6.652   1.000 20.598 0 99  VAL AAA CG1 1 ? 
ATOM   837  C CG2 . VAL A 1 101 ? 0.569   -7.134  5.192   1.000 18.676 0 99  VAL AAA CG2 1 ? 
ATOM   838  N N   . PRO A 1 102 ? 1.873   -11.873 4.369   1.000 18.862 0 100 PRO AAA N   1 ? 
ATOM   839  C CA  . PRO A 1 102 ? 1.653   -13.289 4.657   1.000 19.699 0 100 PRO AAA CA  1 ? 
ATOM   840  C C   . PRO A 1 102 ? 2.166   -13.749 6.020   1.000 19.095 0 100 PRO AAA C   1 ? 
ATOM   841  O O   . PRO A 1 102 ? 1.539   -14.655 6.570   1.000 19.626 0 100 PRO AAA O   1 ? 
ATOM   842  C CB  . PRO A 1 102 ? 2.452   -14.001 3.567   1.000 21.439 0 100 PRO AAA CB  1 ? 
ATOM   843  C CG  . PRO A 1 102 ? 2.476   -12.992 2.436   1.000 23.861 0 100 PRO AAA CG  1 ? 
ATOM   844  C CD  . PRO A 1 102 ? 2.615   -11.649 3.113   1.000 21.868 0 100 PRO AAA CD  1 ? 
ATOM   845  N N   . GLU A 1 103 ? 3.200   -13.163 6.605   1.000 18.673 0 101 GLU AAA N   1 ? 
ATOM   846  C CA  . GLU A 1 103 ? 3.675   -13.621 7.934   1.000 20.407 0 101 GLU AAA CA  1 ? 
ATOM   847  C C   . GLU A 1 103 ? 2.630   -13.384 9.026   1.000 21.234 0 101 GLU AAA C   1 ? 
ATOM   848  O O   . GLU A 1 103 ? 2.743   -14.021 10.112  1.000 20.833 0 101 GLU AAA O   1 ? 
ATOM   849  C CB  . GLU A 1 103 ? 4.988   -12.972 8.320   1.000 21.257 0 101 GLU AAA CB  1 ? 
ATOM   850  C CG  . GLU A 1 103 ? 4.942   -11.482 8.404   1.000 25.962 0 101 GLU AAA CG  1 ? 
ATOM   851  C CD  . GLU A 1 103 ? 6.347   -10.886 8.391   1.000 27.459 0 101 GLU AAA CD  1 ? 
ATOM   852  O OE1 . GLU A 1 103 ? 6.916   -10.740 9.504   1.000 32.284 0 101 GLU AAA OE1 1 ? 
ATOM   853  O OE2 . GLU A 1 103 ? 6.900   -10.691 7.286   1.000 24.674 0 101 GLU AAA OE2 1 ? 
ATOM   854  N N   . LEU A 1 104 ? 1.666   -12.478 8.813   1.000 20.314 0 102 LEU AAA N   1 ? 
ATOM   855  C CA  . LEU A 1 104 ? 0.632   -12.184 9.844   1.000 19.982 0 102 LEU AAA CA  1 ? 
ATOM   856  C C   . LEU A 1 104 ? -0.646  -13.024 9.635   1.000 20.596 0 102 LEU AAA C   1 ? 
ATOM   857  O O   . LEU A 1 104 ? -1.570  -12.862 10.453  1.000 21.327 0 102 LEU AAA O   1 ? 
ATOM   858  C CB  . LEU A 1 104 ? 0.335   -10.686 9.833   1.000 18.344 0 102 LEU AAA CB  1 ? 
ATOM   859  C CG  . LEU A 1 104 ? 1.521   -9.790  10.160  1.000 20.288 0 102 LEU AAA CG  1 ? 
ATOM   860  C CD1 . LEU A 1 104 ? 1.095   -8.336  10.144  1.000 20.862 0 102 LEU AAA CD1 1 ? 
ATOM   861  C CD2 . LEU A 1 104 ? 2.138   -10.139 11.500  1.000 22.166 0 102 LEU AAA CD2 1 ? 
ATOM   862  N N   . ASP A 1 105 ? -0.716  -13.865 8.603   1.000 20.343 0 103 ASP AAA N   1 ? 
ATOM   863  C CA  . ASP A 1 105 ? -1.883  -14.737 8.349   1.000 21.996 0 103 ASP AAA CA  1 ? 
ATOM   864  C C   . ASP A 1 105 ? -2.218  -15.517 9.629   1.000 22.424 0 103 ASP AAA C   1 ? 
ATOM   865  O O   . ASP A 1 105 ? -1.323  -16.090 10.238  1.000 25.137 0 103 ASP AAA O   1 ? 
ATOM   866  C CB  . ASP A 1 105 ? -1.625  -15.700 7.205   1.000 26.213 0 103 ASP AAA CB  1 ? 
ATOM   867  C CG  . ASP A 1 105 ? -2.891  -16.273 6.593   1.000 30.070 0 103 ASP AAA CG  1 ? 
ATOM   868  O OD1 . ASP A 1 105 ? -3.952  -15.666 6.784   1.000 31.976 0 103 ASP AAA OD1 1 ? 
ATOM   869  O OD2 . ASP A 1 105 ? -2.775  -17.274 5.867   1.000 37.938 0 103 ASP AAA OD2 1 ? 
ATOM   870  N N   . GLY A 1 106 ? -3.475  -15.512 10.007  1.000 24.633 0 104 GLY AAA N   1 ? 
ATOM   871  C CA  . GLY A 1 106 ? -3.958  -16.261 11.185  1.000 25.836 0 104 GLY AAA CA  1 ? 
ATOM   872  C C   . GLY A 1 106 ? -3.934  -15.417 12.440  1.000 28.312 0 104 GLY AAA C   1 ? 
ATOM   873  O O   . GLY A 1 106 ? -4.577  -15.822 13.427  1.000 31.021 0 104 GLY AAA O   1 ? 
ATOM   874  N N   . LYS A 1 107 ? -3.294  -14.232 12.442  1.000 23.021 0 105 LYS AAA N   1 ? 
ATOM   875  C CA  . LYS A 1 107 ? -3.182  -13.444 13.692  1.000 24.312 0 105 LYS AAA CA  1 ? 
ATOM   876  C C   . LYS A 1 107 ? -4.168  -12.274 13.734  1.000 21.465 0 105 LYS AAA C   1 ? 
ATOM   877  O O   . LYS A 1 107 ? -4.265  -11.672 14.823  1.000 23.758 0 105 LYS AAA O   1 ? 
ATOM   878  C CB  . LYS A 1 107 ? -1.751  -12.925 13.883  1.000 26.853 0 105 LYS AAA CB  1 ? 
ATOM   879  C CG  . LYS A 1 107 ? -0.679  -14.003 13.849  1.000 31.007 0 105 LYS AAA CG  1 ? 
ATOM   880  C CD  . LYS A 1 107 ? 0.715   -13.526 14.194  1.000 33.945 0 105 LYS AAA CD  1 ? 
ATOM   881  C CE  . LYS A 1 107 ? 1.711   -14.672 14.189  1.000 42.711 0 105 LYS AAA CE  1 ? 
ATOM   882  N NZ  . LYS A 1 107 ? 3.056   -14.212 14.607  1.000 45.574 0 105 LYS AAA NZ  1 ? 
ATOM   883  N N   . ILE A 1 108 ? -4.822  -11.955 12.616  1.000 21.612 0 106 ILE AAA N   1 ? 
ATOM   884  C CA  . ILE A 1 108 ? -5.604  -10.684 12.447  1.000 21.517 0 106 ILE AAA CA  1 ? 
ATOM   885  C C   . ILE A 1 108 ? -6.990  -11.031 11.912  1.000 22.834 0 106 ILE AAA C   1 ? 
ATOM   886  O O   . ILE A 1 108 ? -7.039  -11.741 10.858  1.000 23.236 0 106 ILE AAA O   1 ? 
ATOM   887  C CB  . ILE A 1 108 ? -4.837  -9.704  11.533  1.000 21.112 0 106 ILE AAA CB  1 ? 
ATOM   888  C CG1 . ILE A 1 108 ? -3.527  -9.294  12.185  1.000 21.230 0 106 ILE AAA CG1 1 ? 
ATOM   889  C CG2 . ILE A 1 108 ? -5.680  -8.508  11.175  1.000 20.910 0 106 ILE AAA CG2 1 ? 
ATOM   890  C CD1 . ILE A 1 108 ? -2.664  -8.421  11.324  1.000 20.665 0 106 ILE AAA CD1 1 ? 
ATOM   891  N N   . ALA A 1 109 ? -8.033  -10.519 12.553  1.000 23.146 0 107 ALA AAA N   1 ? 
ATOM   892  C CA  . ALA A 1 109 ? -9.429  -10.715 12.091  1.000 24.797 0 107 ALA AAA CA  1 ? 
ATOM   893  C C   . ALA A 1 109 ? -9.668  -9.953  10.785  1.000 22.716 0 107 ALA AAA C   1 ? 
ATOM   894  O O   . ALA A 1 109 ? -10.290 -10.505 9.908   1.000 24.026 0 107 ALA AAA O   1 ? 
ATOM   895  C CB  . ALA A 1 109 ? -10.379 -10.271 13.166  1.000 26.239 0 107 ALA AAA CB  1 ? 
ATOM   896  N N   . LYS A 1 110 ? -9.125  -8.746  10.630  1.000 23.729 0 108 LYS AAA N   1 ? 
ATOM   897  C CA  . LYS A 1 110 ? -9.282  -7.909  9.411   1.000 24.227 0 108 LYS AAA CA  1 ? 
ATOM   898  C C   . LYS A 1 110 ? -8.243  -8.349  8.367   1.000 22.928 0 108 LYS AAA C   1 ? 
ATOM   899  O O   . LYS A 1 110 ? -7.372  -7.543  7.915   1.000 20.050 0 108 LYS AAA O   1 ? 
ATOM   900  C CB  . LYS A 1 110 ? -9.169  -6.424  9.790   1.000 23.818 0 108 LYS AAA CB  1 ? 
ATOM   901  C CG  . LYS A 1 110 ? -10.346 -5.821  10.560  1.000 31.870 0 108 LYS AAA CG  1 ? 
ATOM   902  C CD  . LYS A 1 110 ? -11.647 -5.993  9.824   1.000 36.370 0 108 LYS AAA CD  1 ? 
ATOM   903  C CE  . LYS A 1 110 ? -12.734 -5.005  10.205  1.000 43.530 0 108 LYS AAA CE  1 ? 
ATOM   904  N NZ  . LYS A 1 110 ? -12.548 -4.439  11.560  1.000 45.769 0 108 LYS AAA NZ  1 ? 
ATOM   905  N N   . MET A 1 111 ? -8.370  -9.589  7.924   1.000 21.244 0 109 MET AAA N   1 ? 
ATOM   906  C CA  . MET A 1 111 ? -7.423  -10.254 7.015   1.000 20.366 0 109 MET AAA CA  1 ? 
ATOM   907  C C   . MET A 1 111 ? -8.128  -11.466 6.419   1.000 22.983 0 109 MET AAA C   1 ? 
ATOM   908  O O   . MET A 1 111 ? -8.974  -12.024 7.132   1.000 23.847 0 109 MET AAA O   1 ? 
ATOM   909  C CB  . MET A 1 111 ? -6.171  -10.625 7.802   1.000 22.216 0 109 MET AAA CB  1 ? 
ATOM   910  C CG  . MET A 1 111 ? -5.101  -11.288 6.971   1.000 23.190 0 109 MET AAA CG  1 ? 
ATOM   911  S SD  . MET A 1 111 ? -3.641  -11.471 7.959   1.000 23.921 0 109 MET AAA SD  1 ? 
ATOM   912  C CE  . MET A 1 111 ? -2.774  -9.959  7.502   1.000 26.522 0 109 MET AAA CE  1 ? 
ATOM   913  N N   . TYR A 1 112 ? -7.835  -11.775 5.171   1.000 20.144 0 110 TYR AAA N   1 ? 
ATOM   914  C CA  . TYR A 1 112 ? -8.310  -12.986 4.462   1.000 23.155 0 110 TYR AAA CA  1 ? 
ATOM   915  C C   . TYR A 1 112 ? -7.181  -13.991 4.343   1.000 25.747 0 110 TYR AAA C   1 ? 
ATOM   916  O O   . TYR A 1 112 ? -6.029  -13.682 4.617   1.000 27.283 0 110 TYR AAA O   1 ? 
ATOM   917  C CB  . TYR A 1 112 ? -8.791  -12.619 3.064   1.000 27.065 0 110 TYR AAA CB  1 ? 
ATOM   918  C CG  . TYR A 1 112 ? -9.835  -11.544 3.014   1.000 34.765 0 110 TYR AAA CG  1 ? 
ATOM   919  C CD1 . TYR A 1 112 ? -11.051 -11.715 3.653   1.000 37.332 0 110 TYR AAA CD1 1 ? 
ATOM   920  C CD2 . TYR A 1 112 ? -9.592  -10.345 2.361   1.000 34.847 0 110 TYR AAA CD2 1 ? 
ATOM   921  C CE1 . TYR A 1 112 ? -12.032 -10.732 3.607   1.000 41.830 0 110 TYR AAA CE1 1 ? 
ATOM   922  C CE2 . TYR A 1 112 ? -10.556 -9.350  2.316   1.000 43.650 0 110 TYR AAA CE2 1 ? 
ATOM   923  C CZ  . TYR A 1 112 ? -11.779 -9.547  2.938   1.000 41.595 0 110 TYR AAA CZ  1 ? 
ATOM   924  O OH  . TYR A 1 112 ? -12.728 -8.566  2.888   1.000 52.934 0 110 TYR AAA OH  1 ? 
ATOM   925  N N   . ARG A 1 113 ? -7.488  -15.207 3.901   1.000 31.042 0 111 ARG AAA N   1 ? 
ATOM   926  C CA  . ARG A 1 113 ? -6.430  -16.236 3.741   1.000 32.698 0 111 ARG AAA CA  1 ? 
ATOM   927  C C   . ARG A 1 113 ? -5.271  -15.705 2.884   1.000 31.665 0 111 ARG AAA C   1 ? 
ATOM   928  O O   . ARG A 1 113 ? -5.470  -14.936 1.896   1.000 30.311 0 111 ARG AAA O   1 ? 
ATOM   929  C CB  . ARG A 1 113 ? -6.907  -17.543 3.096   1.000 39.798 0 111 ARG AAA CB  1 ? 
ATOM   930  C CG  . ARG A 1 113 ? -5.724  -18.484 2.870   1.000 45.999 0 111 ARG AAA CG  1 ? 
ATOM   931  C CD  . ARG A 1 113 ? -6.016  -19.934 2.553   1.000 54.726 0 111 ARG AAA CD  1 ? 
ATOM   932  N NE  . ARG A 1 113 ? -6.873  -20.035 1.385   1.000 55.438 0 111 ARG AAA NE  1 ? 
ATOM   933  C CZ  . ARG A 1 113 ? -8.165  -20.307 1.428   1.000 55.352 0 111 ARG AAA CZ  1 ? 
ATOM   934  N NH1 . ARG A 1 113 ? -8.770  -20.529 2.589   1.000 55.015 0 111 ARG AAA NH1 1 ? 
ATOM   935  N NH2 . ARG A 1 113 ? -8.843  -20.369 0.296   1.000 56.177 0 111 ARG AAA NH2 1 ? 
ATOM   936  N N   . GLY A 1 114 ? -4.067  -16.109 3.265   1.000 29.808 0 112 GLY AAA N   1 ? 
ATOM   937  C CA  . GLY A 1 114 ? -2.855  -15.700 2.546   1.000 32.427 0 112 GLY AAA CA  1 ? 
ATOM   938  C C   . GLY A 1 114 ? -2.342  -14.389 3.078   1.000 27.308 0 112 GLY AAA C   1 ? 
ATOM   939  O O   . GLY A 1 114 ? -1.352  -13.888 2.542   1.000 25.971 0 112 GLY AAA O   1 ? 
ATOM   940  N N   . GLY A 1 115 ? -2.979  -13.837 4.112   1.000 24.780 0 113 GLY AAA N   1 ? 
ATOM   941  C CA  . GLY A 1 115 ? -2.558  -12.577 4.718   1.000 22.830 0 113 GLY AAA CA  1 ? 
ATOM   942  C C   . GLY A 1 115 ? -3.005  -11.395 3.892   1.000 20.265 0 113 GLY AAA C   1 ? 
ATOM   943  O O   . GLY A 1 115 ? -2.435  -10.310 4.089   1.000 18.363 0 113 GLY AAA O   1 ? 
ATOM   944  N N   . LYS A 1 116 ? -4.010  -11.534 3.042   1.000 20.284 0 114 LYS AAA N   1 ? 
ATOM   945  C CA  . LYS A 1 116 ? -4.583  -10.390 2.305   1.000 19.399 0 114 LYS AAA CA  1 ? 
ATOM   946  C C   . LYS A 1 116 ? -5.290  -9.494  3.299   1.000 19.407 0 114 LYS AAA C   1 ? 
ATOM   947  O O   . LYS A 1 116 ? -6.150  -9.934  4.069   1.000 18.915 0 114 LYS AAA O   1 ? 
ATOM   948  C CB  . LYS A 1 116 ? -5.517  -10.773 1.154   1.000 21.554 0 114 LYS AAA CB  1 ? 
ATOM   949  C CG  . LYS A 1 116 ? -4.765  -11.432 0.007   1.000 22.971 0 114 LYS AAA CG  1 ? 
ATOM   950  C CD  . LYS A 1 116 ? -5.641  -11.949 -1.093  1.000 27.947 0 114 LYS AAA CD  1 ? 
ATOM   951  C CE  . LYS A 1 116 ? -4.826  -12.214 -2.341  1.000 32.184 0 114 LYS AAA CE  1 ? 
ATOM   952  N NZ  . LYS A 1 116 ? -5.586  -12.963 -3.363  1.000 39.117 0 114 LYS AAA NZ  1 ? 
ATOM   953  N N   . ILE A 1 117 ? -4.896  -8.228  3.346   1.000 19.072 0 115 ILE AAA N   1 ? 
ATOM   954  C CA  . ILE A 1 117 ? -5.481  -7.293  4.329   1.000 18.029 0 115 ILE AAA CA  1 ? 
ATOM   955  C C   . ILE A 1 117 ? -6.935  -6.999  3.959   1.000 17.027 0 115 ILE AAA C   1 ? 
ATOM   956  O O   . ILE A 1 117 ? -7.289  -6.947  2.799   1.000 17.390 0 115 ILE AAA O   1 ? 
ATOM   957  C CB  . ILE A 1 117 ? -4.624  -6.034  4.464   1.000 16.038 0 115 ILE AAA CB  1 ? 
ATOM   958  C CG1 . ILE A 1 117 ? -4.662  -5.133  3.226   1.000 16.868 0 115 ILE AAA CG1 1 ? 
ATOM   959  C CG2 . ILE A 1 117 ? -3.214  -6.444  4.869   1.000 16.811 0 115 ILE AAA CG2 1 ? 
ATOM   960  C CD1 . ILE A 1 117 ? -3.809  -3.852  3.383   1.000 17.606 0 115 ILE AAA CD1 1 ? 
ATOM   961  N N   . CYS A 1 118 ? -7.750  -6.788  4.980   1.000 18.742 0 116 CYS AAA N   1 ? 
ATOM   962  C CA  . CYS A 1 118 ? -9.137  -6.348  4.804   1.000 20.499 0 116 CYS AAA CA  1 ? 
ATOM   963  C C   . CYS A 1 118 ? -9.226  -4.874  5.207   1.000 17.877 0 116 CYS AAA C   1 ? 
ATOM   964  O O   . CYS A 1 118 ? -9.051  -4.560  6.390   1.000 21.536 0 116 CYS AAA O   1 ? 
ATOM   965  C CB  . CYS A 1 118 ? -10.021 -7.195  5.687   1.000 21.994 0 116 CYS AAA CB  1 ? 
ATOM   966  S SG  . CYS A 1 118 ? -11.778 -6.888  5.380   1.000 28.834 0 116 CYS AAA SG  1 ? 
ATOM   967  N N   . LEU A 1 119 ? -9.462  -4.070  4.224   1.000 20.347 0 117 LEU AAA N   1 ? 
ATOM   968  C CA  . LEU A 1 119 ? -9.632  -2.614  4.402   1.000 21.874 0 117 LEU AAA CA  1 ? 
ATOM   969  C C   . LEU A 1 119 ? -11.093 -2.346  4.787   1.000 25.681 0 117 LEU AAA C   1 ? 
ATOM   970  O O   . LEU A 1 119 ? -11.944 -3.257  4.685   1.000 26.076 0 117 LEU AAA O   1 ? 
ATOM   971  C CB  . LEU A 1 119 ? -9.205  -1.893  3.132   1.000 23.530 0 117 LEU AAA CB  1 ? 
ATOM   972  C CG  . LEU A 1 119 ? -7.760  -2.110  2.685   1.000 23.333 0 117 LEU AAA CG  1 ? 
ATOM   973  C CD1 . LEU A 1 119 ? -7.442  -1.258  1.465   1.000 25.684 0 117 LEU AAA CD1 1 ? 
ATOM   974  C CD2 . LEU A 1 119 ? -6.796  -1.811  3.824   1.000 24.936 0 117 LEU AAA CD2 1 ? 
ATOM   975  N N   . THR A 1 120 ? -11.371 -1.185  5.350   1.000 27.904 0 118 THR AAA N   1 ? 
ATOM   976  C CA  . THR A 1 120 ? -12.776 -0.900  5.711   1.000 27.248 0 118 THR AAA CA  1 ? 
ATOM   977  C C   . THR A 1 120 ? -13.571 -0.843  4.403   1.000 25.977 0 118 THR AAA C   1 ? 
ATOM   978  O O   . THR A 1 120 ? -12.989 -0.669  3.300   1.000 24.937 0 118 THR AAA O   1 ? 
ATOM   979  C CB  . THR A 1 120 ? -12.954 0.382   6.530   1.000 32.831 0 118 THR AAA CB  1 ? 
ATOM   980  O OG1 . THR A 1 120 ? -12.696 1.431   5.602   1.000 31.091 0 118 THR AAA OG1 1 ? 
ATOM   981  C CG2 . THR A 1 120 ? -12.068 0.437   7.765   1.000 34.718 0 118 THR AAA CG2 1 ? 
ATOM   982  N N   . ASP A 1 121 ? -14.885 -0.915  4.531   1.000 26.312 0 119 ASP AAA N   1 ? 
ATOM   983  C CA  . ASP A 1 121 ? -15.788 -0.913  3.355   1.000 24.478 0 119 ASP AAA CA  1 ? 
ATOM   984  C C   . ASP A 1 121 ? -15.770 0.424   2.599   1.000 23.179 0 119 ASP AAA C   1 ? 
ATOM   985  O O   . ASP A 1 121 ? -16.263 0.434   1.480   1.000 24.436 0 119 ASP AAA O   1 ? 
ATOM   986  C CB  . ASP A 1 121 ? -17.225 -1.260  3.782   1.000 26.083 0 119 ASP AAA CB  1 ? 
ATOM   987  C CG  . ASP A 1 121 ? -17.454 -2.706  4.176   1.000 34.590 0 119 ASP AAA CG  1 ? 
ATOM   988  O OD1 . ASP A 1 121 ? -16.560 -3.544  3.956   1.000 40.022 0 119 ASP AAA OD1 1 ? 
ATOM   989  O OD2 . ASP A 1 121 ? -18.571 -3.011  4.647   1.000 43.622 0 119 ASP AAA OD2 1 ? 
ATOM   990  N N   . HIS A 1 122 ? -15.191 1.504   3.125   1.000 25.683 0 120 HIS AAA N   1 ? 
ATOM   991  C CA  . HIS A 1 122 ? -15.115 2.805   2.418   1.000 27.807 0 120 HIS AAA CA  1 ? 
ATOM   992  C C   . HIS A 1 122 ? -13.987 2.845   1.377   1.000 24.079 0 120 HIS AAA C   1 ? 
ATOM   993  O O   . HIS A 1 122 ? -13.995 3.725   0.515   1.000 23.367 0 120 HIS AAA O   1 ? 
ATOM   994  C CB  . HIS A 1 122 ? -15.071 3.929   3.457   1.000 33.180 0 120 HIS AAA CB  1 ? 
ATOM   995  C CG  . HIS A 1 122 ? -16.367 3.943   4.208   1.000 38.386 0 120 HIS AAA CG  1 ? 
ATOM   996  N ND1 . HIS A 1 122 ? -17.539 4.405   3.632   1.000 46.144 0 120 HIS AAA ND1 1 ? 
ATOM   997  C CD2 . HIS A 1 122 ? -16.706 3.412   5.405   1.000 45.521 0 120 HIS AAA CD2 1 ? 
ATOM   998  C CE1 . HIS A 1 122 ? -18.533 4.251   4.491   1.000 48.297 0 120 HIS AAA CE1 1 ? 
ATOM   999  N NE2 . HIS A 1 122 ? -18.050 3.635   5.588   1.000 48.284 0 120 HIS AAA NE2 1 ? 
ATOM   1000 N N   . PHE A 1 123 ? -13.055 1.902   1.421   1.000 24.256 0 121 PHE AAA N   1 ? 
ATOM   1001 C CA  . PHE A 1 123 ? -11.868 1.994   0.521   1.000 22.195 0 121 PHE AAA CA  1 ? 
ATOM   1002 C C   . PHE A 1 123 ? -12.286 1.727   -0.930  1.000 19.240 0 121 PHE AAA C   1 ? 
ATOM   1003 O O   . PHE A 1 123 ? -11.972 2.477   -1.843  1.000 19.997 0 121 PHE AAA O   1 ? 
ATOM   1004 C CB  . PHE A 1 123 ? -10.747 1.037   0.930   1.000 22.154 0 121 PHE AAA CB  1 ? 
ATOM   1005 C CG  . PHE A 1 123 ? -9.569  1.187   -0.001  1.000 22.102 0 121 PHE AAA CG  1 ? 
ATOM   1006 C CD1 . PHE A 1 123 ? -8.623  2.172   0.224   1.000 22.886 0 121 PHE AAA CD1 1 ? 
ATOM   1007 C CD2 . PHE A 1 123 ? -9.421  0.383   -1.124  1.000 20.236 0 121 PHE AAA CD2 1 ? 
ATOM   1008 C CE1 . PHE A 1 123 ? -7.523  2.293   -0.610  1.000 23.605 0 121 PHE AAA CE1 1 ? 
ATOM   1009 C CE2 . PHE A 1 123 ? -8.343  0.545   -1.984  1.000 22.002 0 121 PHE AAA CE2 1 ? 
ATOM   1010 C CZ  . PHE A 1 123 ? -7.421  1.538   -1.746  1.000 23.947 0 121 PHE AAA CZ  1 ? 
ATOM   1011 N N   . LYS A 1 124 ? -12.994 0.622   -1.193  1.000 20.907 0 122 LYS AAA N   1 ? 
ATOM   1012 C CA  . LYS A 1 124 ? -13.283 0.262   -2.581  1.000 20.056 0 122 LYS AAA CA  1 ? 
ATOM   1013 C C   . LYS A 1 124 ? -14.068 1.360   -3.294  1.000 20.633 0 122 LYS AAA C   1 ? 
ATOM   1014 O O   . LYS A 1 124 ? -13.752 1.661   -4.435  1.000 20.361 0 122 LYS AAA O   1 ? 
ATOM   1015 C CB  . LYS A 1 124 ? -13.995 -1.091  -2.631  1.000 22.425 0 122 LYS AAA CB  1 ? 
ATOM   1016 C CG  . LYS A 1 124 ? -13.053 -2.271  -2.654  1.000 25.271 0 122 LYS AAA CG  1 ? 
ATOM   1017 C CD  . LYS A 1 124 ? -13.837 -3.562  -2.751  1.000 30.799 0 122 LYS AAA CD  1 ? 
ATOM   1018 C CE  . LYS A 1 124 ? -12.969 -4.753  -3.058  1.000 36.302 0 122 LYS AAA CE  1 ? 
ATOM   1019 N NZ  . LYS A 1 124 ? -13.793 -5.971  -3.002  1.000 36.780 0 122 LYS AAA NZ  1 ? 
ATOM   1020 N N   . PRO A 1 125 ? -15.120 1.976   -2.679  1.000 20.727 0 123 PRO AAA N   1 ? 
ATOM   1021 C CA  . PRO A 1 125 ? -15.860 3.055   -3.328  1.000 20.879 0 123 PRO AAA CA  1 ? 
ATOM   1022 C C   . PRO A 1 125 ? -15.009 4.288   -3.630  1.000 18.384 0 123 PRO AAA C   1 ? 
ATOM   1023 O O   . PRO A 1 125 ? -15.205 4.907   -4.670  1.000 20.570 0 123 PRO AAA O   1 ? 
ATOM   1024 C CB  . PRO A 1 125 ? -16.990 3.380   -2.331  1.000 22.993 0 123 PRO AAA CB  1 ? 
ATOM   1025 C CG  . PRO A 1 125 ? -17.132 2.126   -1.525  1.000 24.891 0 123 PRO AAA CG  1 ? 
ATOM   1026 C CD  . PRO A 1 125 ? -15.746 1.532   -1.424  1.000 23.607 0 123 PRO AAA CD  1 ? 
ATOM   1027 N N   . LEU A 1 126 ? -14.108 4.587   -2.721  1.000 22.463 0 124 LEU AAA N   1 ? 
ATOM   1028 C CA  . LEU A 1 126 ? -13.138 5.712   -2.901  1.000 21.314 0 124 LEU AAA CA  1 ? 
ATOM   1029 C C   . LEU A 1 126 ? -12.222 5.429   -4.104  1.000 19.523 0 124 LEU AAA C   1 ? 
ATOM   1030 O O   . LEU A 1 126 ? -12.044 6.242   -4.981  1.000 20.131 0 124 LEU AAA O   1 ? 
ATOM   1031 C CB  . LEU A 1 126 ? -12.309 5.829   -1.637  1.000 23.062 0 124 LEU AAA CB  1 ? 
ATOM   1032 C CG  . LEU A 1 126 ? -11.182 6.869   -1.749  1.000 23.324 0 124 LEU AAA CG  1 ? 
ATOM   1033 C CD1 . LEU A 1 126 ? -11.721 8.223   -2.206  1.000 25.817 0 124 LEU AAA CD1 1 ? 
ATOM   1034 C CD2 . LEU A 1 126 ? -10.426 6.949   -0.482  1.000 25.289 0 124 LEU AAA CD2 1 ? 
ATOM   1035 N N   . TRP A 1 127 ? -11.662 4.229   -4.144  1.000 19.605 0 125 TRP AAA N   1 ? 
ATOM   1036 C CA  . TRP A 1 127 ? -10.864 3.813   -5.327  1.000 18.068 0 125 TRP AAA CA  1 ? 
ATOM   1037 C C   . TRP A 1 127 ? -11.696 3.949   -6.602  1.000 17.593 0 125 TRP AAA C   1 ? 
ATOM   1038 O O   . TRP A 1 127 ? -11.280 4.531   -7.589  1.000 17.684 0 125 TRP AAA O   1 ? 
ATOM   1039 C CB  . TRP A 1 127 ? -10.319 2.403   -5.108  1.000 16.599 0 125 TRP AAA CB  1 ? 
ATOM   1040 C CG  . TRP A 1 127 ? -9.403  1.947   -6.192  1.000 17.553 0 125 TRP AAA CG  1 ? 
ATOM   1041 C CD1 . TRP A 1 127 ? -9.784  1.351   -7.356  1.000 15.716 0 125 TRP AAA CD1 1 ? 
ATOM   1042 C CD2 . TRP A 1 127 ? -7.956  1.991   -6.232  1.000 16.467 0 125 TRP AAA CD2 1 ? 
ATOM   1043 N NE1 . TRP A 1 127 ? -8.719  1.057   -8.149  1.000 17.636 0 125 TRP AAA NE1 1 ? 
ATOM   1044 C CE2 . TRP A 1 127 ? -7.578  1.411   -7.457  1.000 16.641 0 125 TRP AAA CE2 1 ? 
ATOM   1045 C CE3 . TRP A 1 127 ? -6.977  2.482   -5.351  1.000 16.049 0 125 TRP AAA CE3 1 ? 
ATOM   1046 C CZ2 . TRP A 1 127 ? -6.240  1.349   -7.845  1.000 17.087 0 125 TRP AAA CZ2 1 ? 
ATOM   1047 C CZ3 . TRP A 1 127 ? -5.654  2.357   -5.728  1.000 14.608 0 125 TRP AAA CZ3 1 ? 
ATOM   1048 C CH2 . TRP A 1 127 ? -5.306  1.792   -6.938  1.000 16.021 0 125 TRP AAA CH2 1 ? 
ATOM   1049 N N   . ALA A 1 128 ? -12.880 3.334   -6.582  1.000 19.726 0 126 ALA AAA N   1 ? 
ATOM   1050 C CA  . ALA A 1 128 ? -13.750 3.262   -7.774  1.000 20.596 0 126 ALA AAA CA  1 ? 
ATOM   1051 C C   . ALA A 1 128 ? -14.081 4.655   -8.304  1.000 19.627 0 126 ALA AAA C   1 ? 
ATOM   1052 O O   . ALA A 1 128 ? -14.034 4.872   -9.488  1.000 21.649 0 126 ALA AAA O   1 ? 
ATOM   1053 C CB  . ALA A 1 128 ? -15.018 2.507   -7.458  1.000 21.332 0 126 ALA AAA CB  1 ? 
ATOM   1054 N N   . ARG A 1 129 ? -14.353 5.597   -7.404  1.000 21.186 0 127 ARG AAA N   1 ? 
ATOM   1055 C CA  . ARG A 1 129 ? -14.656 7.002   -7.719  1.000 24.783 0 127 ARG AAA CA  1 ? 
ATOM   1056 C C   . ARG A 1 129 ? -13.486 7.651   -8.463  1.000 24.849 0 127 ARG AAA C   1 ? 
ATOM   1057 O O   . ARG A 1 129 ? -13.732 8.606   -9.223  1.000 24.243 0 127 ARG AAA O   1 ? 
ATOM   1058 C CB  . ARG A 1 129 ? -14.952 7.679   -6.368  1.000 28.813 0 127 ARG AAA CB  1 ? 
ATOM   1059 C CG  . ARG A 1 129 ? -15.259 9.163   -6.385  1.000 36.432 0 127 ARG AAA CG  1 ? 
ATOM   1060 C CD  . ARG A 1 129 ? -16.303 9.454   -5.309  1.000 43.147 0 127 ARG AAA CD  1 ? 
ATOM   1061 N NE  . ARG A 1 129 ? -15.919 9.262   -3.903  1.000 46.028 0 127 ARG AAA NE  1 ? 
ATOM   1062 C CZ  . ARG A 1 129 ? -16.027 8.118   -3.223  1.000 46.675 0 127 ARG AAA CZ  1 ? 
ATOM   1063 N NH2 . ARG A 1 129 ? -15.707 8.029   -1.939  1.000 42.029 0 127 ARG AAA NH2 1 ? 
ATOM   1064 N N   . ASN A 1 130 ? -12.255 7.160   -8.276  1.000 19.487 0 128 ASN AAA N   1 ? 
ATOM   1065 C CA  . ASN A 1 130 ? -11.073 7.927   -8.738  1.000 20.068 0 128 ASN AAA CA  1 ? 
ATOM   1066 C C   . ASN A 1 130 ? -10.416 7.279   -9.957  1.000 21.534 0 128 ASN AAA C   1 ? 
ATOM   1067 O O   . ASN A 1 130 ? -9.432  7.835   -10.503 1.000 19.673 0 128 ASN AAA O   1 ? 
ATOM   1068 C CB  . ASN A 1 130 ? -10.130 8.115   -7.566  1.000 20.315 0 128 ASN AAA CB  1 ? 
ATOM   1069 C CG  . ASN A 1 130 ? -10.600 9.235   -6.671  1.000 22.185 0 128 ASN AAA CG  1 ? 
ATOM   1070 O OD1 . ASN A 1 130 ? -11.203 8.998   -5.641  1.000 24.330 0 128 ASN AAA OD1 1 ? 
ATOM   1071 N ND2 . ASN A 1 130 ? -10.324 10.456  -7.073  1.000 22.369 0 128 ASN AAA ND2 1 ? 
ATOM   1072 N N   . VAL A 1 131 ? -10.920 6.143   -10.415 1.000 20.136 0 129 VAL AAA N   1 ? 
ATOM   1073 C CA  . VAL A 1 131 ? -10.216 5.396   -11.488 1.000 19.268 0 129 VAL AAA CA  1 ? 
ATOM   1074 C C   . VAL A 1 131 ? -10.075 6.297   -12.705 1.000 19.951 0 129 VAL AAA C   1 ? 
ATOM   1075 O O   . VAL A 1 131 ? -11.047 6.998   -13.047 1.000 21.591 0 129 VAL AAA O   1 ? 
ATOM   1076 C CB  . VAL A 1 131 ? -11.022 4.137   -11.863 1.000 18.431 0 129 VAL AAA CB  1 ? 
ATOM   1077 C CG1 . VAL A 1 131 ? -10.521 3.526   -13.151 1.000 21.355 0 129 VAL AAA CG1 1 ? 
ATOM   1078 C CG2 . VAL A 1 131 ? -11.062 3.135   -10.743 1.000 19.772 0 129 VAL AAA CG2 1 ? 
ATOM   1079 N N   . PRO A 1 132 ? -8.937  6.360   -13.431 1.000 18.754 0 130 PRO AAA N   1 ? 
ATOM   1080 C CA  . PRO A 1 132 ? -7.709  5.581   -13.179 1.000 17.851 0 130 PRO AAA CA  1 ? 
ATOM   1081 C C   . PRO A 1 132 ? -6.613  6.381   -12.430 1.000 17.261 0 130 PRO AAA C   1 ? 
ATOM   1082 O O   . PRO A 1 132 ? -5.414  6.071   -12.546 1.000 16.099 0 130 PRO AAA O   1 ? 
ATOM   1083 C CB  . PRO A 1 132 ? -7.298  5.299   -14.616 1.000 18.115 0 130 PRO AAA CB  1 ? 
ATOM   1084 C CG  . PRO A 1 132 ? -7.517  6.636   -15.299 1.000 19.883 0 130 PRO AAA CG  1 ? 
ATOM   1085 C CD  . PRO A 1 132 ? -8.792  7.150   -14.665 1.000 18.921 0 130 PRO AAA CD  1 ? 
ATOM   1086 N N   . LYS A 1 133 ? -6.998  7.405   -11.682 1.000 14.761 0 131 LYS AAA N   1 ? 
ATOM   1087 C CA  . LYS A 1 133 ? -6.065  8.394   -11.088 1.000 15.012 0 131 LYS AAA CA  1 ? 
ATOM   1088 C C   . LYS A 1 133 ? -5.239  7.782   -9.971  1.000 15.437 0 131 LYS AAA C   1 ? 
ATOM   1089 O O   . LYS A 1 133 ? -4.089  8.189   -9.813  1.000 14.643 0 131 LYS AAA O   1 ? 
ATOM   1090 C CB  . LYS A 1 133 ? -6.865  9.568   -10.525 1.000 16.423 0 131 LYS AAA CB  1 ? 
ATOM   1091 C CG  . LYS A 1 133 ? -7.422  10.465  -11.624 1.000 18.463 0 131 LYS AAA CG  1 ? 
ATOM   1092 C CD  . LYS A 1 133 ? -8.200  11.657  -11.102 1.000 20.970 0 131 LYS AAA CD  1 ? 
ATOM   1093 C CE  . LYS A 1 133 ? -9.473  11.217  -10.429 1.000 22.920 0 131 LYS AAA CE  1 ? 
ATOM   1094 N NZ  . LYS A 1 133 ? -10.341 12.378  -10.098 1.000 28.002 0 131 LYS AAA NZ  1 ? 
ATOM   1095 N N   . PHE A 1 134 ? -5.782  6.856   -9.182  1.000 14.322 0 132 PHE AAA N   1 ? 
ATOM   1096 C CA  . PHE A 1 134 ? -5.029  6.223   -8.087  1.000 14.077 0 132 PHE AAA CA  1 ? 
ATOM   1097 C C   . PHE A 1 134 ? -4.234  5.042   -8.606  1.000 13.978 0 132 PHE AAA C   1 ? 
ATOM   1098 O O   . PHE A 1 134 ? -4.706  4.290   -9.467  1.000 15.736 0 132 PHE AAA O   1 ? 
ATOM   1099 C CB  . PHE A 1 134 ? -5.962  5.788   -6.972  1.000 15.263 0 132 PHE AAA CB  1 ? 
ATOM   1100 C CG  . PHE A 1 134 ? -6.597  6.895   -6.170  1.000 16.701 0 132 PHE AAA CG  1 ? 
ATOM   1101 C CD1 . PHE A 1 134 ? -6.306  8.234   -6.364  1.000 17.463 0 132 PHE AAA CD1 1 ? 
ATOM   1102 C CD2 . PHE A 1 134 ? -7.432  6.528   -5.130  1.000 16.670 0 132 PHE AAA CD2 1 ? 
ATOM   1103 C CE1 . PHE A 1 134 ? -6.955  9.193   -5.580  1.000 18.809 0 132 PHE AAA CE1 1 ? 
ATOM   1104 C CE2 . PHE A 1 134 ? -8.023  7.480   -4.317  1.000 18.579 0 132 PHE AAA CE2 1 ? 
ATOM   1105 C CZ  . PHE A 1 134 ? -7.798  8.792   -4.560  1.000 17.033 0 132 PHE AAA CZ  1 ? 
ATOM   1106 N N   . GLY A 1 135 ? -3.046  4.895   -8.042  1.000 12.975 0 133 GLY AAA N   1 ? 
ATOM   1107 C CA  . GLY A 1 135 ? -2.158  3.761   -8.320  1.000 13.293 0 133 GLY AAA CA  1 ? 
ATOM   1108 C C   . GLY A 1 135 ? -1.584  3.186   -7.045  1.000 12.291 0 133 GLY AAA C   1 ? 
ATOM   1109 O O   . GLY A 1 135 ? -2.164  3.288   -5.962  1.000 13.184 0 133 GLY AAA O   1 ? 
ATOM   1110 N N   . LEU A 1 136 ? -0.461  2.513   -7.203  1.000 12.794 0 134 LEU AAA N   1 ? 
ATOM   1111 C CA  . LEU A 1 136 ? 0.108   1.763   -6.079  1.000 13.679 0 134 LEU AAA CA  1 ? 
ATOM   1112 C C   . LEU A 1 136 ? 0.532   2.653   -4.943  1.000 12.708 0 134 LEU AAA C   1 ? 
ATOM   1113 O O   . LEU A 1 136 ? 0.390   2.263   -3.788  1.000 13.106 0 134 LEU AAA O   1 ? 
ATOM   1114 C CB  . LEU A 1 136 ? 1.272   0.917   -6.596  1.000 13.752 0 134 LEU AAA CB  1 ? 
ATOM   1115 C CG  . LEU A 1 136 ? 0.880   -0.068  -7.687  1.000 13.848 0 134 LEU AAA CG  1 ? 
ATOM   1116 C CD1 . LEU A 1 136 ? 2.077   -0.940  -8.071  1.000 15.347 0 134 LEU AAA CD1 1 ? 
ATOM   1117 C CD2 . LEU A 1 136 ? -0.303  -0.951  -7.302  1.000 15.659 0 134 LEU AAA CD2 1 ? 
ATOM   1118 N N   . ALA A 1 137 ? 1.051   3.853   -5.212  1.000 13.608 0 135 ALA AAA N   1 ? 
ATOM   1119 C CA  . ALA A 1 137 ? 1.382   4.741   -4.097  1.000 13.424 0 135 ALA AAA CA  1 ? 
ATOM   1120 C C   . ALA A 1 137 ? 0.120   5.057   -3.283  1.000 12.079 0 135 ALA AAA C   1 ? 
ATOM   1121 O O   . ALA A 1 137 ? 0.167   5.167   -2.072  1.000 12.971 0 135 ALA AAA O   1 ? 
ATOM   1122 C CB  . ALA A 1 137 ? 2.023   6.003   -4.614  1.000 14.140 0 135 ALA AAA CB  1 ? 
ATOM   1123 N N   . HIS A 1 138 ? -1.011  5.348   -3.949  1.000 12.959 0 136 HIS AAA N   1 ? 
ATOM   1124 C CA  . HIS A 1 138 ? -2.282  5.645   -3.271  1.000 13.221 0 136 HIS AAA CA  1 ? 
ATOM   1125 C C   . HIS A 1 138 ? -2.769  4.435   -2.501  1.000 13.122 0 136 HIS AAA C   1 ? 
ATOM   1126 O O   . HIS A 1 138 ? -3.286  4.589   -1.427  1.000 13.896 0 136 HIS AAA O   1 ? 
ATOM   1127 C CB  . HIS A 1 138 ? -3.314  6.055   -4.309  1.000 13.043 0 136 HIS AAA CB  1 ? 
ATOM   1128 C CG  . HIS A 1 138 ? -2.938  7.259   -5.087  1.000 14.123 0 136 HIS AAA CG  1 ? 
ATOM   1129 N ND1 . HIS A 1 138 ? -2.198  7.208   -6.219  1.000 14.331 0 136 HIS AAA ND1 1 ? 
ATOM   1130 C CD2 . HIS A 1 138 ? -3.204  8.568   -4.834  1.000 15.744 0 136 HIS AAA CD2 1 ? 
ATOM   1131 C CE1 . HIS A 1 138 ? -2.033  8.448   -6.675  1.000 14.962 0 136 HIS AAA CE1 1 ? 
ATOM   1132 N NE2 . HIS A 1 138 ? -2.620  9.317   -5.835  1.000 15.830 0 136 HIS AAA NE2 1 ? 
ATOM   1133 N N   . LEU A 1 139 ? -2.592  3.258   -3.084  1.000 12.960 0 137 LEU AAA N   1 ? 
ATOM   1134 C CA  . LEU A 1 139 ? -2.990  2.001   -2.400  1.000 13.911 0 137 LEU AAA CA  1 ? 
ATOM   1135 C C   . LEU A 1 139 ? -2.219  1.873   -1.079  1.000 14.244 0 137 LEU AAA C   1 ? 
ATOM   1136 O O   . LEU A 1 139 ? -2.794  1.504   -0.003  1.000 15.123 0 137 LEU AAA O   1 ? 
ATOM   1137 C CB  . LEU A 1 139 ? -2.661  0.814   -3.302  1.000 16.372 0 137 LEU AAA CB  1 ? 
ATOM   1138 C CG  . LEU A 1 139 ? -3.089  -0.563  -2.759  1.000 18.547 0 137 LEU AAA CG  1 ? 
ATOM   1139 C CD1 . LEU A 1 139 ? -4.618  -0.667  -2.750  1.000 22.786 0 137 LEU AAA CD1 1 ? 
ATOM   1140 C CD2 . LEU A 1 139 ? -2.473  -1.668  -3.607  1.000 18.166 0 137 LEU AAA CD2 1 ? 
ATOM   1141 N N   . MET A 1 140 ? -0.918  2.206   -1.094  1.000 13.790 0 138 MET AAA N   1 ? 
ATOM   1142 C CA  . MET A 1 140 ? -0.088  2.187   0.115   1.000 13.492 0 138 MET AAA CA  1 ? 
ATOM   1143 C C   . MET A 1 140 ? -0.534  3.255   1.110   1.000 13.716 0 138 MET AAA C   1 ? 
ATOM   1144 O O   . MET A 1 140 ? -0.700  2.989   2.302   1.000 13.508 0 138 MET AAA O   1 ? 
ATOM   1145 C CB  . MET A 1 140 ? 1.380   2.333   -0.255  1.000 14.060 0 138 MET AAA CB  1 ? 
ATOM   1146 C CG  . MET A 1 140 ? 1.894   1.167   -1.112  1.000 14.144 0 138 MET AAA CG  1 ? 
ATOM   1147 S SD  . MET A 1 140 ? 2.036   -0.400  -0.186  1.000 15.037 0 138 MET AAA SD  1 ? 
ATOM   1148 C CE  . MET A 1 140 ? 3.566   -0.117  0.682   1.000 14.036 0 138 MET AAA CE  1 ? 
ATOM   1149 N N   . ALA A 1 141 ? -0.713  4.476   0.632   1.000 12.780 0 139 ALA AAA N   1 ? 
ATOM   1150 C CA  . ALA A 1 141 ? -0.986  5.601   1.532   1.000 13.866 0 139 ALA AAA CA  1 ? 
ATOM   1151 C C   . ALA A 1 141 ? -2.390  5.569   2.150   1.000 13.600 0 139 ALA AAA C   1 ? 
ATOM   1152 O O   . ALA A 1 141 ? -2.549  5.968   3.289   1.000 14.414 0 139 ALA AAA O   1 ? 
ATOM   1153 C CB  . ALA A 1 141 ? -0.792  6.906   0.763   1.000 13.692 0 139 ALA AAA CB  1 ? 
ATOM   1154 N N   . LEU A 1 142 ? -3.370  5.146   1.350   1.000 13.743 0 140 LEU AAA N   1 ? 
ATOM   1155 C CA  . LEU A 1 142 ? -4.781  5.129   1.778   1.000 14.632 0 140 LEU AAA CA  1 ? 
ATOM   1156 C C   . LEU A 1 142 ? -5.200  3.783   2.336   1.000 15.225 0 140 LEU AAA C   1 ? 
ATOM   1157 O O   . LEU A 1 142 ? -6.240  3.734   3.029   1.000 17.823 0 140 LEU AAA O   1 ? 
ATOM   1158 C CB  . LEU A 1 142 ? -5.678  5.526   0.605   1.000 14.912 0 140 LEU AAA CB  1 ? 
ATOM   1159 C CG  . LEU A 1 142 ? -5.531  6.952   0.077   1.000 16.041 0 140 LEU AAA CG  1 ? 
ATOM   1160 C CD1 . LEU A 1 142 ? -6.252  7.109   -1.240  1.000 16.692 0 140 LEU AAA CD1 1 ? 
ATOM   1161 C CD2 . LEU A 1 142 ? -6.114  7.935   1.040   1.000 17.260 0 140 LEU AAA CD2 1 ? 
ATOM   1162 N N   . GLY A 1 143 ? -4.518  2.718   1.963   1.000 14.693 0 141 GLY AAA N   1 ? 
ATOM   1163 C CA  . GLY A 1 143 ? -4.937  1.357   2.288   1.000 16.264 0 141 GLY AAA CA  1 ? 
ATOM   1164 C C   . GLY A 1 143 ? -4.066  0.705   3.329   1.000 14.708 0 141 GLY AAA C   1 ? 
ATOM   1165 O O   . GLY A 1 143 ? -4.483  0.618   4.491   1.000 15.673 0 141 GLY AAA O   1 ? 
ATOM   1166 N N   . LEU A 1 144 ? -2.871  0.274   2.943   1.000 14.065 0 142 LEU AAA N   1 ? 
ATOM   1167 C CA  . LEU A 1 144 ? -1.997  -0.417  3.919   1.000 13.392 0 142 LEU AAA CA  1 ? 
ATOM   1168 C C   . LEU A 1 144 ? -1.621  0.480   5.083   1.000 13.789 0 142 LEU AAA C   1 ? 
ATOM   1169 O O   . LEU A 1 144 ? -1.656  0.017   6.215   1.000 14.993 0 142 LEU AAA O   1 ? 
ATOM   1170 C CB  . LEU A 1 144 ? -0.738  -0.929  3.229   1.000 13.420 0 142 LEU AAA CB  1 ? 
ATOM   1171 C CG  . LEU A 1 144 ? 0.268   -1.634  4.107   1.000 13.576 0 142 LEU AAA CG  1 ? 
ATOM   1172 C CD1 . LEU A 1 144 ? -0.327  -2.897  4.742   1.000 13.538 0 142 LEU AAA CD1 1 ? 
ATOM   1173 C CD2 . LEU A 1 144 ? 1.479   -1.992  3.272   1.000 13.471 0 142 LEU AAA CD2 1 ? 
ATOM   1174 N N   . GLY A 1 145 ? -1.244  1.739   4.841   1.000 14.286 0 143 GLY AAA N   1 ? 
ATOM   1175 C CA  . GLY A 1 145 ? -0.743  2.568   5.941   1.000 15.012 0 143 GLY AAA CA  1 ? 
ATOM   1176 C C   . GLY A 1 145 ? -1.734  2.660   7.084   1.000 16.014 0 143 GLY AAA C   1 ? 
ATOM   1177 O O   . GLY A 1 145 ? -1.402  2.398   8.235   1.000 15.723 0 143 GLY AAA O   1 ? 
ATOM   1178 N N   . PRO A 1 146 ? -2.988  3.072   6.819   1.000 15.596 0 144 PRO AAA N   1 ? 
ATOM   1179 C CA  . PRO A 1 146 ? -3.990  3.189   7.871   1.000 17.400 0 144 PRO AAA CA  1 ? 
ATOM   1180 C C   . PRO A 1 146 ? -4.329  1.836   8.520   1.000 16.650 0 144 PRO AAA C   1 ? 
ATOM   1181 O O   . PRO A 1 146 ? -4.623  1.813   9.722   1.000 18.317 0 144 PRO AAA O   1 ? 
ATOM   1182 C CB  . PRO A 1 146 ? -5.188  3.842   7.132   1.000 19.399 0 144 PRO AAA CB  1 ? 
ATOM   1183 C CG  . PRO A 1 146 ? -4.562  4.555   5.993   1.000 21.689 0 144 PRO AAA CG  1 ? 
ATOM   1184 C CD  . PRO A 1 146 ? -3.443  3.663   5.542   1.000 17.550 0 144 PRO AAA CD  1 ? 
ATOM   1185 N N   . TRP A 1 147 ? -4.275  0.768   7.747   1.000 16.766 0 145 TRP AAA N   1 ? 
ATOM   1186 C CA  . TRP A 1 147 ? -4.540  -0.565  8.311   1.000 15.876 0 145 TRP AAA CA  1 ? 
ATOM   1187 C C   . TRP A 1 147 ? -3.434  -0.902  9.321   1.000 16.374 0 145 TRP AAA C   1 ? 
ATOM   1188 O O   . TRP A 1 147 ? -3.730  -1.417  10.434  1.000 14.843 0 145 TRP AAA O   1 ? 
ATOM   1189 C CB  . TRP A 1 147 ? -4.587  -1.570  7.156   1.000 14.927 0 145 TRP AAA CB  1 ? 
ATOM   1190 C CG  . TRP A 1 147 ? -4.844  -2.988  7.537   1.000 16.131 0 145 TRP AAA CG  1 ? 
ATOM   1191 C CD1 . TRP A 1 147 ? -6.060  -3.607  7.576   1.000 16.618 0 145 TRP AAA CD1 1 ? 
ATOM   1192 C CD2 . TRP A 1 147 ? -3.857  -3.989  7.827   1.000 15.728 0 145 TRP AAA CD2 1 ? 
ATOM   1193 N NE1 . TRP A 1 147 ? -5.895  -4.922  7.913   1.000 17.400 0 145 TRP AAA NE1 1 ? 
ATOM   1194 C CE2 . TRP A 1 147 ? -4.564  -5.205  8.055   1.000 16.486 0 145 TRP AAA CE2 1 ? 
ATOM   1195 C CE3 . TRP A 1 147 ? -2.454  -3.986  7.925   1.000 16.405 0 145 TRP AAA CE3 1 ? 
ATOM   1196 C CZ2 . TRP A 1 147 ? -3.882  -6.379  8.361   1.000 17.057 0 145 TRP AAA CZ2 1 ? 
ATOM   1197 C CZ3 . TRP A 1 147 ? -1.781  -5.143  8.245   1.000 16.878 0 145 TRP AAA CZ3 1 ? 
ATOM   1198 C CH2 . TRP A 1 147 ? -2.503  -6.321  8.495   1.000 18.653 0 145 TRP AAA CH2 1 ? 
ATOM   1199 N N   . LEU A 1 148 ? -2.168  -0.647  8.978   1.000 14.456 0 146 LEU AAA N   1 ? 
ATOM   1200 C CA  . LEU A 1 148 ? -1.066  -0.959  9.937   1.000 14.521 0 146 LEU AAA CA  1 ? 
ATOM   1201 C C   . LEU A 1 148 ? -1.296  -0.186  11.243  1.000 13.810 0 146 LEU AAA C   1 ? 
ATOM   1202 O O   . LEU A 1 148 ? -1.033  -0.727  12.313  1.000 14.237 0 146 LEU AAA O   1 ? 
ATOM   1203 C CB  . LEU A 1 148 ? 0.308   -0.589  9.381   1.000 14.707 0 146 LEU AAA CB  1 ? 
ATOM   1204 C CG  . LEU A 1 148 ? 0.773   -1.386  8.176   1.000 15.182 0 146 LEU AAA CG  1 ? 
ATOM   1205 C CD1 . LEU A 1 148 ? 1.970   -0.659  7.548   1.000 14.925 0 146 LEU AAA CD1 1 ? 
ATOM   1206 C CD2 . LEU A 1 148 ? 1.176   -2.794  8.575   1.000 15.603 0 146 LEU AAA CD2 1 ? 
ATOM   1207 N N   . ALA A 1 149 ? -1.760  1.066   11.176  1.000 13.724 0 147 ALA AAA N   1 ? 
ATOM   1208 C CA  . ALA A 1 149 ? -1.878  1.955   12.344  1.000 13.687 0 147 ALA AAA CA  1 ? 
ATOM   1209 C C   . ALA A 1 149 ? -2.998  1.493   13.306  1.000 13.964 0 147 ALA AAA C   1 ? 
ATOM   1210 O O   . ALA A 1 149 ? -3.039  1.976   14.465  1.000 14.742 0 147 ALA AAA O   1 ? 
ATOM   1211 C CB  . ALA A 1 149 ? -2.100  3.403   11.906  1.000 14.006 0 147 ALA AAA CB  1 ? 
ATOM   1212 N N   . VAL A 1 150 ? -3.827  0.529   12.879  1.000 15.110 0 148 VAL AAA N   1 ? 
ATOM   1213 C CA  . VAL A 1 150 ? -4.818  -0.140  13.772  1.000 15.482 0 148 VAL AAA CA  1 ? 
ATOM   1214 C C   . VAL A 1 150 ? -4.272  -1.504  14.155  1.000 14.959 0 148 VAL AAA C   1 ? 
ATOM   1215 O O   . VAL A 1 150 ? -4.208  -1.845  15.379  1.000 17.566 0 148 VAL AAA O   1 ? 
ATOM   1216 C CB  . VAL A 1 150 ? -6.223  -0.239  13.176  1.000 15.357 0 148 VAL AAA CB  1 ? 
ATOM   1217 C CG1 . VAL A 1 150 ? -7.156  -1.065  14.009  1.000 17.189 0 148 VAL AAA CG1 1 ? 
ATOM   1218 C CG2 . VAL A 1 150 ? -6.767  1.155   12.977  1.000 15.977 0 148 VAL AAA CG2 1 ? 
ATOM   1219 N N   . GLU A 1 151 ? -3.897  -2.290  13.177  1.000 15.699 0 149 GLU AAA N   1 ? 
ATOM   1220 C CA  . GLU A 1 151 ? -3.744  -3.737  13.437  1.000 16.386 0 149 GLU AAA CA  1 ? 
ATOM   1221 C C   . GLU A 1 151 ? -2.409  -4.006  14.112  1.000 15.646 0 149 GLU AAA C   1 ? 
ATOM   1222 O O   . GLU A 1 151 ? -2.327  -4.957  14.952  1.000 17.862 0 149 GLU AAA O   1 ? 
ATOM   1223 C CB  . GLU A 1 151 ? -3.850  -4.521  12.133  1.000 15.316 0 149 GLU AAA CB  1 ? 
ATOM   1224 C CG  . GLU A 1 151 ? -5.207  -4.407  11.476  1.000 17.486 0 149 GLU AAA CG  1 ? 
ATOM   1225 C CD  . GLU A 1 151 ? -6.424  -4.730  12.337  1.000 18.450 0 149 GLU AAA CD  1 ? 
ATOM   1226 O OE1 . GLU A 1 151 ? -6.255  -5.545  13.298  1.000 21.689 0 149 GLU AAA OE1 1 ? 
ATOM   1227 O OE2 . GLU A 1 151 ? -7.526  -4.150  12.044  1.000 20.348 0 149 GLU AAA OE2 1 ? 
ATOM   1228 N N   . ILE A 1 152 ? -1.338  -3.294  13.789  1.000 15.285 0 150 ILE AAA N   1 ? 
ATOM   1229 C CA  . ILE A 1 152 ? -0.030  -3.586  14.419  1.000 16.956 0 150 ILE AAA CA  1 ? 
ATOM   1230 C C   . ILE A 1 152 ? -0.088  -3.216  15.900  1.000 17.252 0 150 ILE AAA C   1 ? 
ATOM   1231 O O   . ILE A 1 152 ? 0.317   -4.056  16.708  1.000 18.025 0 150 ILE AAA O   1 ? 
ATOM   1232 C CB  . ILE A 1 152 ? 1.161   -3.011  13.630  1.000 15.797 0 150 ILE AAA CB  1 ? 
ATOM   1233 C CG1 . ILE A 1 152 ? 1.131   -3.489  12.173  1.000 16.047 0 150 ILE AAA CG1 1 ? 
ATOM   1234 C CG2 . ILE A 1 152 ? 2.465   -3.385  14.344  1.000 17.403 0 150 ILE AAA CG2 1 ? 
ATOM   1235 C CD1 . ILE A 1 152 ? 0.941   -4.972  11.939  1.000 15.882 0 150 ILE AAA CD1 1 ? 
ATOM   1236 N N   . PRO A 1 153 ? -0.591  -2.054  16.358  1.000 16.158 0 151 PRO AAA N   1 ? 
ATOM   1237 C CA  . PRO A 1 153 ? -0.729  -1.783  17.790  1.000 17.468 0 151 PRO AAA CA  1 ? 
ATOM   1238 C C   . PRO A 1 153 ? -1.537  -2.846  18.522  1.000 19.752 0 151 PRO AAA C   1 ? 
ATOM   1239 O O   . PRO A 1 153 ? -1.201  -3.148  19.657  1.000 22.005 0 151 PRO AAA O   1 ? 
ATOM   1240 C CB  . PRO A 1 153 ? -1.409  -0.417  17.821  1.000 18.129 0 151 PRO AAA CB  1 ? 
ATOM   1241 C CG  . PRO A 1 153 ? -0.895  0.241   16.567  1.000 17.021 0 151 PRO AAA CG  1 ? 
ATOM   1242 C CD  . PRO A 1 153 ? -0.956  -0.867  15.563  1.000 17.267 0 151 PRO AAA CD  1 ? 
ATOM   1243 N N   . ASP A 1 154 ? -2.541  -3.407  17.884  1.000 19.434 0 152 ASP AAA N   1 ? 
ATOM   1244 C CA  . ASP A 1 154 ? -3.379  -4.444  18.531  1.000 23.747 0 152 ASP AAA CA  1 ? 
ATOM   1245 C C   . ASP A 1 154 ? -2.530  -5.700  18.747  1.000 24.791 0 152 ASP AAA C   1 ? 
ATOM   1246 O O   . ASP A 1 154 ? -2.581  -6.246  19.887  1.000 25.345 0 152 ASP AAA O   1 ? 
ATOM   1247 C CB  . ASP A 1 154 ? -4.645  -4.739  17.726  1.000 24.049 0 152 ASP AAA CB  1 ? 
ATOM   1248 C CG  . ASP A 1 154 ? -5.625  -5.592  18.503  1.000 28.882 0 152 ASP AAA CG  1 ? 
ATOM   1249 O OD1 . ASP A 1 154 ? -5.856  -5.283  19.701  1.000 35.868 0 152 ASP AAA OD1 1 ? 
ATOM   1250 O OD2 . ASP A 1 154 ? -6.127  -6.534  17.912  1.000 35.323 0 152 ASP AAA OD2 1 ? 
ATOM   1251 N N   . LEU A 1 155 ? -1.744  -6.143  17.756  1.000 19.166 0 153 LEU AAA N   1 ? 
ATOM   1252 C CA  . LEU A 1 155 ? -0.855  -7.336  17.921  1.000 20.440 0 153 LEU AAA CA  1 ? 
ATOM   1253 C C   . LEU A 1 155 ? 0.177   -7.050  19.000  1.000 24.390 0 153 LEU AAA C   1 ? 
ATOM   1254 O O   . LEU A 1 155 ? 0.533   -7.977  19.761  1.000 25.931 0 153 LEU AAA O   1 ? 
ATOM   1255 C CB  . LEU A 1 155 ? -0.184  -7.695  16.607  1.000 20.970 0 153 LEU AAA CB  1 ? 
ATOM   1256 C CG  . LEU A 1 155 ? -1.089  -8.212  15.499  1.000 21.239 0 153 LEU AAA CG  1 ? 
ATOM   1257 C CD1 . LEU A 1 155 ? -0.260  -8.567  14.285  1.000 24.227 0 153 LEU AAA CD1 1 ? 
ATOM   1258 C CD2 . LEU A 1 155 ? -1.905  -9.410  15.970  1.000 24.922 0 153 LEU AAA CD2 1 ? 
ATOM   1259 N N   . ILE A 1 156 ? 0.690   -5.832  19.069  1.000 21.099 0 154 ILE AAA N   1 ? 
ATOM   1260 C CA  . ILE A 1 156 ? 1.678   -5.441  20.109  1.000 21.830 0 154 ILE AAA CA  1 ? 
ATOM   1261 C C   . ILE A 1 156 ? 0.992   -5.495  21.486  1.000 24.166 0 154 ILE AAA C   1 ? 
ATOM   1262 O O   . ILE A 1 156 ? 1.629   -6.070  22.451  1.000 30.422 0 154 ILE AAA O   1 ? 
ATOM   1263 C CB  . ILE A 1 156 ? 2.318   -4.071  19.794  1.000 20.890 0 154 ILE AAA CB  1 ? 
ATOM   1264 C CG1 . ILE A 1 156 ? 3.184   -4.088  18.520  1.000 20.621 0 154 ILE AAA CG1 1 ? 
ATOM   1265 C CG2 . ILE A 1 156 ? 3.134   -3.586  20.977  1.000 24.451 0 154 ILE AAA CG2 1 ? 
ATOM   1266 C CD1 . ILE A 1 156 ? 3.471   -2.719  17.961  1.000 20.766 0 154 ILE AAA CD1 1 ? 
ATOM   1267 N N   . GLN A 1 157 ? -0.214  -4.957  21.617  1.000 26.803 0 155 GLN AAA N   1 ? 
ATOM   1268 C CA  . GLN A 1 157 ? -1.002  -4.966  22.894  1.000 30.819 0 155 GLN AAA CA  1 ? 
ATOM   1269 C C   . GLN A 1 157 ? -1.201  -6.415  23.352  1.000 33.368 0 155 GLN AAA C   1 ? 
ATOM   1270 O O   . GLN A 1 157 ? -1.069  -6.648  24.583  1.000 37.802 0 155 GLN AAA O   1 ? 
ATOM   1271 C CB  . GLN A 1 157 ? -2.350  -4.262  22.722  1.000 37.483 0 155 GLN AAA CB  1 ? 
ATOM   1272 C CG  . GLN A 1 157 ? -3.413  -4.605  23.774  1.000 47.107 0 155 GLN AAA CG  1 ? 
ATOM   1273 C CD  . GLN A 1 157 ? -3.289  -3.831  25.064  1.000 55.269 0 155 GLN AAA CD  1 ? 
ATOM   1274 O OE1 . GLN A 1 157 ? -3.293  -4.407  26.158  1.000 61.719 0 155 GLN AAA OE1 1 ? 
ATOM   1275 N NE2 . GLN A 1 157 ? -3.216  -2.510  24.951  1.000 57.518 0 155 GLN AAA NE2 1 ? 
ATOM   1276 N N   . LYS A 1 158 ? -1.497  -7.338  22.428  1.000 30.123 0 156 LYS AAA N   1 ? 
ATOM   1277 C CA  . LYS A 1 158 ? -1.801  -8.774  22.676  1.000 31.512 0 156 LYS AAA CA  1 ? 
ATOM   1278 C C   . LYS A 1 158 ? -0.476  -9.489  22.968  1.000 34.332 0 156 LYS AAA C   1 ? 
ATOM   1279 O O   . LYS A 1 158 ? -0.500  -10.521 23.641  1.000 42.433 0 156 LYS AAA O   1 ? 
ATOM   1280 C CB  . LYS A 1 158 ? -2.550  -9.436  21.509  1.000 33.691 0 156 LYS AAA CB  1 ? 
ATOM   1281 C CG  . LYS A 1 158 ? -3.970  -8.922  21.230  1.000 32.993 0 156 LYS AAA CG  1 ? 
ATOM   1282 C CD  . LYS A 1 158 ? -4.543  -9.453  19.931  1.000 36.511 0 156 LYS AAA CD  1 ? 
ATOM   1283 C CE  . LYS A 1 158 ? -6.014  -9.158  19.722  1.000 38.407 0 156 LYS AAA CE  1 ? 
ATOM   1284 N N   . GLY A 1 159 ? 0.629   -8.969  22.448  1.000 34.485 0 157 GLY AAA N   1 ? 
ATOM   1285 C CA  . GLY A 1 159 ? 2.002   -9.450  22.678  1.000 32.912 0 157 GLY AAA CA  1 ? 
ATOM   1286 C C   . GLY A 1 159 ? 2.457   -10.565 21.748  1.000 35.396 0 157 GLY AAA C   1 ? 
ATOM   1287 O O   . GLY A 1 159 ? 3.330   -11.326 22.190  1.000 41.949 0 157 GLY AAA O   1 ? 
ATOM   1288 N N   . VAL A 1 160 ? 1.992   -10.648 20.489  1.000 33.808 0 158 VAL AAA N   1 ? 
ATOM   1289 C CA  . VAL A 1 160 ? 2.147   -11.835 19.593  1.000 36.221 0 158 VAL AAA CA  1 ? 
ATOM   1290 C C   . VAL A 1 160 ? 3.011   -11.566 18.347  1.000 32.140 0 158 VAL AAA C   1 ? 
ATOM   1291 O O   . VAL A 1 160 ? 3.019   -12.410 17.425  1.000 33.591 0 158 VAL AAA O   1 ? 
ATOM   1292 C CB  . VAL A 1 160 ? 0.772   -12.395 19.187  1.000 36.575 0 158 VAL AAA CB  1 ? 
ATOM   1293 C CG1 . VAL A 1 160 ? -0.091  -12.674 20.418  1.000 39.249 0 158 VAL AAA CG1 1 ? 
ATOM   1294 C CG2 . VAL A 1 160 ? 0.059   -11.474 18.214  1.000 35.104 0 158 VAL AAA CG2 1 ? 
ATOM   1295 N N   . ILE A 1 161 ? 3.690   -10.422 18.266  1.000 30.650 0 159 ILE AAA N   1 ? 
ATOM   1296 C CA  . ILE A 1 161 ? 4.711   -10.193 17.210  1.000 27.235 0 159 ILE AAA CA  1 ? 
ATOM   1297 C C   . ILE A 1 161 ? 5.940   -9.651  17.910  1.000 25.947 0 159 ILE AAA C   1 ? 
ATOM   1298 O O   . ILE A 1 161 ? 5.811   -9.073  18.986  1.000 28.550 0 159 ILE AAA O   1 ? 
ATOM   1299 C CB  . ILE A 1 161 ? 4.288   -9.215  16.088  1.000 27.626 0 159 ILE AAA CB  1 ? 
ATOM   1300 C CG1 . ILE A 1 161 ? 3.705   -7.920  16.653  1.000 27.033 0 159 ILE AAA CG1 1 ? 
ATOM   1301 C CG2 . ILE A 1 161 ? 3.389   -9.918  15.083  1.000 29.666 0 159 ILE AAA CG2 1 ? 
ATOM   1302 C CD1 . ILE A 1 161 ? 3.527   -6.821  15.572  1.000 26.492 0 159 ILE AAA CD1 1 ? 
ATOM   1303 N N   . HIS A 1 162 ? 7.085   -9.790  17.251  1.000 25.997 0 160 HIS AAA N   1 ? 
ATOM   1304 C CA  . HIS A 1 162 ? 8.375   -9.325  17.791  1.000 27.274 0 160 HIS AAA CA  1 ? 
ATOM   1305 C C   . HIS A 1 162 ? 8.916   -8.204  16.921  1.000 24.083 0 160 HIS AAA C   1 ? 
ATOM   1306 O O   . HIS A 1 162 ? 8.753   -8.273  15.695  1.000 27.572 0 160 HIS AAA O   1 ? 
ATOM   1307 C CB  . HIS A 1 162 ? 9.412   -10.448 17.814  1.000 27.644 0 160 HIS AAA CB  1 ? 
ATOM   1308 C CG  . HIS A 1 162 ? 8.937   -11.647 18.555  1.000 30.342 0 160 HIS AAA CG  1 ? 
ATOM   1309 N ND1 . HIS A 1 162 ? 8.614   -11.600 19.895  1.000 35.002 0 160 HIS AAA ND1 1 ? 
ATOM   1310 C CD2 . HIS A 1 162 ? 8.704   -12.910 18.137  1.000 32.503 0 160 HIS AAA CD2 1 ? 
ATOM   1311 C CE1 . HIS A 1 162 ? 8.195   -12.807 20.273  1.000 31.985 0 160 HIS AAA CE1 1 ? 
ATOM   1312 N NE2 . HIS A 1 162 ? 8.284   -13.624 19.228  1.000 31.829 0 160 HIS AAA NE2 1 ? 
ATOM   1313 N N   . HIS A 1 163 ? 9.508   -7.212  17.554  1.000 25.185 0 161 HIS AAA N   1 ? 
ATOM   1314 C CA  . HIS A 1 163 ? 10.181  -6.120  16.830  1.000 25.845 0 161 HIS AAA CA  1 ? 
ATOM   1315 C C   . HIS A 1 163 ? 11.422  -6.672  16.144  1.000 26.213 0 161 HIS AAA C   1 ? 
ATOM   1316 O O   . HIS A 1 163 ? 11.980  -7.776  16.549  1.000 28.301 0 161 HIS AAA O   1 ? 
ATOM   1317 C CB  . HIS A 1 163 ? 10.478  -4.943  17.756  1.000 27.755 0 161 HIS AAA CB  1 ? 
ATOM   1318 C CG  . HIS A 1 163 ? 11.437  -5.266  18.848  1.000 30.881 0 161 HIS AAA CG  1 ? 
ATOM   1319 N ND1 . HIS A 1 163 ? 11.028  -5.904  20.020  1.000 32.676 0 161 HIS AAA ND1 1 ? 
ATOM   1320 C CD2 . HIS A 1 163 ? 12.768  -5.084  18.944  1.000 31.282 0 161 HIS AAA CD2 1 ? 
ATOM   1321 C CE1 . HIS A 1 163 ? 12.072  -6.083  20.799  1.000 32.532 0 161 HIS AAA CE1 1 ? 
ATOM   1322 N NE2 . HIS A 1 163 ? 13.147  -5.582  20.176  1.000 33.135 0 161 HIS AAA NE2 1 ? 
ATOM   1323 N N   . LYS A 1 164 ? 11.849  -5.952  15.117  1.000 23.952 0 162 LYS AAA N   1 ? 
ATOM   1324 C CA  . LYS A 1 164 ? 13.064  -6.297  14.349  1.000 28.610 0 162 LYS AAA CA  1 ? 
ATOM   1325 C C   . LYS A 1 164 ? 14.253  -5.608  15.020  1.000 26.993 0 162 LYS AAA C   1 ? 
ATOM   1326 O O   . LYS A 1 164 ? 15.330  -6.257  15.154  1.000 29.948 0 162 LYS AAA O   1 ? 
ATOM   1327 C CB  . LYS A 1 164 ? 12.863  -5.899  12.884  1.000 29.878 0 162 LYS AAA CB  1 ? 
ATOM   1328 C CG  . LYS A 1 164 ? 14.076  -6.102  11.983  1.000 34.144 0 162 LYS AAA CG  1 ? 
ATOM   1329 C CD  . LYS A 1 164 ? 14.211  -5.011  10.918  1.000 40.718 0 162 LYS AAA CD  1 ? 
ATOM   1330 C CE  . LYS A 1 164 ? 15.572  -5.003  10.255  1.000 49.451 0 162 LYS AAA CE  1 ? 
ATOM   1331 N NZ  . LYS A 1 164 ? 15.927  -6.352  9.753   1.000 52.899 0 162 LYS AAA NZ  1 ? 
ATOM   1332 N N   . GLU A 1 165 ? 14.071  -4.369  15.459  1.000 26.209 0 163 GLU AAA N   1 ? 
ATOM   1333 C CA  . GLU A 1 165 ? 15.147  -3.592  16.107  1.000 27.056 0 163 GLU AAA CA  1 ? 
ATOM   1334 C C   . GLU A 1 165 ? 14.552  -2.532  17.030  1.000 26.363 0 163 GLU AAA C   1 ? 
ATOM   1335 O O   . GLU A 1 165 ? 13.354  -2.209  16.904  1.000 25.765 0 163 GLU AAA O   1 ? 
ATOM   1336 C CB  . GLU A 1 165 ? 16.062  -2.966  15.056  1.000 32.753 0 163 GLU AAA CB  1 ? 
ATOM   1337 C CG  . GLU A 1 165 ? 15.368  -2.017  14.104  1.000 32.768 0 163 GLU AAA CG  1 ? 
ATOM   1338 C CD  . GLU A 1 165 ? 16.183  -1.768  12.840  1.000 41.738 0 163 GLU AAA CD  1 ? 
ATOM   1339 O OE1 . GLU A 1 165 ? 16.901  -0.743  12.805  1.000 38.154 0 163 GLU AAA OE1 1 ? 
ATOM   1340 O OE2 . GLU A 1 165 ? 16.148  -2.623  11.919  1.000 42.058 0 163 GLU AAA OE2 1 ? 
ATOM   1341 N N   . LYS A 1 166 ? 15.358  -2.040  17.964  1.000 25.332 0 164 LYS AAA N   1 ? 
ATOM   1342 C CA  . LYS A 1 166 ? 15.029  -0.913  18.855  1.000 25.577 0 164 LYS AAA CA  1 ? 
ATOM   1343 C C   . LYS A 1 166 ? 15.336  0.388   18.105  1.000 28.273 0 164 LYS AAA C   1 ? 
ATOM   1344 O O   . LYS A 1 166 ? 16.240  0.409   17.255  1.000 26.877 0 164 LYS AAA O   1 ? 
ATOM   1345 C CB  . LYS A 1 166 ? 15.760  -1.045  20.199  1.000 26.531 0 164 LYS AAA CB  1 ? 
ATOM   1346 N N   . CYS A 1 167 ? 14.566  1.444   18.364  1.000 32.834 0 165 CYS AAA N   1 ? 
ATOM   1347 C CA  . CYS A 1 167 ? 14.800  2.796   17.799  1.000 37.549 0 165 CYS AAA CA  1 ? 
ATOM   1348 C C   . CYS A 1 167 ? 15.809  3.592   18.630  1.000 45.917 0 165 CYS AAA C   1 ? 
ATOM   1349 O O   . CYS A 1 167 ? 16.096  3.225   19.771  1.000 51.544 0 165 CYS AAA O   1 ? 
ATOM   1350 C CB  . CYS A 1 167 ? 13.510  3.596   17.711  1.000 42.608 0 165 CYS AAA CB  1 ? 
ATOM   1351 S SG  . CYS A 1 167 ? 12.429  2.908   16.439  1.000 42.528 0 165 CYS AAA SG  1 ? 
ATOM   1352 N N   . ASN A 1 168 ? 16.174  4.741   18.071  1.000 55.046 0 166 ASN AAA N   1 ? 
ATOM   1353 C CA  . ASN A 1 168 ? 17.430  5.494   18.276  1.000 56.962 0 166 ASN AAA CA  1 ? 
ATOM   1354 C C   . ASN A 1 168 ? 17.081  6.853   18.895  1.000 58.366 0 166 ASN AAA C   1 ? 
ATOM   1355 O O   . ASN A 1 168 ? 16.003  6.998   19.507  1.000 61.359 0 166 ASN AAA O   1 ? 
ATOM   1356 C CB  . ASN A 1 168 ? 18.155  5.580   16.929  1.000 54.377 0 166 ASN AAA CB  1 ? 
ATOM   1357 C CG  . ASN A 1 168 ? 17.340  5.065   15.758  1.000 46.135 0 166 ASN AAA CG  1 ? 
HETATM 1358 C C1  . GOL B 2 .   ? 3.836   10.895  -13.649 1.000 39.454 0 201 GOL AAA C1  1 ? 
HETATM 1359 O O1  . GOL B 2 .   ? 5.129   10.670  -14.219 1.000 42.521 0 201 GOL AAA O1  1 ? 
HETATM 1360 C C2  . GOL B 2 .   ? 3.190   9.646   -13.045 1.000 41.923 0 201 GOL AAA C2  1 ? 
HETATM 1361 O O2  . GOL B 2 .   ? 3.589   9.350   -11.723 1.000 34.228 0 201 GOL AAA O2  1 ? 
HETATM 1362 C C3  . GOL B 2 .   ? 1.708   9.723   -12.859 1.000 32.501 0 201 GOL AAA C3  1 ? 
HETATM 1363 O O3  . GOL B 2 .   ? 1.069   9.971   -14.092 1.000 31.410 0 201 GOL AAA O3  1 ? 
HETATM 1364 O O   . HOH C 3 .   ? 1.938   15.563  1.264   1.000 30.001 0 301 HOH AAA O   1 ? 
HETATM 1365 O O   . HOH C 3 .   ? -0.612  -14.514 0.301   1.000 42.385 0 302 HOH AAA O   1 ? 
HETATM 1366 O O   . HOH C 3 .   ? -17.206 -5.867  3.480   1.000 63.949 0 303 HOH AAA O   1 ? 
HETATM 1367 O O   . HOH C 3 .   ? -7.349  -3.050  -19.837 1.000 33.601 0 304 HOH AAA O   1 ? 
HETATM 1368 O O   . HOH C 3 .   ? 1.721   -11.718 -4.867  1.000 31.660 0 305 HOH AAA O   1 ? 
HETATM 1369 O O   . HOH C 3 .   ? 12.148  17.541  6.032   1.000 44.655 0 306 HOH AAA O   1 ? 
HETATM 1370 O O   . HOH C 3 .   ? 2.536   19.594  1.846   1.000 36.383 0 307 HOH AAA O   1 ? 
HETATM 1371 O O   . HOH C 3 .   ? 6.178   -10.702 11.974  1.000 51.176 0 308 HOH AAA O   1 ? 
HETATM 1372 O O   . HOH C 3 .   ? 0.874   17.867  1.722   1.000 36.158 0 309 HOH AAA O   1 ? 
HETATM 1373 O O   . HOH C 3 .   ? -2.073  16.937  -6.343  1.000 25.581 0 310 HOH AAA O   1 ? 
HETATM 1374 O O   . HOH C 3 .   ? -9.410  -8.719  -12.641 1.000 28.422 0 311 HOH AAA O   1 ? 
HETATM 1375 O O   . HOH C 3 .   ? 16.841  4.942   0.431   1.000 55.406 0 312 HOH AAA O   1 ? 
HETATM 1376 O O   . HOH C 3 .   ? -9.281  -0.440  -15.962 1.000 26.369 0 313 HOH AAA O   1 ? 
HETATM 1377 O O   . HOH C 3 .   ? 10.855  2.318   7.996   1.000 35.907 0 314 HOH AAA O   1 ? 
HETATM 1378 O O   . HOH C 3 .   ? -11.368 18.770  1.148   1.000 34.842 0 315 HOH AAA O   1 ? 
HETATM 1379 O O   . HOH C 3 .   ? 8.314   11.366  -9.875  1.000 25.821 0 316 HOH AAA O   1 ? 
HETATM 1380 O O   . HOH C 3 .   ? -5.809  -13.948 10.107  1.000 31.983 0 317 HOH AAA O   1 ? 
HETATM 1381 O O   . HOH C 3 .   ? 8.805   11.175  13.084  1.000 27.477 0 318 HOH AAA O   1 ? 
HETATM 1382 O O   . HOH C 3 .   ? 13.598  10.310  6.715   1.000 37.332 0 319 HOH AAA O   1 ? 
HETATM 1383 O O   . HOH C 3 .   ? 9.566   0.323   24.163  1.000 51.327 0 320 HOH AAA O   1 ? 
HETATM 1384 O O   . HOH C 3 .   ? 6.137   -1.532  20.532  1.000 25.569 0 321 HOH AAA O   1 ? 
HETATM 1385 O O   . HOH C 3 .   ? -9.772  -3.397  13.230  1.000 30.446 0 322 HOH AAA O   1 ? 
HETATM 1386 O O   . HOH C 3 .   ? -17.244 -1.512  -0.027  1.000 28.075 0 323 HOH AAA O   1 ? 
HETATM 1387 O O   . HOH C 3 .   ? 0.953   4.763   13.722  1.000 25.798 0 324 HOH AAA O   1 ? 
HETATM 1388 O O   . HOH C 3 .   ? -13.159 1.547   -15.224 1.000 42.180 0 325 HOH AAA O   1 ? 
HETATM 1389 O O   . HOH C 3 .   ? -1.246  -9.922  -13.577 1.000 36.255 0 326 HOH AAA O   1 ? 
HETATM 1390 O O   . HOH C 3 .   ? -13.091 0.249   -8.885  1.000 28.704 0 327 HOH AAA O   1 ? 
HETATM 1391 O O   . HOH C 3 .   ? -6.161  -3.797  21.883  1.000 59.872 0 328 HOH AAA O   1 ? 
HETATM 1392 O O   . HOH C 3 .   ? 1.251   8.671   3.746   1.000 19.841 0 329 HOH AAA O   1 ? 
HETATM 1393 O O   . HOH C 3 .   ? -8.294  -2.162  10.440  1.000 25.208 0 330 HOH AAA O   1 ? 
HETATM 1394 O O   . HOH C 3 .   ? 15.056  6.549   5.101   1.000 39.900 0 331 HOH AAA O   1 ? 
HETATM 1395 O O   . HOH C 3 .   ? 5.500   5.124   -22.970 1.000 19.436 0 332 HOH AAA O   1 ? 
HETATM 1396 O O   . HOH C 3 .   ? -2.612  12.231  -5.726  1.000 18.315 0 333 HOH AAA O   1 ? 
HETATM 1397 O O   . HOH C 3 .   ? -1.253  16.980  3.239   1.000 23.169 0 334 HOH AAA O   1 ? 
HETATM 1398 O O   . HOH C 3 .   ? 0.844   -4.167  -28.985 1.000 40.323 0 335 HOH AAA O   1 ? 
HETATM 1399 O O   . HOH C 3 .   ? -1.679  7.015   -21.943 1.000 20.184 0 336 HOH AAA O   1 ? 
HETATM 1400 O O   . HOH C 3 .   ? 2.145   4.325   -8.012  1.000 18.874 0 337 HOH AAA O   1 ? 
HETATM 1401 O O   . HOH C 3 .   ? -3.485  -12.384 17.302  1.000 44.616 0 338 HOH AAA O   1 ? 
HETATM 1402 O O   . HOH C 3 .   ? 11.488  2.203   5.646   1.000 39.034 0 339 HOH AAA O   1 ? 
HETATM 1403 O O   . HOH C 3 .   ? -5.729  11.079  -14.653 1.000 23.517 0 340 HOH AAA O   1 ? 
HETATM 1404 O O   . HOH C 3 .   ? 7.026   5.068   10.148  1.000 46.796 0 341 HOH AAA O   1 ? 
HETATM 1405 O O   . HOH C 3 .   ? 2.648   -7.560  -18.309 1.000 28.183 0 342 HOH AAA O   1 ? 
HETATM 1406 O O   . HOH C 3 .   ? -7.860  -2.783  -17.087 1.000 27.590 0 343 HOH AAA O   1 ? 
HETATM 1407 O O   . HOH C 3 .   ? 8.478   5.186   2.050   1.000 18.140 0 344 HOH AAA O   1 ? 
HETATM 1408 O O   . HOH C 3 .   ? 2.466   3.318   16.697  1.000 28.099 0 345 HOH AAA O   1 ? 
HETATM 1409 O O   . HOH C 3 .   ? 5.031   9.073   -21.873 1.000 21.030 0 346 HOH AAA O   1 ? 
HETATM 1410 O O   . HOH C 3 .   ? -7.013  1.177   5.327   1.000 45.635 0 347 HOH AAA O   1 ? 
HETATM 1411 O O   . HOH C 3 .   ? 6.042   -11.655 0.630   1.000 22.645 0 348 HOH AAA O   1 ? 
HETATM 1412 O O   . HOH C 3 .   ? -5.872  -7.126  0.478   1.000 23.618 0 349 HOH AAA O   1 ? 
HETATM 1413 O O   . HOH C 3 .   ? -7.418  -5.246  15.884  1.000 35.387 0 350 HOH AAA O   1 ? 
HETATM 1414 O O   . HOH C 3 .   ? -4.171  -8.497  -6.179  1.000 22.348 0 351 HOH AAA O   1 ? 
HETATM 1415 O O   . HOH C 3 .   ? -0.940  7.515   4.867   1.000 25.160 0 352 HOH AAA O   1 ? 
HETATM 1416 O O   . HOH C 3 .   ? 19.124  -2.070  11.895  1.000 38.478 0 353 HOH AAA O   1 ? 
HETATM 1417 O O   . HOH C 3 .   ? -4.411  -6.952  14.763  1.000 25.133 0 354 HOH AAA O   1 ? 
HETATM 1418 O O   . HOH C 3 .   ? 6.644   -12.906 -2.784  1.000 31.236 0 355 HOH AAA O   1 ? 
HETATM 1419 O O   . HOH C 3 .   ? 11.341  -2.859  -9.207  1.000 23.037 0 356 HOH AAA O   1 ? 
HETATM 1420 O O   . HOH C 3 .   ? 9.403   15.585  -1.195  1.000 32.614 0 357 HOH AAA O   1 ? 
HETATM 1421 O O   . HOH C 3 .   ? -7.218  3.604   -10.393 1.000 17.522 0 358 HOH AAA O   1 ? 
HETATM 1422 O O   . HOH C 3 .   ? -9.100  8.547   2.955   1.000 25.238 0 359 HOH AAA O   1 ? 
HETATM 1423 O O   . HOH C 3 .   ? 12.102  -10.122 15.087  1.000 46.728 0 360 HOH AAA O   1 ? 
HETATM 1424 O O   . HOH C 3 .   ? 4.679   -13.496 -9.012  1.000 48.039 0 361 HOH AAA O   1 ? 
HETATM 1425 O O   . HOH C 3 .   ? -0.699  -1.134  21.494  1.000 46.463 0 362 HOH AAA O   1 ? 
HETATM 1426 O O   . HOH C 3 .   ? -8.419  -7.270  13.145  1.000 27.291 0 363 HOH AAA O   1 ? 
HETATM 1427 O O   . HOH C 3 .   ? -13.202 -1.645  0.713   1.000 21.038 0 364 HOH AAA O   1 ? 
HETATM 1428 O O   . HOH C 3 .   ? 13.231  -8.997  18.709  1.000 44.979 0 365 HOH AAA O   1 ? 
HETATM 1429 O O   . HOH C 3 .   ? 4.931   2.547   -24.011 1.000 20.725 0 366 HOH AAA O   1 ? 
HETATM 1430 O O   . HOH C 3 .   ? -9.496  -12.320 -1.338  1.000 45.191 0 367 HOH AAA O   1 ? 
HETATM 1431 O O   . HOH C 3 .   ? -9.111  13.959  -8.160  1.000 40.614 0 368 HOH AAA O   1 ? 
HETATM 1432 O O   . HOH C 3 .   ? -9.842  -2.618  8.228   1.000 28.970 0 369 HOH AAA O   1 ? 
HETATM 1433 O O   . HOH C 3 .   ? 4.961   -11.357 5.390   1.000 25.234 0 370 HOH AAA O   1 ? 
HETATM 1434 O O   . HOH C 3 .   ? 4.087   -10.633 -5.732  1.000 24.244 0 371 HOH AAA O   1 ? 
HETATM 1435 O O   . HOH C 3 .   ? -8.071  5.777   3.581   1.000 33.195 0 372 HOH AAA O   1 ? 
HETATM 1436 O O   . HOH C 3 .   ? -6.538  -6.137  -20.757 1.000 40.129 0 373 HOH AAA O   1 ? 
HETATM 1437 O O   . HOH C 3 .   ? 1.067   11.892  -16.140 1.000 41.516 0 374 HOH AAA O   1 ? 
HETATM 1438 O O   . HOH C 3 .   ? 0.770   19.162  -3.921  1.000 37.348 0 375 HOH AAA O   1 ? 
HETATM 1439 O O   . HOH C 3 .   ? -12.878 11.411  -9.378  1.000 38.424 0 376 HOH AAA O   1 ? 
HETATM 1440 O O   . HOH C 3 .   ? -4.889  -6.221  -18.618 1.000 23.688 0 377 HOH AAA O   1 ? 
HETATM 1441 O O   . HOH C 3 .   ? -13.797 18.710  2.663   1.000 47.026 0 378 HOH AAA O   1 ? 
HETATM 1442 O O   . HOH C 3 .   ? 4.459   11.744  2.379   1.000 20.132 0 379 HOH AAA O   1 ? 
HETATM 1443 O O   . HOH C 3 .   ? 9.563   -9.905  7.829   1.000 47.695 0 380 HOH AAA O   1 ? 
HETATM 1444 O O   . HOH C 3 .   ? 9.215   -7.277  13.085  1.000 28.699 0 381 HOH AAA O   1 ? 
HETATM 1445 O O   . HOH C 3 .   ? 4.846   -15.645 -0.364  1.000 34.644 0 382 HOH AAA O   1 ? 
HETATM 1446 O O   . HOH C 3 .   ? -12.273 10.980  -3.913  1.000 42.640 0 383 HOH AAA O   1 ? 
HETATM 1447 O O   . HOH C 3 .   ? -16.043 -1.482  7.060   1.000 42.049 0 384 HOH AAA O   1 ? 
HETATM 1448 O O   . HOH C 3 .   ? -10.622 14.426  -1.719  1.000 35.136 0 385 HOH AAA O   1 ? 
HETATM 1449 O O   . HOH C 3 .   ? 1.066   3.291   9.323   1.000 27.657 0 386 HOH AAA O   1 ? 
HETATM 1450 O O   . HOH C 3 .   ? -2.905  19.596  2.495   1.000 49.165 0 387 HOH AAA O   1 ? 
HETATM 1451 O O   . HOH C 3 .   ? 11.458  -10.361 -13.415 1.000 32.311 0 388 HOH AAA O   1 ? 
HETATM 1452 O O   . HOH C 3 .   ? -2.565  -2.020  -26.044 1.000 38.141 0 389 HOH AAA O   1 ? 
HETATM 1453 O O   . HOH C 3 .   ? -10.220 6.092   -18.087 1.000 43.708 0 390 HOH AAA O   1 ? 
HETATM 1454 O O   . HOH C 3 .   ? -6.330  -9.748  -6.799  1.000 39.582 0 391 HOH AAA O   1 ? 
HETATM 1455 O O   . HOH C 3 .   ? -9.909  -4.386  -4.784  1.000 26.886 0 392 HOH AAA O   1 ? 
HETATM 1456 O O   . HOH C 3 .   ? 14.846  15.777  4.536   1.000 44.665 0 393 HOH AAA O   1 ? 
HETATM 1457 O O   . HOH C 3 .   ? -15.791 5.937   0.008   1.000 33.959 0 394 HOH AAA O   1 ? 
HETATM 1458 O O   . HOH C 3 .   ? 1.066   -6.706  -21.778 1.000 27.900 0 395 HOH AAA O   1 ? 
HETATM 1459 O O   . HOH C 3 .   ? -10.028 -5.119  1.622   1.000 26.655 0 396 HOH AAA O   1 ? 
HETATM 1460 O O   . HOH C 3 .   ? 4.839   5.293   19.690  1.000 24.662 0 397 HOH AAA O   1 ? 
HETATM 1461 O O   . HOH C 3 .   ? -6.015  5.771   -20.788 1.000 25.277 0 398 HOH AAA O   1 ? 
HETATM 1462 O O   . HOH C 3 .   ? 3.088   12.168  -0.081  1.000 19.909 0 399 HOH AAA O   1 ? 
HETATM 1463 O O   . HOH C 3 .   ? -5.005  -4.039  -0.814  1.000 22.593 0 400 HOH AAA O   1 ? 
HETATM 1464 O O   . HOH C 3 .   ? -12.757 10.534  0.137   1.000 33.198 0 401 HOH AAA O   1 ? 
HETATM 1465 O O   . HOH C 3 .   ? 12.195  -6.016  -12.508 1.000 47.574 0 402 HOH AAA O   1 ? 
HETATM 1466 O O   . HOH C 3 .   ? 0.912   10.295  -18.118 1.000 33.599 0 403 HOH AAA O   1 ? 
HETATM 1467 O O   . HOH C 3 .   ? 7.123   15.686  3.113   1.000 23.861 0 404 HOH AAA O   1 ? 
HETATM 1468 O O   . HOH C 3 .   ? 18.099  -2.995  17.836  1.000 24.434 0 405 HOH AAA O   1 ? 
HETATM 1469 O O   . HOH C 3 .   ? -8.629  5.153   -8.619  1.000 19.391 0 406 HOH AAA O   1 ? 
HETATM 1470 O O   . HOH C 3 .   ? -1.234  -15.467 -19.391 1.000 42.918 0 407 HOH AAA O   1 ? 
HETATM 1471 O O   . HOH C 3 .   ? -6.742  -10.899 -12.323 1.000 30.508 0 408 HOH AAA O   1 ? 
HETATM 1472 O O   . HOH C 3 .   ? -9.124  12.639  -5.552  1.000 50.884 0 409 HOH AAA O   1 ? 
HETATM 1473 O O   . HOH C 3 .   ? -12.809 6.090   -15.190 1.000 49.619 0 410 HOH AAA O   1 ? 
HETATM 1474 O O   . HOH C 3 .   ? 7.816   5.570   18.960  1.000 31.788 0 411 HOH AAA O   1 ? 
HETATM 1475 O O   . HOH C 3 .   ? -3.496  11.622  -23.837 1.000 47.069 0 412 HOH AAA O   1 ? 
HETATM 1476 O O   . HOH C 3 .   ? -7.712  -9.205  15.146  1.000 32.493 0 413 HOH AAA O   1 ? 
HETATM 1477 O O   . HOH C 3 .   ? 11.892  7.777   8.014   1.000 28.217 0 414 HOH AAA O   1 ? 
HETATM 1478 O O   . HOH C 3 .   ? 7.748   0.981   -17.827 1.000 18.809 0 415 HOH AAA O   1 ? 
HETATM 1479 O O   . HOH C 3 .   ? -11.503 9.362   3.866   1.000 34.032 0 416 HOH AAA O   1 ? 
HETATM 1480 O O   . HOH C 3 .   ? -7.585  -17.907 -0.719  1.000 50.726 0 417 HOH AAA O   1 ? 
HETATM 1481 O O   . HOH C 3 .   ? -14.655 2.746   -11.437 1.000 32.604 0 418 HOH AAA O   1 ? 
HETATM 1482 O O   . HOH C 3 .   ? -5.411  -8.804  16.154  1.000 33.988 0 419 HOH AAA O   1 ? 
HETATM 1483 O O   . HOH C 3 .   ? -2.461  -10.112 -4.548  1.000 25.336 0 420 HOH AAA O   1 ? 
HETATM 1484 O O   . HOH C 3 .   ? -8.492  -5.859  -18.565 1.000 44.175 0 421 HOH AAA O   1 ? 
HETATM 1485 O O   . HOH C 3 .   ? -1.650  21.943  6.610   1.000 30.166 0 422 HOH AAA O   1 ? 
HETATM 1486 O O   . HOH C 3 .   ? 4.512   9.684   -18.499 1.000 26.157 0 423 HOH AAA O   1 ? 
HETATM 1487 O O   . HOH C 3 .   ? -20.386 1.837   5.148   1.000 50.895 0 424 HOH AAA O   1 ? 
HETATM 1488 O O   . HOH C 3 .   ? 7.719   -13.126 -11.913 1.000 25.073 0 425 HOH AAA O   1 ? 
HETATM 1489 O O   . HOH C 3 .   ? 5.925   -13.645 15.277  1.000 41.928 0 426 HOH AAA O   1 ? 
HETATM 1490 O O   . HOH C 3 .   ? -18.028 0.980   6.994   1.000 37.655 0 427 HOH AAA O   1 ? 
HETATM 1491 O O   . HOH C 3 .   ? -11.221 -2.575  -6.247  1.000 25.154 0 428 HOH AAA O   1 ? 
HETATM 1492 O O   . HOH C 3 .   ? 5.012   6.215   22.242  1.000 34.217 0 429 HOH AAA O   1 ? 
HETATM 1493 O O   . HOH C 3 .   ? -7.615  2.215   9.624   1.000 34.357 0 430 HOH AAA O   1 ? 
HETATM 1494 O O   . HOH C 3 .   ? -19.198 3.333   8.394   1.000 32.446 0 431 HOH AAA O   1 ? 
HETATM 1495 O O   . HOH C 3 .   ? 14.213  9.370   13.056  1.000 49.033 0 432 HOH AAA O   1 ? 
HETATM 1496 O O   . HOH C 3 .   ? -11.023 -6.800  -4.141  1.000 46.164 0 433 HOH AAA O   1 ? 
HETATM 1497 O O   . HOH C 3 .   ? -1.451  -2.657  -29.221 1.000 52.833 0 434 HOH AAA O   1 ? 
HETATM 1498 O O   . HOH C 3 .   ? 7.963   -11.363 -20.490 1.000 59.326 0 435 HOH AAA O   1 ? 
HETATM 1499 O O   . HOH C 3 .   ? 4.706   18.361  3.178   1.000 33.855 0 436 HOH AAA O   1 ? 
HETATM 1500 O O   . HOH C 3 .   ? -4.795  -3.100  28.689  1.000 51.200 0 437 HOH AAA O   1 ? 
HETATM 1501 O O   . HOH C 3 .   ? 14.302  8.931   -2.341  1.000 50.903 0 438 HOH AAA O   1 ? 
HETATM 1502 O O   . HOH C 3 .   ? 1.141   -9.926  -18.165 1.000 42.900 0 439 HOH AAA O   1 ? 
HETATM 1503 O O   . HOH C 3 .   ? 17.884  -5.641  17.165  1.000 37.099 0 440 HOH AAA O   1 ? 
HETATM 1504 O O   . HOH C 3 .   ? -12.468 -2.557  8.747   1.000 37.226 0 441 HOH AAA O   1 ? 
HETATM 1505 O O   . HOH C 3 .   ? 6.121   -1.687  23.127  1.000 35.615 0 442 HOH AAA O   1 ? 
HETATM 1506 O O   . HOH C 3 .   ? 2.480   5.174   7.176   1.000 36.612 0 443 HOH AAA O   1 ? 
HETATM 1507 O O   . HOH C 3 .   ? 3.706   -5.074  -21.111 1.000 34.822 0 444 HOH AAA O   1 ? 
HETATM 1508 O O   . HOH C 3 .   ? -8.279  -22.520 5.449   1.000 41.804 0 445 HOH AAA O   1 ? 
HETATM 1509 O O   . HOH C 3 .   ? 7.994   17.673  -9.220  1.000 30.091 0 446 HOH AAA O   1 ? 
HETATM 1510 O O   . HOH C 3 .   ? 12.047  -4.617  0.195   1.000 34.929 0 447 HOH AAA O   1 ? 
HETATM 1511 O O   . HOH C 3 .   ? -1.192  1.414   21.060  1.000 32.970 0 448 HOH AAA O   1 ? 
HETATM 1512 O O   . HOH C 3 .   ? 4.773   -4.567  -24.035 1.000 43.207 0 449 HOH AAA O   1 ? 
HETATM 1513 O O   . HOH C 3 .   ? -15.350 -3.423  0.476   1.000 32.137 0 450 HOH AAA O   1 ? 
HETATM 1514 O O   . HOH C 3 .   ? 0.969   -1.746  23.315  1.000 53.311 0 451 HOH AAA O   1 ? 
HETATM 1515 O O   . HOH C 3 .   ? 11.409  -8.848  11.628  1.000 50.814 0 452 HOH AAA O   1 ? 
HETATM 1516 O O   . HOH C 3 .   ? -8.198  14.216  -3.151  1.000 46.577 0 453 HOH AAA O   1 ? 
HETATM 1517 O O   . HOH C 3 .   ? -7.520  -4.661  -0.460  1.000 41.519 0 454 HOH AAA O   1 ? 
HETATM 1518 O O   . HOH C 3 .   ? -5.217  -2.067  -25.477 1.000 43.394 0 455 HOH AAA O   1 ? 
HETATM 1519 O O   . HOH C 3 .   ? -2.718  -0.709  28.572  1.000 52.497 0 456 HOH AAA O   1 ? 
HETATM 1520 O O   . HOH C 3 .   ? 6.423   0.300   -27.925 1.000 50.503 0 457 HOH AAA O   1 ? 
HETATM 1521 O O   . HOH C 3 .   ? 8.406   -12.171 -9.473  1.000 29.207 0 458 HOH AAA O   1 ? 
HETATM 1522 O O   . HOH C 3 .   ? 14.015  6.072   7.792   1.000 46.241 0 459 HOH AAA O   1 ? 
HETATM 1523 O O   . HOH C 3 .   ? -10.872 -3.006  0.015   1.000 28.977 0 460 HOH AAA O   1 ? 
HETATM 1524 O O   . HOH C 3 .   ? 8.741   13.634  -9.181  1.000 34.572 0 461 HOH AAA O   1 ? 
HETATM 1525 O O   . HOH C 3 .   ? 6.250   -12.309 -5.196  1.000 33.147 0 462 HOH AAA O   1 ? 
HETATM 1526 O O   . HOH C 3 .   ? 15.457  9.066   4.885   1.000 47.947 0 463 HOH AAA O   1 ? 
HETATM 1527 O O   . HOH C 3 .   ? 13.000  -9.869  -9.156  1.000 30.234 0 464 HOH AAA O   1 ? 
HETATM 1528 O O   . HOH C 3 .   ? -9.598  -9.888  -10.262 1.000 41.334 0 465 HOH AAA O   1 ? 
HETATM 1529 O O   . HOH C 3 .   ? -9.938  -7.196  15.416  1.000 56.085 0 466 HOH AAA O   1 ? 
HETATM 1530 O O   . HOH C 3 .   ? -1.336  -10.452 -16.400 1.000 40.096 0 467 HOH AAA O   1 ? 
HETATM 1531 O O   . HOH C 3 .   ? -15.297 0.463   -10.302 1.000 36.068 0 468 HOH AAA O   1 ? 
HETATM 1532 O O   . HOH C 3 .   ? -13.190 7.216   3.546   1.000 47.539 0 469 HOH AAA O   1 ? 
HETATM 1533 O O   . HOH C 3 .   ? -10.490 -10.704 -14.266 1.000 32.466 0 470 HOH AAA O   1 ? 
HETATM 1534 O O   . HOH C 3 .   ? -16.228 -0.904  -12.721 1.000 45.830 0 471 HOH AAA O   1 ? 
# 
